data_3NO1
#
_entry.id   3NO1
#
_cell.length_a   84.961
_cell.length_b   90.103
_cell.length_c   94.660
_cell.angle_alpha   115.80
_cell.angle_beta   109.75
_cell.angle_gamma   97.58
#
_symmetry.space_group_name_H-M   'P 1'
#
loop_
_entity.id
_entity.type
_entity.pdbx_description
1 polymer 'Mandelate racemase/muconate lactonizing enzyme'
2 non-polymer 'MAGNESIUM ION'
3 water water
#
_entity_poly.entity_id   1
_entity_poly.type   'polypeptide(L)'
_entity_poly.pdbx_seq_one_letter_code
;(MSE)SLHDQRVHAERDPLDPQAHGLTITRIETIP(MSE)VAPLAREFRGSHYH(MSE)THRATIVTRVHTDAGIIGEAY
TGDEHET(MSE)FDIDRIIHEELAPTLIGQDA(MSE)AIERLWDSGYKVTFDILRDRRLGLVALAAVNTAIWDAVGKALK
(MSE)PLWKLWGGYRNELP(MSE)IAIGGYYGEPLGSIADE(MSE)HNYQELGLAGVKFKVGGLSAAEDAARITAAREAA
GDDFIICIDANQGYKPAVAVDLSRRIADLNIRWFEEPVEWHNDKRS(MSE)RDVRYQGSVPVCAGQTEFSASGCRDL
(MSE)ETGAIDVCNFDSSWSGGPTAWLRTAAIATSYDVQ(MSE)GHHEEPQVSTHLLASQPHGTIAECFHPDRDPFWWN
(MSE)ITNRPKLNNGTLTLSDRPGLGWDLNWDYIDQYRVSKDEGHHHHHH
;
_entity_poly.pdbx_strand_id   A,B,C,D,E,F
#
loop_
_chem_comp.id
_chem_comp.type
_chem_comp.name
_chem_comp.formula
MG non-polymer 'MAGNESIUM ION' 'Mg 2'
#
# COMPACT_ATOMS: atom_id res chain seq x y z
N LEU A 22 -45.00 -3.52 -3.70
CA LEU A 22 -45.66 -4.69 -4.34
C LEU A 22 -45.18 -5.99 -3.70
N THR A 23 -46.14 -6.76 -3.20
CA THR A 23 -45.84 -8.01 -2.52
C THR A 23 -45.51 -9.18 -3.45
N ILE A 24 -44.50 -9.95 -3.06
CA ILE A 24 -44.07 -11.12 -3.81
C ILE A 24 -44.95 -12.31 -3.41
N THR A 25 -45.52 -12.97 -4.40
CA THR A 25 -46.42 -14.10 -4.17
C THR A 25 -45.89 -15.48 -4.55
N ARG A 26 -44.88 -15.51 -5.40
CA ARG A 26 -44.35 -16.80 -5.83
C ARG A 26 -43.03 -16.68 -6.57
N ILE A 27 -42.14 -17.64 -6.33
CA ILE A 27 -40.86 -17.70 -7.00
C ILE A 27 -40.94 -18.92 -7.90
N GLU A 28 -40.89 -18.70 -9.21
CA GLU A 28 -40.96 -19.80 -10.16
C GLU A 28 -39.66 -19.84 -10.95
N THR A 29 -39.09 -21.03 -11.13
CA THR A 29 -37.88 -21.18 -11.90
C THR A 29 -38.11 -22.26 -12.95
N ILE A 30 -37.47 -22.11 -14.10
CA ILE A 30 -37.60 -23.07 -15.19
C ILE A 30 -36.22 -23.40 -15.73
N PRO A 31 -35.61 -24.47 -15.25
CA PRO A 31 -34.28 -24.81 -15.76
C PRO A 31 -34.38 -25.32 -17.18
N MSE A 32 -33.35 -25.08 -17.98
CA MSE A 32 -33.39 -25.56 -19.35
C MSE A 32 -32.02 -25.87 -19.92
O MSE A 32 -31.00 -25.32 -19.50
CB MSE A 32 -34.16 -24.59 -20.24
CG MSE A 32 -33.85 -23.14 -20.03
SE MSE A 32 -35.20 -22.10 -20.96
CE MSE A 32 -34.80 -22.66 -22.77
N VAL A 33 -32.03 -26.79 -20.88
CA VAL A 33 -30.83 -27.24 -21.55
C VAL A 33 -31.07 -27.22 -23.05
N ALA A 34 -30.14 -26.65 -23.80
CA ALA A 34 -30.27 -26.57 -25.24
C ALA A 34 -28.96 -26.91 -25.92
N PRO A 35 -29.03 -27.61 -27.07
CA PRO A 35 -27.87 -28.02 -27.84
C PRO A 35 -27.18 -26.89 -28.60
N LEU A 36 -25.87 -26.99 -28.72
CA LEU A 36 -25.10 -25.98 -29.46
C LEU A 36 -25.05 -26.43 -30.91
N ALA A 37 -24.33 -25.68 -31.74
CA ALA A 37 -24.19 -26.01 -33.15
C ALA A 37 -25.56 -26.20 -33.81
N HIS A 49 -23.35 -28.38 -24.94
CA HIS A 49 -24.63 -27.83 -24.48
C HIS A 49 -24.52 -26.53 -23.70
N ARG A 50 -25.68 -25.90 -23.50
CA ARG A 50 -25.77 -24.64 -22.78
C ARG A 50 -27.03 -24.68 -21.92
N ALA A 51 -26.89 -24.28 -20.66
CA ALA A 51 -28.03 -24.29 -19.75
C ALA A 51 -28.23 -22.93 -19.07
N THR A 52 -29.47 -22.70 -18.62
CA THR A 52 -29.81 -21.47 -17.93
C THR A 52 -31.12 -21.65 -17.20
N ILE A 53 -31.34 -20.83 -16.16
CA ILE A 53 -32.56 -20.91 -15.39
C ILE A 53 -33.39 -19.65 -15.58
N VAL A 54 -34.64 -19.83 -16.00
CA VAL A 54 -35.54 -18.69 -16.16
C VAL A 54 -36.14 -18.53 -14.76
N THR A 55 -36.08 -17.32 -14.21
CA THR A 55 -36.61 -17.05 -12.87
C THR A 55 -37.76 -16.06 -12.99
N ARG A 56 -38.87 -16.37 -12.34
CA ARG A 56 -40.05 -15.51 -12.41
C ARG A 56 -40.54 -15.15 -11.01
N VAL A 57 -40.64 -13.86 -10.73
CA VAL A 57 -41.09 -13.40 -9.43
C VAL A 57 -42.48 -12.80 -9.55
N HIS A 58 -43.48 -13.56 -9.11
CA HIS A 58 -44.88 -13.13 -9.16
C HIS A 58 -45.21 -12.17 -8.00
N THR A 59 -45.98 -11.15 -8.31
CA THR A 59 -46.38 -10.15 -7.32
C THR A 59 -47.90 -10.09 -7.20
N ASP A 60 -48.40 -9.55 -6.09
CA ASP A 60 -49.84 -9.47 -5.86
C ASP A 60 -50.55 -8.54 -6.86
N ALA A 61 -49.78 -7.67 -7.49
CA ALA A 61 -50.35 -6.79 -8.51
C ALA A 61 -50.28 -7.65 -9.76
N GLY A 62 -50.58 -7.10 -10.93
CA GLY A 62 -50.51 -7.94 -12.12
C GLY A 62 -49.14 -8.00 -12.76
N ILE A 63 -48.08 -8.02 -11.96
CA ILE A 63 -46.72 -8.04 -12.51
C ILE A 63 -45.86 -9.24 -12.15
N ILE A 64 -45.17 -9.77 -13.16
CA ILE A 64 -44.27 -10.89 -12.95
C ILE A 64 -42.87 -10.53 -13.43
N GLY A 65 -41.94 -10.41 -12.49
CA GLY A 65 -40.57 -10.09 -12.86
C GLY A 65 -39.95 -11.35 -13.43
N GLU A 66 -39.20 -11.24 -14.52
CA GLU A 66 -38.61 -12.44 -15.09
C GLU A 66 -37.33 -12.15 -15.84
N ALA A 67 -36.45 -13.14 -15.84
CA ALA A 67 -35.17 -13.04 -16.53
C ALA A 67 -34.48 -14.39 -16.45
N TYR A 68 -33.57 -14.64 -17.37
CA TYR A 68 -32.81 -15.88 -17.32
C TYR A 68 -31.38 -15.43 -17.06
N THR A 69 -30.63 -16.22 -16.32
CA THR A 69 -29.27 -15.83 -15.99
C THR A 69 -28.32 -16.99 -15.82
N GLY A 70 -27.03 -16.70 -15.90
CA GLY A 70 -26.02 -17.72 -15.73
C GLY A 70 -26.00 -18.70 -16.88
N ASP A 71 -25.10 -19.66 -16.79
CA ASP A 71 -24.94 -20.68 -17.81
C ASP A 71 -24.46 -21.93 -17.12
N GLU A 72 -24.72 -22.02 -15.82
CA GLU A 72 -24.34 -23.18 -15.03
C GLU A 72 -25.04 -24.39 -15.63
N HIS A 73 -24.39 -25.53 -15.62
CA HIS A 73 -25.00 -26.74 -16.17
C HIS A 73 -24.95 -27.89 -15.18
N GLU A 74 -23.74 -28.20 -14.71
CA GLU A 74 -23.53 -29.29 -13.76
C GLU A 74 -24.09 -28.98 -12.38
N THR A 75 -24.18 -27.69 -12.07
CA THR A 75 -24.66 -27.22 -10.79
C THR A 75 -26.01 -26.53 -10.88
N MSE A 76 -26.62 -26.58 -12.05
CA MSE A 76 -27.90 -25.93 -12.28
C MSE A 76 -28.99 -26.33 -11.27
O MSE A 76 -29.69 -25.48 -10.73
CB MSE A 76 -28.38 -26.23 -13.69
CG MSE A 76 -29.81 -25.84 -13.95
SE MSE A 76 -30.22 -25.90 -15.83
CE MSE A 76 -31.10 -24.26 -15.93
N PHE A 77 -29.12 -27.63 -11.02
CA PHE A 77 -30.15 -28.09 -10.10
C PHE A 77 -29.82 -27.78 -8.66
N ASP A 78 -28.54 -27.56 -8.34
CA ASP A 78 -28.15 -27.22 -6.98
C ASP A 78 -28.49 -25.75 -6.73
N ILE A 79 -28.32 -24.94 -7.76
CA ILE A 79 -28.64 -23.52 -7.66
C ILE A 79 -30.15 -23.38 -7.58
N ASP A 80 -30.86 -24.18 -8.37
CA ASP A 80 -32.32 -24.13 -8.36
C ASP A 80 -32.83 -24.43 -6.94
N ARG A 81 -32.20 -25.38 -6.28
CA ARG A 81 -32.55 -25.76 -4.92
C ARG A 81 -32.29 -24.63 -3.92
N ILE A 82 -31.19 -23.90 -4.12
CA ILE A 82 -30.85 -22.80 -3.21
C ILE A 82 -31.89 -21.70 -3.33
N ILE A 83 -32.30 -21.40 -4.56
CA ILE A 83 -33.31 -20.39 -4.83
C ILE A 83 -34.62 -20.68 -4.09
N HIS A 84 -35.10 -21.92 -4.19
CA HIS A 84 -36.37 -22.30 -3.55
C HIS A 84 -36.31 -22.60 -2.07
N GLU A 85 -35.26 -23.30 -1.64
CA GLU A 85 -35.11 -23.68 -0.24
C GLU A 85 -34.45 -22.63 0.65
N GLU A 86 -33.64 -21.74 0.07
CA GLU A 86 -32.98 -20.74 0.89
C GLU A 86 -33.41 -19.30 0.63
N LEU A 87 -33.56 -18.92 -0.62
CA LEU A 87 -33.94 -17.55 -0.96
C LEU A 87 -35.45 -17.23 -0.93
N ALA A 88 -36.29 -18.13 -1.43
CA ALA A 88 -37.73 -17.91 -1.45
C ALA A 88 -38.32 -17.55 -0.08
N PRO A 89 -37.89 -18.23 0.99
CA PRO A 89 -38.44 -17.90 2.31
C PRO A 89 -38.20 -16.46 2.73
N THR A 90 -37.20 -15.81 2.14
CA THR A 90 -36.89 -14.42 2.50
C THR A 90 -37.60 -13.45 1.56
N LEU A 91 -38.28 -13.99 0.56
CA LEU A 91 -38.97 -13.15 -0.42
C LEU A 91 -40.50 -13.24 -0.40
N ILE A 92 -41.05 -14.44 -0.17
CA ILE A 92 -42.51 -14.61 -0.18
C ILE A 92 -43.19 -13.70 0.85
N GLY A 93 -44.15 -12.92 0.37
CA GLY A 93 -44.87 -12.00 1.25
C GLY A 93 -44.14 -10.70 1.49
N GLN A 94 -42.94 -10.57 0.96
CA GLN A 94 -42.14 -9.36 1.14
C GLN A 94 -42.39 -8.32 0.04
N ASP A 95 -42.00 -7.09 0.31
CA ASP A 95 -42.15 -5.98 -0.63
C ASP A 95 -40.96 -5.95 -1.59
N ALA A 96 -41.22 -6.27 -2.86
CA ALA A 96 -40.16 -6.28 -3.87
C ALA A 96 -39.51 -4.91 -4.08
N MSE A 97 -40.17 -3.84 -3.64
CA MSE A 97 -39.64 -2.49 -3.80
C MSE A 97 -38.49 -2.16 -2.83
O MSE A 97 -37.79 -1.17 -3.00
CB MSE A 97 -40.74 -1.45 -3.61
CG MSE A 97 -41.89 -1.52 -4.59
SE MSE A 97 -41.33 -1.28 -6.43
CE MSE A 97 -41.73 0.57 -6.66
N ALA A 98 -38.33 -2.99 -1.80
CA ALA A 98 -37.29 -2.79 -0.80
C ALA A 98 -36.07 -3.64 -1.18
N ILE A 99 -35.51 -3.37 -2.36
CA ILE A 99 -34.38 -4.14 -2.85
C ILE A 99 -33.19 -4.29 -1.93
N GLU A 100 -32.77 -3.21 -1.26
CA GLU A 100 -31.63 -3.31 -0.36
C GLU A 100 -31.95 -4.25 0.81
N ARG A 101 -33.19 -4.19 1.29
CA ARG A 101 -33.60 -5.04 2.41
C ARG A 101 -33.59 -6.51 2.01
N LEU A 102 -34.17 -6.83 0.85
CA LEU A 102 -34.21 -8.22 0.40
C LEU A 102 -32.83 -8.79 0.07
N TRP A 103 -32.05 -8.03 -0.68
CA TRP A 103 -30.72 -8.48 -1.04
C TRP A 103 -29.92 -8.75 0.25
N ASP A 104 -30.03 -7.85 1.23
CA ASP A 104 -29.30 -8.04 2.48
C ASP A 104 -29.63 -9.37 3.14
N SER A 105 -30.91 -9.70 3.25
CA SER A 105 -31.30 -10.96 3.87
C SER A 105 -30.89 -12.15 3.01
N GLY A 106 -30.99 -11.99 1.68
CA GLY A 106 -30.62 -13.08 0.80
C GLY A 106 -29.13 -13.36 0.72
N TYR A 107 -28.32 -12.34 1.02
CA TYR A 107 -26.86 -12.45 0.96
C TYR A 107 -26.33 -13.64 1.77
N LYS A 108 -27.03 -13.96 2.86
CA LYS A 108 -26.64 -15.06 3.73
C LYS A 108 -26.40 -16.38 3.01
N VAL A 109 -26.96 -16.56 1.81
CA VAL A 109 -26.72 -17.80 1.08
C VAL A 109 -25.28 -17.89 0.57
N THR A 110 -24.53 -16.79 0.66
CA THR A 110 -23.13 -16.81 0.21
C THR A 110 -22.22 -17.25 1.34
N PHE A 111 -22.77 -17.31 2.55
CA PHE A 111 -22.02 -17.69 3.74
C PHE A 111 -21.68 -19.18 3.88
N ASP A 112 -22.42 -20.05 3.21
CA ASP A 112 -22.16 -21.48 3.32
C ASP A 112 -20.71 -21.85 3.06
N ILE A 113 -20.04 -22.28 4.12
CA ILE A 113 -18.62 -22.63 4.09
C ILE A 113 -18.28 -23.93 3.36
N LEU A 114 -19.24 -24.85 3.29
CA LEU A 114 -19.02 -26.17 2.69
C LEU A 114 -19.37 -26.34 1.21
N ARG A 115 -19.57 -25.25 0.48
CA ARG A 115 -19.89 -25.38 -0.94
C ARG A 115 -19.28 -24.24 -1.75
N ASP A 116 -19.22 -24.42 -3.06
CA ASP A 116 -18.68 -23.39 -3.92
C ASP A 116 -19.48 -22.12 -3.67
N ARG A 117 -18.80 -21.03 -3.39
CA ARG A 117 -19.49 -19.78 -3.11
C ARG A 117 -20.28 -19.26 -4.32
N ARG A 118 -19.89 -19.66 -5.52
CA ARG A 118 -20.59 -19.24 -6.73
C ARG A 118 -22.03 -19.74 -6.76
N LEU A 119 -22.29 -20.87 -6.11
CA LEU A 119 -23.64 -21.43 -6.09
C LEU A 119 -24.62 -20.41 -5.51
N GLY A 120 -24.32 -19.94 -4.31
CA GLY A 120 -25.17 -18.95 -3.68
C GLY A 120 -25.20 -17.64 -4.44
N LEU A 121 -24.05 -17.21 -4.96
CA LEU A 121 -23.97 -15.97 -5.71
C LEU A 121 -24.84 -15.99 -6.97
N VAL A 122 -24.87 -17.14 -7.65
CA VAL A 122 -25.69 -17.28 -8.86
C VAL A 122 -27.18 -17.28 -8.50
N ALA A 123 -27.53 -17.94 -7.41
CA ALA A 123 -28.91 -18.03 -6.95
C ALA A 123 -29.40 -16.63 -6.61
N LEU A 124 -28.58 -15.90 -5.86
CA LEU A 124 -28.90 -14.54 -5.46
C LEU A 124 -29.06 -13.64 -6.69
N ALA A 125 -28.18 -13.81 -7.67
CA ALA A 125 -28.26 -13.03 -8.90
C ALA A 125 -29.56 -13.31 -9.65
N ALA A 126 -29.97 -14.57 -9.65
CA ALA A 126 -31.20 -14.97 -10.33
C ALA A 126 -32.41 -14.22 -9.78
N VAL A 127 -32.59 -14.24 -8.46
CA VAL A 127 -33.73 -13.57 -7.85
C VAL A 127 -33.62 -12.06 -7.95
N ASN A 128 -32.42 -11.52 -7.72
CA ASN A 128 -32.22 -10.07 -7.77
C ASN A 128 -32.53 -9.51 -9.15
N THR A 129 -32.14 -10.23 -10.19
CA THR A 129 -32.39 -9.77 -11.54
C THR A 129 -33.89 -9.78 -11.83
N ALA A 130 -34.57 -10.84 -11.43
CA ALA A 130 -36.01 -10.94 -11.67
C ALA A 130 -36.76 -9.86 -10.90
N ILE A 131 -36.31 -9.60 -9.68
CA ILE A 131 -36.94 -8.57 -8.86
C ILE A 131 -36.81 -7.19 -9.52
N TRP A 132 -35.61 -6.88 -10.03
CA TRP A 132 -35.41 -5.60 -10.68
C TRP A 132 -36.32 -5.46 -11.89
N ASP A 133 -36.55 -6.56 -12.59
CA ASP A 133 -37.41 -6.53 -13.76
C ASP A 133 -38.82 -6.17 -13.28
N ALA A 134 -39.20 -6.72 -12.12
CA ALA A 134 -40.52 -6.46 -11.55
C ALA A 134 -40.66 -5.00 -11.13
N VAL A 135 -39.61 -4.48 -10.49
CA VAL A 135 -39.63 -3.09 -10.04
C VAL A 135 -39.72 -2.15 -11.23
N GLY A 136 -38.93 -2.44 -12.26
CA GLY A 136 -38.98 -1.59 -13.45
C GLY A 136 -40.38 -1.53 -14.04
N LYS A 137 -41.05 -2.67 -14.09
CA LYS A 137 -42.41 -2.73 -14.63
C LYS A 137 -43.38 -1.96 -13.74
N ALA A 138 -43.30 -2.19 -12.43
CA ALA A 138 -44.16 -1.48 -11.49
C ALA A 138 -44.05 0.03 -11.68
N LEU A 139 -42.82 0.51 -11.88
CA LEU A 139 -42.60 1.94 -12.05
C LEU A 139 -42.69 2.39 -13.51
N LYS A 140 -42.94 1.44 -14.41
CA LYS A 140 -43.04 1.76 -15.84
C LYS A 140 -41.73 2.37 -16.34
N MSE A 141 -40.61 1.78 -15.96
CA MSE A 141 -39.31 2.29 -16.36
C MSE A 141 -38.36 1.26 -16.94
O MSE A 141 -38.17 0.20 -16.35
CB MSE A 141 -38.64 2.94 -15.16
CG MSE A 141 -39.31 4.20 -14.68
SE MSE A 141 -38.65 5.73 -15.65
CE MSE A 141 -37.23 6.21 -14.41
N PRO A 142 -37.75 1.56 -18.10
CA PRO A 142 -36.81 0.58 -18.66
C PRO A 142 -35.64 0.57 -17.67
N LEU A 143 -35.02 -0.58 -17.46
CA LEU A 143 -33.93 -0.64 -16.50
C LEU A 143 -32.71 0.20 -16.86
N TRP A 144 -32.46 0.40 -18.15
CA TRP A 144 -31.30 1.21 -18.53
C TRP A 144 -31.45 2.64 -18.01
N LYS A 145 -32.69 3.10 -17.87
CA LYS A 145 -32.92 4.45 -17.38
C LYS A 145 -33.08 4.48 -15.86
N LEU A 146 -33.76 3.48 -15.31
CA LEU A 146 -33.94 3.42 -13.86
C LEU A 146 -32.58 3.33 -13.18
N TRP A 147 -31.66 2.58 -13.78
CA TRP A 147 -30.34 2.41 -13.22
C TRP A 147 -29.36 3.56 -13.48
N GLY A 148 -29.84 4.64 -14.11
CA GLY A 148 -28.97 5.78 -14.38
C GLY A 148 -29.31 6.55 -15.63
N GLY A 149 -29.65 5.82 -16.70
CA GLY A 149 -30.03 6.45 -17.94
C GLY A 149 -28.99 7.25 -18.70
N TYR A 150 -27.71 6.94 -18.51
CA TYR A 150 -26.68 7.70 -19.22
C TYR A 150 -26.96 7.75 -20.72
N ARG A 151 -27.19 6.58 -21.32
CA ARG A 151 -27.51 6.49 -22.75
C ARG A 151 -28.37 5.25 -22.91
N ASN A 152 -28.96 5.07 -24.10
CA ASN A 152 -29.82 3.91 -24.35
C ASN A 152 -29.30 3.05 -25.49
N GLU A 153 -28.05 3.29 -25.89
CA GLU A 153 -27.46 2.51 -26.98
C GLU A 153 -25.97 2.30 -26.78
N LEU A 154 -25.48 1.14 -27.19
CA LEU A 154 -24.06 0.83 -27.05
C LEU A 154 -23.61 -0.19 -28.06
N PRO A 155 -22.32 -0.19 -28.39
CA PRO A 155 -21.82 -1.16 -29.36
C PRO A 155 -21.89 -2.58 -28.80
N MSE A 156 -21.99 -3.55 -29.71
CA MSE A 156 -22.06 -4.96 -29.33
C MSE A 156 -21.04 -5.78 -30.10
O MSE A 156 -20.98 -5.74 -31.32
CB MSE A 156 -23.47 -5.49 -29.64
CG MSE A 156 -23.58 -7.01 -29.61
SE MSE A 156 -24.35 -7.70 -27.97
CE MSE A 156 -26.15 -7.07 -28.22
N ILE A 157 -20.21 -6.53 -29.36
CA ILE A 157 -19.21 -7.36 -30.00
C ILE A 157 -19.52 -8.82 -29.74
N ALA A 158 -18.82 -9.70 -30.44
CA ALA A 158 -19.02 -11.14 -30.28
C ALA A 158 -17.75 -11.80 -29.77
N ILE A 159 -17.92 -12.73 -28.84
CA ILE A 159 -16.81 -13.46 -28.28
C ILE A 159 -16.49 -14.60 -29.26
N GLY A 160 -15.28 -14.60 -29.81
CA GLY A 160 -14.91 -15.62 -30.76
C GLY A 160 -13.41 -15.85 -30.86
N GLY A 161 -12.95 -16.30 -32.01
CA GLY A 161 -11.53 -16.54 -32.20
C GLY A 161 -11.06 -17.78 -31.48
N TYR A 162 -11.99 -18.70 -31.24
CA TYR A 162 -11.68 -19.96 -30.57
C TYR A 162 -10.62 -20.72 -31.36
N TYR A 163 -9.75 -21.43 -30.66
CA TYR A 163 -8.69 -22.18 -31.31
C TYR A 163 -9.32 -23.37 -32.02
N GLY A 164 -8.71 -23.79 -33.12
CA GLY A 164 -9.24 -24.90 -33.87
C GLY A 164 -10.22 -24.42 -34.94
N GLU A 165 -10.42 -23.10 -34.98
CA GLU A 165 -11.32 -22.48 -35.94
C GLU A 165 -12.66 -23.20 -36.12
N PRO A 166 -13.39 -23.43 -35.01
CA PRO A 166 -14.68 -24.12 -35.14
C PRO A 166 -15.71 -23.31 -35.92
N LEU A 167 -15.55 -21.98 -35.93
CA LEU A 167 -16.46 -21.10 -36.65
C LEU A 167 -15.84 -20.62 -37.96
N GLY A 168 -14.91 -21.40 -38.51
CA GLY A 168 -14.27 -21.03 -39.76
C GLY A 168 -12.92 -20.39 -39.54
N SER A 169 -12.26 -19.97 -40.63
CA SER A 169 -10.95 -19.34 -40.54
C SER A 169 -11.11 -17.95 -39.91
N ILE A 170 -10.00 -17.37 -39.47
CA ILE A 170 -10.04 -16.05 -38.84
C ILE A 170 -10.69 -15.00 -39.71
N ALA A 171 -10.36 -14.99 -41.00
CA ALA A 171 -10.94 -14.03 -41.93
C ALA A 171 -12.45 -14.25 -42.09
N ASP A 172 -12.85 -15.50 -42.33
CA ASP A 172 -14.26 -15.82 -42.50
C ASP A 172 -15.07 -15.52 -41.24
N GLU A 173 -14.49 -15.82 -40.07
CA GLU A 173 -15.19 -15.57 -38.81
C GLU A 173 -15.41 -14.06 -38.60
N MSE A 174 -14.37 -13.26 -38.82
CA MSE A 174 -14.49 -11.81 -38.64
C MSE A 174 -15.55 -11.23 -39.59
O MSE A 174 -16.38 -10.40 -39.20
CB MSE A 174 -13.15 -11.10 -38.90
CG MSE A 174 -12.02 -11.45 -37.92
SE MSE A 174 -12.52 -11.33 -36.03
CE MSE A 174 -12.61 -13.21 -35.61
N HIS A 175 -15.50 -11.66 -40.85
CA HIS A 175 -16.45 -11.20 -41.85
C HIS A 175 -17.86 -11.60 -41.42
N ASN A 176 -18.01 -12.81 -40.89
CA ASN A 176 -19.31 -13.27 -40.45
C ASN A 176 -19.88 -12.34 -39.38
N TYR A 177 -19.03 -11.87 -38.46
CA TYR A 177 -19.50 -10.97 -37.41
C TYR A 177 -19.89 -9.63 -37.98
N GLN A 178 -19.21 -9.22 -39.04
CA GLN A 178 -19.50 -7.94 -39.68
C GLN A 178 -20.82 -8.02 -40.45
N GLU A 179 -21.11 -9.18 -41.03
CA GLU A 179 -22.37 -9.34 -41.78
C GLU A 179 -23.55 -9.39 -40.81
N LEU A 180 -23.31 -9.91 -39.61
CA LEU A 180 -24.35 -9.99 -38.59
C LEU A 180 -24.57 -8.60 -37.98
N GLY A 181 -23.71 -7.66 -38.35
CA GLY A 181 -23.83 -6.30 -37.85
C GLY A 181 -23.16 -6.01 -36.51
N LEU A 182 -22.29 -6.90 -36.04
CA LEU A 182 -21.60 -6.69 -34.77
C LEU A 182 -20.54 -5.58 -34.89
N ALA A 183 -20.26 -4.90 -33.78
CA ALA A 183 -19.27 -3.83 -33.78
C ALA A 183 -17.84 -4.34 -33.65
N GLY A 184 -17.68 -5.60 -33.26
CA GLY A 184 -16.35 -6.13 -33.08
C GLY A 184 -16.33 -7.53 -32.52
N VAL A 185 -15.19 -7.89 -31.94
CA VAL A 185 -15.02 -9.22 -31.38
C VAL A 185 -14.12 -9.19 -30.15
N LYS A 186 -14.24 -10.24 -29.33
CA LYS A 186 -13.38 -10.43 -28.16
C LYS A 186 -12.69 -11.72 -28.57
N PHE A 187 -11.50 -11.56 -29.15
CA PHE A 187 -10.68 -12.64 -29.68
C PHE A 187 -9.94 -13.47 -28.62
N LYS A 188 -10.16 -14.79 -28.66
CA LYS A 188 -9.50 -15.69 -27.72
C LYS A 188 -8.02 -15.94 -28.02
N VAL A 189 -7.20 -15.78 -26.98
CA VAL A 189 -5.76 -16.01 -27.06
C VAL A 189 -5.36 -16.71 -25.77
N GLY A 190 -4.09 -16.60 -25.38
CA GLY A 190 -3.64 -17.22 -24.15
C GLY A 190 -3.24 -18.69 -24.26
N GLY A 191 -3.25 -19.23 -25.48
CA GLY A 191 -2.90 -20.63 -25.62
C GLY A 191 -1.64 -20.95 -26.42
N LEU A 192 -1.05 -19.97 -27.07
CA LEU A 192 0.16 -20.21 -27.85
C LEU A 192 1.24 -19.23 -27.40
N SER A 193 2.42 -19.31 -28.03
CA SER A 193 3.51 -18.41 -27.70
C SER A 193 3.06 -17.00 -28.07
N ALA A 194 3.85 -16.00 -27.67
CA ALA A 194 3.52 -14.61 -27.97
C ALA A 194 3.47 -14.33 -29.48
N ALA A 195 4.46 -14.86 -30.21
CA ALA A 195 4.54 -14.65 -31.65
C ALA A 195 3.34 -15.26 -32.40
N GLU A 196 2.98 -16.48 -32.03
CA GLU A 196 1.86 -17.14 -32.69
C GLU A 196 0.54 -16.44 -32.42
N ASP A 197 0.26 -16.11 -31.16
CA ASP A 197 -0.98 -15.43 -30.88
C ASP A 197 -0.99 -14.03 -31.52
N ALA A 198 0.17 -13.38 -31.56
CA ALA A 198 0.24 -12.06 -32.19
C ALA A 198 -0.08 -12.18 -33.67
N ALA A 199 0.34 -13.28 -34.29
CA ALA A 199 0.07 -13.50 -35.71
C ALA A 199 -1.42 -13.72 -35.91
N ARG A 200 -2.05 -14.42 -34.96
CA ARG A 200 -3.48 -14.67 -35.05
C ARG A 200 -4.25 -13.36 -34.96
N ILE A 201 -3.85 -12.48 -34.04
CA ILE A 201 -4.53 -11.20 -33.88
C ILE A 201 -4.31 -10.29 -35.10
N THR A 202 -3.11 -10.35 -35.67
CA THR A 202 -2.80 -9.54 -36.85
C THR A 202 -3.75 -9.93 -37.98
N ALA A 203 -3.97 -11.23 -38.12
CA ALA A 203 -4.86 -11.74 -39.16
C ALA A 203 -6.28 -11.24 -38.92
N ALA A 204 -6.63 -11.01 -37.66
CA ALA A 204 -7.97 -10.52 -37.34
C ALA A 204 -8.16 -9.09 -37.80
N ARG A 205 -7.17 -8.24 -37.49
CA ARG A 205 -7.22 -6.85 -37.88
C ARG A 205 -7.15 -6.70 -39.40
N GLU A 206 -6.32 -7.52 -40.04
CA GLU A 206 -6.18 -7.46 -41.50
C GLU A 206 -7.51 -7.84 -42.14
N ALA A 207 -8.13 -8.90 -41.65
CA ALA A 207 -9.40 -9.33 -42.21
C ALA A 207 -10.54 -8.36 -41.95
N ALA A 208 -10.58 -7.79 -40.75
CA ALA A 208 -11.67 -6.89 -40.39
C ALA A 208 -11.55 -5.45 -40.85
N GLY A 209 -10.32 -4.94 -40.93
CA GLY A 209 -10.16 -3.55 -41.32
C GLY A 209 -10.09 -2.74 -40.02
N ASP A 210 -9.92 -1.43 -40.13
CA ASP A 210 -9.79 -0.55 -38.98
C ASP A 210 -11.06 -0.23 -38.18
N ASP A 211 -12.21 -0.15 -38.84
CA ASP A 211 -13.45 0.20 -38.14
C ASP A 211 -14.16 -1.03 -37.58
N PHE A 212 -13.48 -1.67 -36.63
CA PHE A 212 -13.99 -2.88 -36.00
C PHE A 212 -13.28 -2.96 -34.65
N ILE A 213 -14.05 -3.15 -33.59
CA ILE A 213 -13.45 -3.25 -32.26
C ILE A 213 -12.85 -4.63 -32.05
N ILE A 214 -11.62 -4.67 -31.57
CA ILE A 214 -10.95 -5.93 -31.29
C ILE A 214 -10.36 -5.99 -29.89
N CYS A 215 -10.94 -6.84 -29.04
CA CYS A 215 -10.46 -7.05 -27.69
C CYS A 215 -9.88 -8.46 -27.74
N ILE A 216 -8.98 -8.78 -26.83
CA ILE A 216 -8.40 -10.11 -26.78
C ILE A 216 -8.63 -10.62 -25.38
N ASP A 217 -8.74 -11.93 -25.24
CA ASP A 217 -9.00 -12.55 -23.94
C ASP A 217 -8.13 -13.79 -23.79
N ALA A 218 -7.24 -13.77 -22.80
CA ALA A 218 -6.35 -14.90 -22.58
C ALA A 218 -6.91 -15.88 -21.57
N ASN A 219 -8.04 -15.54 -20.96
CA ASN A 219 -8.64 -16.42 -19.96
C ASN A 219 -7.60 -16.94 -18.98
N GLN A 220 -6.82 -16.02 -18.42
CA GLN A 220 -5.80 -16.34 -17.42
C GLN A 220 -4.73 -17.34 -17.88
N GLY A 221 -4.47 -17.42 -19.18
CA GLY A 221 -3.51 -18.39 -19.66
C GLY A 221 -2.01 -18.15 -19.74
N TYR A 222 -1.55 -16.89 -19.75
CA TYR A 222 -0.12 -16.60 -19.86
C TYR A 222 0.66 -16.33 -18.58
N LYS A 223 1.98 -16.39 -18.71
CA LYS A 223 2.89 -16.05 -17.62
C LYS A 223 3.03 -14.56 -17.91
N PRO A 224 3.30 -13.76 -16.88
CA PRO A 224 3.45 -12.30 -17.05
C PRO A 224 4.34 -11.89 -18.23
N ALA A 225 5.53 -12.48 -18.31
CA ALA A 225 6.46 -12.13 -19.38
C ALA A 225 5.87 -12.36 -20.76
N VAL A 226 5.20 -13.49 -20.96
CA VAL A 226 4.59 -13.81 -22.26
C VAL A 226 3.49 -12.81 -22.61
N ALA A 227 2.66 -12.48 -21.63
CA ALA A 227 1.57 -11.52 -21.83
C ALA A 227 2.14 -10.15 -22.22
N VAL A 228 3.22 -9.74 -21.58
CA VAL A 228 3.86 -8.45 -21.87
C VAL A 228 4.41 -8.50 -23.30
N ASP A 229 5.06 -9.62 -23.65
CA ASP A 229 5.63 -9.82 -24.99
C ASP A 229 4.53 -9.66 -26.05
N LEU A 230 3.40 -10.34 -25.84
CA LEU A 230 2.29 -10.26 -26.76
C LEU A 230 1.75 -8.83 -26.85
N SER A 231 1.54 -8.20 -25.69
CA SER A 231 1.02 -6.85 -25.63
C SER A 231 1.84 -5.85 -26.45
N ARG A 232 3.17 -5.96 -26.39
CA ARG A 232 4.04 -5.05 -27.14
C ARG A 232 3.98 -5.36 -28.63
N ARG A 233 3.91 -6.65 -28.98
CA ARG A 233 3.84 -7.06 -30.39
C ARG A 233 2.57 -6.54 -31.08
N ILE A 234 1.50 -6.32 -30.33
CA ILE A 234 0.25 -5.86 -30.93
C ILE A 234 -0.03 -4.39 -30.70
N ALA A 235 0.97 -3.66 -30.22
CA ALA A 235 0.84 -2.23 -29.94
C ALA A 235 0.32 -1.38 -31.10
N ASP A 236 0.51 -1.84 -32.34
CA ASP A 236 0.05 -1.06 -33.49
C ASP A 236 -1.25 -1.57 -34.13
N LEU A 237 -1.90 -2.54 -33.51
CA LEU A 237 -3.14 -3.10 -34.05
C LEU A 237 -4.38 -2.50 -33.40
N ASN A 238 -4.18 -1.48 -32.57
CA ASN A 238 -5.27 -0.80 -31.88
C ASN A 238 -6.21 -1.79 -31.18
N ILE A 239 -5.68 -2.51 -30.21
CA ILE A 239 -6.46 -3.49 -29.45
C ILE A 239 -7.18 -2.73 -28.35
N ARG A 240 -8.50 -2.92 -28.25
CA ARG A 240 -9.30 -2.21 -27.25
C ARG A 240 -8.88 -2.52 -25.83
N TRP A 241 -8.73 -3.80 -25.52
CA TRP A 241 -8.26 -4.20 -24.21
C TRP A 241 -7.78 -5.65 -24.23
N PHE A 242 -7.05 -6.00 -23.17
CA PHE A 242 -6.45 -7.30 -22.98
C PHE A 242 -7.11 -7.84 -21.72
N GLU A 243 -8.01 -8.80 -21.90
CA GLU A 243 -8.78 -9.38 -20.79
C GLU A 243 -8.08 -10.56 -20.10
N GLU A 244 -8.02 -10.51 -18.77
CA GLU A 244 -7.40 -11.54 -17.94
C GLU A 244 -6.18 -12.19 -18.58
N PRO A 245 -5.11 -11.41 -18.74
CA PRO A 245 -3.88 -11.94 -19.36
C PRO A 245 -3.07 -13.00 -18.65
N VAL A 246 -3.12 -13.03 -17.31
CA VAL A 246 -2.27 -13.96 -16.56
C VAL A 246 -2.92 -15.01 -15.66
N GLU A 247 -2.12 -16.00 -15.27
CA GLU A 247 -2.56 -17.09 -14.40
C GLU A 247 -3.27 -16.59 -13.13
N TRP A 248 -4.20 -17.39 -12.64
CA TRP A 248 -5.03 -16.99 -11.51
C TRP A 248 -4.46 -16.58 -10.16
N HIS A 249 -3.51 -17.34 -9.64
CA HIS A 249 -2.99 -17.06 -8.29
C HIS A 249 -2.57 -15.64 -7.94
N ASN A 250 -1.72 -15.02 -8.75
CA ASN A 250 -1.26 -13.66 -8.45
C ASN A 250 -1.75 -12.68 -9.50
N ASP A 251 -2.95 -12.92 -10.01
CA ASP A 251 -3.48 -12.11 -11.09
C ASP A 251 -3.51 -10.59 -10.93
N LYS A 252 -3.92 -10.10 -9.77
CA LYS A 252 -3.97 -8.65 -9.57
C LYS A 252 -2.61 -7.98 -9.84
N ARG A 253 -1.57 -8.38 -9.11
CA ARG A 253 -0.26 -7.78 -9.29
C ARG A 253 0.39 -8.08 -10.64
N SER A 254 0.25 -9.31 -11.11
CA SER A 254 0.83 -9.69 -12.39
C SER A 254 0.20 -8.97 -13.57
N MSE A 255 -1.12 -8.86 -13.59
CA MSE A 255 -1.78 -8.18 -14.70
C MSE A 255 -1.53 -6.67 -14.59
O MSE A 255 -1.57 -5.97 -15.61
CB MSE A 255 -3.27 -8.51 -14.76
CG MSE A 255 -4.20 -7.79 -13.81
SE MSE A 255 -6.07 -8.33 -14.19
CE MSE A 255 -6.63 -6.84 -15.14
N ARG A 256 -1.28 -6.19 -13.39
CA ARG A 256 -0.95 -4.77 -13.22
C ARG A 256 0.38 -4.53 -13.94
N ASP A 257 1.30 -5.47 -13.83
CA ASP A 257 2.59 -5.35 -14.49
C ASP A 257 2.45 -5.50 -16.02
N VAL A 258 1.49 -6.31 -16.46
CA VAL A 258 1.24 -6.49 -17.89
C VAL A 258 0.73 -5.15 -18.41
N ARG A 259 -0.12 -4.54 -17.58
CA ARG A 259 -0.72 -3.25 -17.88
C ARG A 259 0.32 -2.13 -18.04
N TYR A 260 1.30 -2.09 -17.15
CA TYR A 260 2.33 -1.04 -17.19
C TYR A 260 3.51 -1.36 -18.10
N GLN A 261 3.89 -2.62 -18.21
CA GLN A 261 5.01 -3.00 -19.07
C GLN A 261 4.57 -3.19 -20.51
N GLY A 262 3.30 -3.56 -20.69
CA GLY A 262 2.77 -3.77 -22.03
C GLY A 262 2.29 -2.49 -22.69
N SER A 263 1.42 -2.63 -23.70
CA SER A 263 0.92 -1.46 -24.42
C SER A 263 -0.58 -1.47 -24.65
N VAL A 264 -1.28 -2.34 -23.94
CA VAL A 264 -2.71 -2.47 -24.11
C VAL A 264 -3.47 -2.39 -22.79
N PRO A 265 -4.61 -1.68 -22.77
CA PRO A 265 -5.40 -1.58 -21.54
C PRO A 265 -5.76 -3.00 -21.08
N VAL A 266 -5.85 -3.18 -19.77
CA VAL A 266 -6.14 -4.49 -19.21
C VAL A 266 -7.54 -4.57 -18.60
N CYS A 267 -8.22 -5.68 -18.84
CA CYS A 267 -9.58 -5.87 -18.32
C CYS A 267 -9.71 -7.16 -17.51
N ALA A 268 -10.43 -7.07 -16.39
CA ALA A 268 -10.67 -8.22 -15.53
C ALA A 268 -11.81 -7.90 -14.54
N GLY A 269 -12.22 -8.90 -13.76
CA GLY A 269 -13.28 -8.71 -12.80
C GLY A 269 -14.28 -9.86 -12.85
N GLN A 270 -14.41 -10.49 -14.01
CA GLN A 270 -15.36 -11.59 -14.16
C GLN A 270 -15.05 -12.77 -13.23
N THR A 271 -13.81 -12.90 -12.80
CA THR A 271 -13.46 -14.01 -11.93
C THR A 271 -13.55 -13.65 -10.45
N GLU A 272 -13.92 -12.40 -10.16
CA GLU A 272 -14.05 -11.94 -8.77
C GLU A 272 -15.44 -12.33 -8.24
N PHE A 273 -15.53 -12.56 -6.93
CA PHE A 273 -16.79 -12.95 -6.28
C PHE A 273 -17.65 -11.77 -5.82
N SER A 274 -17.00 -10.63 -5.54
CA SER A 274 -17.72 -9.47 -5.02
C SER A 274 -17.15 -8.14 -5.44
N ALA A 275 -17.86 -7.08 -5.06
CA ALA A 275 -17.44 -5.72 -5.35
C ALA A 275 -16.11 -5.47 -4.65
N SER A 276 -15.96 -6.07 -3.48
CA SER A 276 -14.73 -5.93 -2.69
C SER A 276 -13.54 -6.46 -3.50
N GLY A 277 -13.78 -7.53 -4.25
CA GLY A 277 -12.74 -8.11 -5.07
C GLY A 277 -12.38 -7.19 -6.23
N CYS A 278 -13.40 -6.62 -6.87
CA CYS A 278 -13.15 -5.69 -7.97
C CYS A 278 -12.43 -4.46 -7.40
N ARG A 279 -12.77 -4.08 -6.16
CA ARG A 279 -12.13 -2.94 -5.52
C ARG A 279 -10.64 -3.26 -5.38
N ASP A 280 -10.34 -4.51 -5.03
CA ASP A 280 -8.96 -4.94 -4.90
C ASP A 280 -8.19 -4.79 -6.22
N LEU A 281 -8.83 -5.16 -7.33
CA LEU A 281 -8.19 -5.04 -8.65
C LEU A 281 -7.86 -3.59 -8.93
N MSE A 282 -8.84 -2.72 -8.72
CA MSE A 282 -8.67 -1.29 -8.97
C MSE A 282 -7.62 -0.65 -8.07
O MSE A 282 -6.81 0.15 -8.53
CB MSE A 282 -10.02 -0.58 -8.78
CG MSE A 282 -11.09 -1.15 -9.69
SE MSE A 282 -12.79 -0.33 -9.36
CE MSE A 282 -12.53 1.19 -10.40
N GLU A 283 -7.62 -1.00 -6.78
CA GLU A 283 -6.65 -0.43 -5.86
C GLU A 283 -5.23 -0.88 -6.25
N THR A 284 -5.10 -2.08 -6.78
CA THR A 284 -3.81 -2.61 -7.18
C THR A 284 -3.32 -1.95 -8.47
N GLY A 285 -4.22 -1.31 -9.20
CA GLY A 285 -3.85 -0.67 -10.45
C GLY A 285 -3.80 -1.70 -11.57
N ALA A 286 -4.44 -2.84 -11.35
CA ALA A 286 -4.46 -3.92 -12.33
C ALA A 286 -5.33 -3.73 -13.58
N ILE A 287 -6.28 -2.79 -13.53
CA ILE A 287 -7.18 -2.66 -14.66
C ILE A 287 -7.57 -1.28 -15.14
N ASP A 288 -7.96 -1.24 -16.41
CA ASP A 288 -8.44 -0.05 -17.07
C ASP A 288 -9.97 -0.23 -17.15
N VAL A 289 -10.41 -1.48 -17.28
CA VAL A 289 -11.85 -1.81 -17.37
C VAL A 289 -12.21 -2.96 -16.44
N CYS A 290 -13.40 -2.89 -15.85
CA CYS A 290 -13.85 -3.95 -14.95
C CYS A 290 -15.02 -4.67 -15.61
N ASN A 291 -14.91 -5.99 -15.79
CA ASN A 291 -15.98 -6.73 -16.44
C ASN A 291 -16.69 -7.70 -15.51
N PHE A 292 -16.95 -7.22 -14.30
CA PHE A 292 -17.66 -7.95 -13.25
C PHE A 292 -18.95 -8.54 -13.86
N ASP A 293 -19.15 -9.85 -13.69
CA ASP A 293 -20.31 -10.54 -14.23
C ASP A 293 -21.44 -10.63 -13.19
N SER A 294 -22.42 -9.75 -13.31
CA SER A 294 -23.54 -9.73 -12.37
C SER A 294 -24.26 -11.07 -12.23
N SER A 295 -24.32 -11.85 -13.32
CA SER A 295 -25.02 -13.13 -13.30
C SER A 295 -24.48 -14.18 -12.34
N TRP A 296 -23.20 -14.09 -11.96
CA TRP A 296 -22.71 -15.06 -11.00
C TRP A 296 -22.02 -14.41 -9.81
N SER A 297 -22.39 -13.15 -9.57
CA SER A 297 -21.84 -12.37 -8.46
C SER A 297 -22.87 -11.60 -7.63
N GLY A 298 -24.11 -12.09 -7.58
CA GLY A 298 -25.12 -11.41 -6.79
C GLY A 298 -26.13 -10.54 -7.49
N GLY A 299 -26.03 -10.42 -8.82
CA GLY A 299 -26.99 -9.61 -9.55
C GLY A 299 -26.69 -8.14 -9.73
N PRO A 300 -27.60 -7.40 -10.41
CA PRO A 300 -27.48 -5.97 -10.68
C PRO A 300 -27.14 -5.14 -9.45
N THR A 301 -27.71 -5.49 -8.30
CA THR A 301 -27.44 -4.73 -7.09
C THR A 301 -25.95 -4.74 -6.76
N ALA A 302 -25.32 -5.90 -6.88
CA ALA A 302 -23.89 -6.00 -6.62
C ALA A 302 -23.10 -5.30 -7.73
N TRP A 303 -23.48 -5.54 -8.98
CA TRP A 303 -22.79 -4.94 -10.12
C TRP A 303 -22.77 -3.43 -10.06
N LEU A 304 -23.91 -2.84 -9.70
CA LEU A 304 -24.02 -1.39 -9.62
C LEU A 304 -23.14 -0.79 -8.52
N ARG A 305 -22.86 -1.56 -7.47
CA ARG A 305 -22.00 -1.07 -6.40
C ARG A 305 -20.59 -1.04 -6.96
N THR A 306 -20.23 -2.10 -7.69
CA THR A 306 -18.93 -2.16 -8.32
C THR A 306 -18.79 -0.98 -9.27
N ALA A 307 -19.85 -0.68 -10.03
CA ALA A 307 -19.84 0.44 -10.96
C ALA A 307 -19.51 1.75 -10.24
N ALA A 308 -20.16 1.99 -9.12
CA ALA A 308 -19.93 3.20 -8.34
C ALA A 308 -18.47 3.29 -7.92
N ILE A 309 -17.93 2.19 -7.44
CA ILE A 309 -16.54 2.14 -7.02
C ILE A 309 -15.65 2.48 -8.21
N ALA A 310 -16.00 1.95 -9.38
CA ALA A 310 -15.25 2.21 -10.60
C ALA A 310 -15.12 3.70 -10.91
N THR A 311 -16.19 4.46 -10.75
CA THR A 311 -16.12 5.90 -11.03
C THR A 311 -15.08 6.62 -10.16
N SER A 312 -14.92 6.17 -8.91
CA SER A 312 -13.96 6.81 -8.02
C SER A 312 -12.51 6.47 -8.39
N TYR A 313 -12.34 5.40 -9.17
CA TYR A 313 -11.01 4.98 -9.63
C TYR A 313 -10.80 5.30 -11.11
N ASP A 314 -11.76 6.00 -11.72
CA ASP A 314 -11.67 6.33 -13.14
C ASP A 314 -11.50 5.06 -13.99
N VAL A 315 -12.15 3.99 -13.57
CA VAL A 315 -12.09 2.72 -14.28
C VAL A 315 -13.40 2.53 -15.03
N GLN A 316 -13.31 2.00 -16.24
CA GLN A 316 -14.49 1.79 -17.06
C GLN A 316 -15.21 0.48 -16.70
N MSE A 317 -16.47 0.38 -17.10
CA MSE A 317 -17.22 -0.84 -16.81
C MSE A 317 -17.54 -1.63 -18.07
O MSE A 317 -17.94 -1.08 -19.10
CB MSE A 317 -18.54 -0.51 -16.09
CG MSE A 317 -18.40 -0.08 -14.63
SE MSE A 317 -17.45 -1.35 -13.48
CE MSE A 317 -18.43 -3.00 -13.85
N GLY A 318 -17.33 -2.94 -17.98
CA GLY A 318 -17.65 -3.83 -19.05
C GLY A 318 -18.51 -4.88 -18.37
N HIS A 319 -18.73 -6.01 -19.03
CA HIS A 319 -19.51 -7.09 -18.44
C HIS A 319 -19.30 -8.33 -19.28
N HIS A 320 -18.90 -9.42 -18.63
CA HIS A 320 -18.71 -10.68 -19.33
C HIS A 320 -20.07 -11.18 -19.83
N GLU A 321 -20.21 -11.33 -21.15
CA GLU A 321 -21.45 -11.79 -21.80
C GLU A 321 -22.76 -11.37 -21.09
N GLU A 322 -23.70 -12.30 -20.98
CA GLU A 322 -24.99 -12.01 -20.33
C GLU A 322 -25.66 -10.77 -20.90
N PRO A 323 -25.72 -10.65 -22.23
CA PRO A 323 -26.32 -9.51 -22.92
C PRO A 323 -27.74 -9.09 -22.51
N GLN A 324 -28.55 -10.06 -22.12
CA GLN A 324 -29.93 -9.77 -21.73
C GLN A 324 -30.03 -8.82 -20.54
N VAL A 325 -28.96 -8.73 -19.75
CA VAL A 325 -28.93 -7.83 -18.60
C VAL A 325 -27.78 -6.81 -18.72
N SER A 326 -26.65 -7.20 -19.32
CA SER A 326 -25.50 -6.29 -19.44
C SER A 326 -25.81 -5.03 -20.25
N THR A 327 -26.64 -5.16 -21.28
CA THR A 327 -27.01 -4.01 -22.10
C THR A 327 -27.61 -2.90 -21.23
N HIS A 328 -28.55 -3.26 -20.37
CA HIS A 328 -29.19 -2.28 -19.48
C HIS A 328 -28.18 -1.78 -18.44
N LEU A 329 -27.41 -2.70 -17.85
CA LEU A 329 -26.44 -2.31 -16.84
C LEU A 329 -25.43 -1.32 -17.43
N LEU A 330 -24.81 -1.71 -18.55
CA LEU A 330 -23.80 -0.87 -19.19
C LEU A 330 -24.28 0.46 -19.73
N ALA A 331 -25.46 0.48 -20.36
CA ALA A 331 -25.97 1.72 -20.92
C ALA A 331 -26.33 2.78 -19.87
N SER A 332 -26.71 2.34 -18.68
CA SER A 332 -27.07 3.26 -17.62
C SER A 332 -25.91 4.07 -17.04
N GLN A 333 -24.71 3.52 -17.14
CA GLN A 333 -23.52 4.14 -16.58
C GLN A 333 -22.71 5.03 -17.53
N PRO A 334 -22.23 6.18 -17.01
CA PRO A 334 -21.44 7.12 -17.82
C PRO A 334 -20.12 6.50 -18.27
N HIS A 335 -19.63 5.52 -17.49
CA HIS A 335 -18.35 4.86 -17.79
C HIS A 335 -18.51 3.47 -18.39
N GLY A 336 -19.73 3.14 -18.82
CA GLY A 336 -19.99 1.84 -19.41
C GLY A 336 -19.36 1.75 -20.80
N THR A 337 -18.97 0.55 -21.21
CA THR A 337 -18.32 0.39 -22.51
C THR A 337 -19.05 -0.38 -23.61
N ILE A 338 -18.78 -1.68 -23.68
CA ILE A 338 -19.35 -2.54 -24.71
C ILE A 338 -20.09 -3.78 -24.18
N ALA A 339 -21.15 -4.16 -24.89
CA ALA A 339 -21.93 -5.34 -24.53
C ALA A 339 -21.38 -6.48 -25.40
N GLU A 340 -21.50 -7.71 -24.93
CA GLU A 340 -20.98 -8.85 -25.68
C GLU A 340 -21.94 -10.03 -25.79
N CYS A 341 -21.79 -10.80 -26.86
CA CYS A 341 -22.61 -11.98 -27.09
C CYS A 341 -21.75 -13.02 -27.79
N PHE A 342 -22.33 -14.18 -28.07
CA PHE A 342 -21.61 -15.25 -28.76
C PHE A 342 -22.24 -15.40 -30.14
N HIS A 343 -21.54 -16.12 -31.02
CA HIS A 343 -22.06 -16.40 -32.35
C HIS A 343 -23.25 -17.32 -32.11
N PRO A 344 -24.30 -17.22 -32.94
CA PRO A 344 -25.49 -18.06 -32.79
C PRO A 344 -25.15 -19.55 -32.59
N ASP A 345 -24.19 -20.03 -33.37
CA ASP A 345 -23.78 -21.42 -33.28
C ASP A 345 -23.17 -21.72 -31.91
N ARG A 346 -22.76 -20.66 -31.21
CA ARG A 346 -22.13 -20.81 -29.90
C ARG A 346 -23.11 -20.60 -28.75
N ASP A 347 -24.09 -19.72 -28.93
CA ASP A 347 -25.09 -19.46 -27.90
C ASP A 347 -26.50 -19.40 -28.48
N PRO A 348 -27.32 -20.40 -28.17
CA PRO A 348 -28.69 -20.41 -28.69
C PRO A 348 -29.65 -19.51 -27.90
N PHE A 349 -29.31 -19.22 -26.66
CA PHE A 349 -30.18 -18.42 -25.79
C PHE A 349 -30.44 -16.97 -26.16
N TRP A 350 -29.39 -16.17 -26.32
CA TRP A 350 -29.60 -14.77 -26.67
C TRP A 350 -30.31 -14.67 -28.03
N TRP A 351 -29.99 -15.58 -28.94
CA TRP A 351 -30.57 -15.56 -30.27
C TRP A 351 -31.96 -16.22 -30.39
N ASN A 352 -32.37 -16.97 -29.39
CA ASN A 352 -33.67 -17.66 -29.43
C ASN A 352 -34.63 -17.27 -28.31
N MSE A 353 -34.09 -17.01 -27.12
CA MSE A 353 -34.90 -16.70 -25.96
C MSE A 353 -35.72 -15.41 -26.01
O MSE A 353 -36.80 -15.34 -25.42
CB MSE A 353 -34.04 -16.68 -24.70
CG MSE A 353 -33.58 -18.04 -24.23
SE MSE A 353 -35.01 -19.08 -23.43
CE MSE A 353 -35.27 -18.02 -21.84
N ILE A 354 -35.22 -14.40 -26.72
CA ILE A 354 -35.92 -13.13 -26.81
C ILE A 354 -36.44 -12.88 -28.22
N THR A 355 -37.74 -12.66 -28.34
CA THR A 355 -38.36 -12.45 -29.65
C THR A 355 -38.48 -11.00 -30.11
N ASN A 356 -38.10 -10.06 -29.26
CA ASN A 356 -38.15 -8.65 -29.62
C ASN A 356 -36.77 -8.04 -29.41
N ARG A 357 -35.75 -8.80 -29.78
CA ARG A 357 -34.36 -8.36 -29.65
C ARG A 357 -34.14 -7.26 -30.69
N PRO A 358 -33.67 -6.08 -30.25
CA PRO A 358 -33.42 -5.01 -31.20
C PRO A 358 -32.42 -5.41 -32.29
N LYS A 359 -32.57 -4.83 -33.47
CA LYS A 359 -31.69 -5.14 -34.59
C LYS A 359 -30.41 -4.30 -34.48
N LEU A 360 -29.26 -4.94 -34.63
CA LEU A 360 -28.00 -4.21 -34.57
C LEU A 360 -27.90 -3.24 -35.74
N ASN A 361 -27.48 -2.02 -35.45
CA ASN A 361 -27.35 -1.00 -36.49
C ASN A 361 -26.00 -0.31 -36.34
N ASN A 362 -25.13 -0.52 -37.32
CA ASN A 362 -23.79 0.06 -37.32
C ASN A 362 -23.00 -0.36 -36.08
N GLY A 363 -23.16 -1.62 -35.70
CA GLY A 363 -22.46 -2.17 -34.54
C GLY A 363 -23.11 -1.87 -33.20
N THR A 364 -24.17 -1.06 -33.21
CA THR A 364 -24.83 -0.68 -31.99
C THR A 364 -26.22 -1.29 -31.76
N LEU A 365 -26.55 -1.51 -30.49
CA LEU A 365 -27.86 -2.02 -30.13
C LEU A 365 -28.52 -0.89 -29.35
N THR A 366 -29.76 -0.58 -29.69
CA THR A 366 -30.49 0.49 -29.03
C THR A 366 -31.64 -0.12 -28.23
N LEU A 367 -31.67 0.16 -26.93
CA LEU A 367 -32.72 -0.37 -26.05
C LEU A 367 -34.00 0.47 -26.13
N SER A 368 -35.14 -0.21 -26.03
CA SER A 368 -36.43 0.46 -26.09
C SER A 368 -36.83 1.02 -24.75
N ASP A 369 -38.00 1.64 -24.72
CA ASP A 369 -38.55 2.22 -23.52
C ASP A 369 -39.42 1.23 -22.76
N ARG A 370 -39.43 -0.04 -23.19
CA ARG A 370 -40.22 -1.06 -22.52
C ARG A 370 -39.72 -1.21 -21.07
N PRO A 371 -40.66 -1.21 -20.10
CA PRO A 371 -40.34 -1.33 -18.67
C PRO A 371 -39.58 -2.61 -18.27
N GLY A 372 -38.79 -2.49 -17.19
CA GLY A 372 -38.00 -3.63 -16.73
C GLY A 372 -36.95 -3.96 -17.78
N LEU A 373 -36.64 -5.23 -17.95
CA LEU A 373 -35.68 -5.65 -18.95
C LEU A 373 -36.27 -5.42 -20.34
N GLY A 374 -37.61 -5.34 -20.39
CA GLY A 374 -38.31 -5.10 -21.63
C GLY A 374 -38.29 -6.21 -22.65
N TRP A 375 -37.91 -7.41 -22.22
CA TRP A 375 -37.81 -8.57 -23.09
C TRP A 375 -39.08 -9.42 -23.22
N ASP A 376 -39.36 -9.86 -24.44
CA ASP A 376 -40.49 -10.74 -24.75
C ASP A 376 -39.88 -12.12 -24.90
N LEU A 377 -40.09 -12.97 -23.90
CA LEU A 377 -39.54 -14.31 -23.93
C LEU A 377 -40.25 -15.22 -24.95
N ASN A 378 -39.49 -16.18 -25.48
CA ASN A 378 -39.98 -17.13 -26.46
C ASN A 378 -40.46 -18.37 -25.71
N TRP A 379 -41.75 -18.43 -25.41
CA TRP A 379 -42.28 -19.55 -24.65
C TRP A 379 -42.30 -20.88 -25.40
N ASP A 380 -42.32 -20.83 -26.72
CA ASP A 380 -42.30 -22.05 -27.52
C ASP A 380 -40.95 -22.71 -27.32
N TYR A 381 -39.91 -21.89 -27.34
CA TYR A 381 -38.53 -22.37 -27.19
C TYR A 381 -38.33 -22.90 -25.77
N ILE A 382 -38.87 -22.18 -24.79
CA ILE A 382 -38.76 -22.57 -23.40
C ILE A 382 -39.40 -23.93 -23.16
N ASP A 383 -40.61 -24.13 -23.67
CA ASP A 383 -41.31 -25.40 -23.51
C ASP A 383 -40.54 -26.54 -24.16
N GLN A 384 -39.89 -26.24 -25.28
CA GLN A 384 -39.13 -27.26 -26.00
C GLN A 384 -37.84 -27.70 -25.30
N TYR A 385 -37.20 -26.80 -24.55
CA TYR A 385 -35.95 -27.18 -23.90
C TYR A 385 -35.87 -27.11 -22.37
N ARG A 386 -37.00 -26.87 -21.72
CA ARG A 386 -36.96 -26.82 -20.26
C ARG A 386 -36.73 -28.25 -19.78
N VAL A 387 -35.94 -28.41 -18.73
CA VAL A 387 -35.66 -29.75 -18.18
C VAL A 387 -36.01 -29.81 -16.70
N LEU B 22 -39.34 13.21 -18.76
CA LEU B 22 -39.71 14.36 -17.86
C LEU B 22 -38.80 15.53 -18.16
N THR B 23 -39.14 16.27 -19.22
CA THR B 23 -38.34 17.41 -19.64
C THR B 23 -38.30 18.55 -18.64
N ILE B 24 -37.08 19.02 -18.36
CA ILE B 24 -36.88 20.13 -17.44
C ILE B 24 -37.20 21.41 -18.22
N THR B 25 -38.10 22.22 -17.69
CA THR B 25 -38.50 23.45 -18.37
C THR B 25 -38.01 24.73 -17.72
N ARG B 26 -37.68 24.67 -16.44
CA ARG B 26 -37.24 25.86 -15.74
C ARG B 26 -36.52 25.59 -14.42
N ILE B 27 -35.46 26.36 -14.18
CA ILE B 27 -34.69 26.25 -12.96
C ILE B 27 -34.92 27.53 -12.16
N GLU B 28 -35.47 27.37 -10.97
CA GLU B 28 -35.75 28.51 -10.11
C GLU B 28 -35.05 28.36 -8.75
N THR B 29 -34.46 29.44 -8.28
CA THR B 29 -33.80 29.43 -6.98
C THR B 29 -34.32 30.57 -6.13
N ILE B 30 -34.33 30.38 -4.83
CA ILE B 30 -34.81 31.39 -3.89
C ILE B 30 -33.83 31.43 -2.72
N PRO B 31 -32.80 32.27 -2.80
CA PRO B 31 -31.80 32.39 -1.74
C PRO B 31 -32.49 32.76 -0.43
N MSE B 32 -31.91 32.43 0.72
CA MSE B 32 -32.56 32.75 1.99
C MSE B 32 -31.63 33.02 3.16
O MSE B 32 -30.51 32.50 3.22
CB MSE B 32 -33.50 31.64 2.43
CG MSE B 32 -34.51 31.24 1.39
SE MSE B 32 -35.90 30.19 2.22
CE MSE B 32 -34.88 28.59 2.63
N VAL B 33 -32.12 33.82 4.10
CA VAL B 33 -31.40 34.18 5.32
C VAL B 33 -32.45 34.40 6.40
N ALA B 34 -32.50 33.50 7.38
CA ALA B 34 -33.47 33.61 8.46
C ALA B 34 -32.77 33.64 9.82
N ARG B 50 -27.97 31.84 9.66
CA ARG B 50 -28.34 30.65 8.90
C ARG B 50 -28.93 31.05 7.54
N ALA B 51 -28.33 30.55 6.46
CA ALA B 51 -28.80 30.87 5.13
C ALA B 51 -28.78 29.63 4.22
N THR B 52 -29.72 29.57 3.29
CA THR B 52 -29.79 28.43 2.36
C THR B 52 -30.50 28.82 1.07
N ILE B 53 -30.47 27.91 0.10
CA ILE B 53 -31.11 28.15 -1.18
C ILE B 53 -32.18 27.13 -1.49
N VAL B 54 -33.35 27.62 -1.87
CA VAL B 54 -34.46 26.74 -2.23
C VAL B 54 -34.41 26.63 -3.74
N THR B 55 -34.11 25.42 -4.22
CA THR B 55 -34.02 25.17 -5.65
C THR B 55 -35.27 24.45 -6.13
N ARG B 56 -35.79 24.89 -7.28
CA ARG B 56 -36.98 24.27 -7.84
C ARG B 56 -36.77 23.96 -9.31
N VAL B 57 -36.96 22.70 -9.66
CA VAL B 57 -36.79 22.25 -11.03
C VAL B 57 -38.18 21.95 -11.59
N HIS B 58 -38.66 22.82 -12.49
CA HIS B 58 -39.97 22.66 -13.10
C HIS B 58 -39.87 21.74 -14.31
N THR B 59 -40.85 20.87 -14.49
CA THR B 59 -40.86 19.95 -15.62
C THR B 59 -42.05 20.19 -16.54
N ASP B 60 -42.04 19.54 -17.70
CA ASP B 60 -43.12 19.70 -18.68
C ASP B 60 -44.43 19.14 -18.13
N ALA B 61 -44.32 18.30 -17.10
CA ALA B 61 -45.50 17.76 -16.44
C ALA B 61 -45.71 18.74 -15.31
N GLY B 62 -46.84 18.68 -14.62
CA GLY B 62 -47.05 19.63 -13.54
C GLY B 62 -46.08 19.47 -12.37
N ILE B 63 -45.19 18.49 -12.47
CA ILE B 63 -44.22 18.20 -11.42
C ILE B 63 -43.09 19.20 -11.17
N ILE B 64 -42.92 19.59 -9.91
CA ILE B 64 -41.85 20.51 -9.54
C ILE B 64 -40.93 19.86 -8.52
N GLY B 65 -39.66 19.68 -8.88
CA GLY B 65 -38.71 19.10 -7.96
C GLY B 65 -38.19 20.22 -7.10
N GLU B 66 -38.11 20.02 -5.79
CA GLU B 66 -37.63 21.08 -4.91
C GLU B 66 -36.99 20.58 -3.63
N ALA B 67 -36.02 21.35 -3.18
CA ALA B 67 -35.30 21.06 -1.94
C ALA B 67 -34.45 22.26 -1.62
N TYR B 68 -34.12 22.43 -0.34
CA TYR B 68 -33.23 23.52 0.05
C TYR B 68 -31.94 22.80 0.38
N THR B 69 -30.81 23.45 0.19
CA THR B 69 -29.57 22.75 0.43
C THR B 69 -28.40 23.62 0.84
N GLY B 70 -27.53 23.03 1.67
CA GLY B 70 -26.34 23.73 2.11
C GLY B 70 -26.56 24.87 3.08
N ASP B 71 -25.50 25.18 3.80
CA ASP B 71 -25.48 26.26 4.78
C ASP B 71 -24.43 27.24 4.31
N GLU B 72 -24.60 27.74 3.09
CA GLU B 72 -23.67 28.69 2.49
C GLU B 72 -24.19 30.11 2.61
N HIS B 73 -23.41 30.99 3.24
CA HIS B 73 -23.85 32.37 3.40
C HIS B 73 -22.99 33.39 2.67
N GLU B 74 -21.69 33.36 2.92
CA GLU B 74 -20.76 34.29 2.29
C GLU B 74 -20.68 34.08 0.77
N THR B 75 -20.89 32.85 0.34
CA THR B 75 -20.80 32.49 -1.07
C THR B 75 -22.14 32.20 -1.74
N MSE B 76 -23.22 32.44 -1.00
CA MSE B 76 -24.56 32.18 -1.50
C MSE B 76 -24.88 32.67 -2.91
O MSE B 76 -25.36 31.91 -3.76
CB MSE B 76 -25.58 32.77 -0.52
CG MSE B 76 -27.01 32.59 -0.92
SE MSE B 76 -28.20 32.97 0.53
CE MSE B 76 -28.36 31.19 1.23
N PHE B 77 -24.62 33.95 -3.18
CA PHE B 77 -24.91 34.51 -4.50
C PHE B 77 -23.99 34.05 -5.61
N ASP B 78 -22.80 33.57 -5.26
CA ASP B 78 -21.89 33.06 -6.28
C ASP B 78 -22.41 31.69 -6.68
N ILE B 79 -22.91 30.96 -5.69
CA ILE B 79 -23.46 29.62 -5.93
C ILE B 79 -24.74 29.73 -6.76
N ASP B 80 -25.55 30.73 -6.45
CA ASP B 80 -26.80 30.95 -7.18
C ASP B 80 -26.46 31.25 -8.64
N ARG B 81 -25.37 31.99 -8.83
CA ARG B 81 -24.90 32.38 -10.15
C ARG B 81 -24.46 31.15 -10.94
N ILE B 82 -23.76 30.23 -10.30
CA ILE B 82 -23.29 29.02 -10.96
C ILE B 82 -24.48 28.22 -11.45
N ILE B 83 -25.42 27.99 -10.55
CA ILE B 83 -26.63 27.25 -10.87
C ILE B 83 -27.28 27.76 -12.15
N HIS B 84 -27.56 29.06 -12.17
CA HIS B 84 -28.21 29.68 -13.32
C HIS B 84 -27.38 29.88 -14.58
N GLU B 85 -26.10 30.20 -14.44
CA GLU B 85 -25.27 30.44 -15.62
C GLU B 85 -24.55 29.21 -16.15
N GLU B 86 -24.20 28.28 -15.27
CA GLU B 86 -23.48 27.10 -15.69
C GLU B 86 -24.30 25.80 -15.70
N LEU B 87 -25.09 25.58 -14.66
CA LEU B 87 -25.89 24.36 -14.58
C LEU B 87 -27.20 24.38 -15.39
N ALA B 88 -27.96 25.46 -15.29
CA ALA B 88 -29.22 25.58 -16.01
C ALA B 88 -29.09 25.25 -17.51
N PRO B 89 -28.00 25.69 -18.15
CA PRO B 89 -27.82 25.40 -19.60
C PRO B 89 -27.70 23.91 -19.92
N THR B 90 -27.32 23.09 -18.94
CA THR B 90 -27.17 21.65 -19.14
C THR B 90 -28.41 20.87 -18.71
N LEU B 91 -29.39 21.58 -18.14
CA LEU B 91 -30.60 20.93 -17.66
C LEU B 91 -31.87 21.24 -18.43
N ILE B 92 -32.15 22.52 -18.63
CA ILE B 92 -33.37 22.89 -19.33
C ILE B 92 -33.43 22.30 -20.72
N GLY B 93 -34.50 21.57 -20.99
CA GLY B 93 -34.67 20.94 -22.28
C GLY B 93 -34.19 19.49 -22.27
N GLN B 94 -33.68 19.03 -21.13
CA GLN B 94 -33.18 17.66 -21.01
C GLN B 94 -34.12 16.82 -20.15
N ASP B 95 -33.93 15.51 -20.18
CA ASP B 95 -34.74 14.56 -19.44
C ASP B 95 -34.28 14.39 -17.98
N ALA B 96 -35.10 14.85 -17.04
CA ALA B 96 -34.77 14.75 -15.62
C ALA B 96 -34.60 13.30 -15.17
N MSE B 97 -35.20 12.39 -15.93
CA MSE B 97 -35.15 10.96 -15.64
C MSE B 97 -33.77 10.33 -15.89
O MSE B 97 -33.46 9.29 -15.31
CB MSE B 97 -36.20 10.24 -16.49
CG MSE B 97 -37.07 9.24 -15.75
SE MSE B 97 -38.00 10.04 -14.24
CE MSE B 97 -39.22 11.15 -15.19
N ALA B 98 -32.95 10.95 -16.73
CA ALA B 98 -31.61 10.44 -17.03
C ALA B 98 -30.59 11.13 -16.14
N ILE B 99 -30.67 10.85 -14.84
CA ILE B 99 -29.81 11.46 -13.86
C ILE B 99 -28.29 11.38 -14.08
N GLU B 100 -27.78 10.20 -14.42
CA GLU B 100 -26.34 10.07 -14.66
C GLU B 100 -25.90 10.97 -15.81
N ARG B 101 -26.76 11.10 -16.82
CA ARG B 101 -26.44 11.94 -17.97
C ARG B 101 -26.31 13.39 -17.52
N LEU B 102 -27.30 13.85 -16.76
CA LEU B 102 -27.31 15.23 -16.28
C LEU B 102 -26.12 15.51 -15.37
N TRP B 103 -25.91 14.66 -14.38
CA TRP B 103 -24.81 14.83 -13.45
C TRP B 103 -23.46 14.87 -14.20
N ASP B 104 -23.27 13.94 -15.13
CA ASP B 104 -22.04 13.88 -15.90
C ASP B 104 -21.79 15.19 -16.61
N SER B 105 -22.87 15.79 -17.10
CA SER B 105 -22.77 17.03 -17.82
C SER B 105 -22.56 18.23 -16.89
N GLY B 106 -23.17 18.20 -15.71
CA GLY B 106 -23.01 19.32 -14.80
C GLY B 106 -21.73 19.31 -13.99
N TYR B 107 -21.12 18.14 -13.88
CA TYR B 107 -19.88 17.95 -13.13
C TYR B 107 -18.79 18.93 -13.54
N LYS B 108 -18.77 19.30 -14.81
CA LYS B 108 -17.76 20.22 -15.30
C LYS B 108 -17.68 21.51 -14.49
N VAL B 109 -18.73 21.83 -13.74
CA VAL B 109 -18.70 23.06 -12.93
C VAL B 109 -17.69 22.95 -11.79
N THR B 110 -17.14 21.75 -11.58
CA THR B 110 -16.16 21.55 -10.51
C THR B 110 -14.73 21.65 -11.02
N PHE B 111 -14.58 21.86 -12.33
CA PHE B 111 -13.26 21.95 -12.95
C PHE B 111 -12.54 23.29 -12.79
N ASP B 112 -13.28 24.33 -12.46
CA ASP B 112 -12.69 25.67 -12.32
C ASP B 112 -11.49 25.67 -11.37
N ILE B 113 -10.30 25.93 -11.92
CA ILE B 113 -9.07 25.95 -11.14
C ILE B 113 -8.94 27.27 -10.35
N LEU B 114 -9.67 28.28 -10.79
CA LEU B 114 -9.61 29.61 -10.18
C LEU B 114 -10.54 29.89 -9.00
N ARG B 115 -11.29 28.89 -8.54
CA ARG B 115 -12.20 29.14 -7.43
C ARG B 115 -12.35 27.95 -6.49
N ASP B 116 -12.87 28.23 -5.30
CA ASP B 116 -13.11 27.19 -4.29
C ASP B 116 -13.93 26.12 -4.98
N ARG B 117 -13.43 24.89 -5.01
CA ARG B 117 -14.16 23.82 -5.69
C ARG B 117 -15.52 23.57 -5.02
N ARG B 118 -15.63 23.94 -3.74
CA ARG B 118 -16.86 23.76 -3.01
C ARG B 118 -18.02 24.53 -3.63
N LEU B 119 -17.72 25.63 -4.31
CA LEU B 119 -18.78 26.43 -4.94
C LEU B 119 -19.49 25.59 -5.98
N GLY B 120 -18.73 24.98 -6.87
CA GLY B 120 -19.32 24.14 -7.88
C GLY B 120 -20.01 22.92 -7.30
N LEU B 121 -19.39 22.28 -6.31
CA LEU B 121 -19.98 21.09 -5.70
C LEU B 121 -21.30 21.41 -5.01
N VAL B 122 -21.39 22.56 -4.38
CA VAL B 122 -22.62 22.95 -3.71
C VAL B 122 -23.71 23.24 -4.74
N ALA B 123 -23.33 23.89 -5.83
CA ALA B 123 -24.26 24.22 -6.89
C ALA B 123 -24.79 22.94 -7.54
N LEU B 124 -23.89 22.00 -7.79
CA LEU B 124 -24.26 20.73 -8.40
C LEU B 124 -25.19 19.96 -7.47
N ALA B 125 -24.92 20.03 -6.16
CA ALA B 125 -25.75 19.32 -5.18
C ALA B 125 -27.16 19.89 -5.13
N ALA B 126 -27.27 21.20 -5.21
CA ALA B 126 -28.57 21.85 -5.16
C ALA B 126 -29.46 21.33 -6.27
N VAL B 127 -28.93 21.38 -7.49
CA VAL B 127 -29.64 20.92 -8.67
C VAL B 127 -29.92 19.42 -8.64
N ASN B 128 -28.95 18.62 -8.23
CA ASN B 128 -29.11 17.17 -8.18
C ASN B 128 -30.15 16.72 -7.14
N THR B 129 -30.23 17.44 -6.02
CA THR B 129 -31.20 17.06 -5.00
C THR B 129 -32.61 17.40 -5.46
N ALA B 130 -32.77 18.52 -6.15
CA ALA B 130 -34.09 18.92 -6.63
C ALA B 130 -34.61 17.99 -7.72
N ILE B 131 -33.75 17.62 -8.67
CA ILE B 131 -34.23 16.73 -9.72
C ILE B 131 -34.57 15.35 -9.16
N TRP B 132 -33.85 14.91 -8.13
CA TRP B 132 -34.16 13.61 -7.52
C TRP B 132 -35.56 13.69 -6.89
N ASP B 133 -35.89 14.84 -6.31
CA ASP B 133 -37.20 15.03 -5.71
C ASP B 133 -38.22 14.92 -6.84
N ALA B 134 -37.91 15.54 -7.98
CA ALA B 134 -38.78 15.51 -9.14
C ALA B 134 -38.98 14.08 -9.64
N VAL B 135 -37.90 13.31 -9.70
CA VAL B 135 -37.98 11.92 -10.17
C VAL B 135 -38.81 11.10 -9.19
N GLY B 136 -38.60 11.32 -7.90
CA GLY B 136 -39.36 10.60 -6.90
C GLY B 136 -40.85 10.85 -7.07
N LYS B 137 -41.21 12.12 -7.31
CA LYS B 137 -42.60 12.49 -7.51
C LYS B 137 -43.17 11.88 -8.79
N ALA B 138 -42.39 11.92 -9.86
CA ALA B 138 -42.83 11.35 -11.14
C ALA B 138 -43.09 9.85 -10.99
N LEU B 139 -42.25 9.16 -10.23
CA LEU B 139 -42.41 7.72 -10.05
C LEU B 139 -43.28 7.37 -8.84
N LYS B 140 -43.88 8.38 -8.22
CA LYS B 140 -44.73 8.17 -7.05
C LYS B 140 -43.98 7.34 -6.01
N MSE B 141 -42.68 7.57 -5.89
CA MSE B 141 -41.84 6.86 -4.95
C MSE B 141 -41.11 7.75 -3.96
O MSE B 141 -40.51 8.75 -4.35
CB MSE B 141 -40.77 6.06 -5.71
CG MSE B 141 -41.28 4.82 -6.44
SE MSE B 141 -41.60 3.38 -5.19
CE MSE B 141 -39.78 2.69 -5.07
N PRO B 142 -41.16 7.40 -2.66
CA PRO B 142 -40.46 8.22 -1.67
C PRO B 142 -38.97 7.91 -1.87
N LEU B 143 -38.12 8.92 -1.78
CA LEU B 143 -36.69 8.70 -2.00
C LEU B 143 -36.02 7.63 -1.12
N TRP B 144 -36.38 7.54 0.16
CA TRP B 144 -35.75 6.52 1.00
C TRP B 144 -35.99 5.13 0.42
N LYS B 145 -37.09 4.97 -0.30
CA LYS B 145 -37.38 3.67 -0.90
C LYS B 145 -36.73 3.57 -2.28
N LEU B 146 -36.82 4.63 -3.06
CA LEU B 146 -36.24 4.62 -4.41
C LEU B 146 -34.73 4.43 -4.38
N TRP B 147 -34.09 4.86 -3.30
CA TRP B 147 -32.63 4.75 -3.17
C TRP B 147 -32.18 3.43 -2.56
N GLY B 148 -33.12 2.56 -2.25
CA GLY B 148 -32.74 1.27 -1.69
C GLY B 148 -33.80 0.64 -0.79
N GLY B 149 -34.47 1.48 -0.01
CA GLY B 149 -35.53 1.00 0.86
C GLY B 149 -35.14 0.03 1.95
N TYR B 150 -33.93 0.14 2.49
CA TYR B 150 -33.53 -0.76 3.55
C TYR B 150 -34.50 -0.65 4.74
N ARG B 151 -34.82 0.59 5.12
CA ARG B 151 -35.76 0.85 6.21
C ARG B 151 -36.32 2.27 6.05
N ASN B 152 -37.32 2.62 6.87
CA ASN B 152 -37.91 3.95 6.80
C ASN B 152 -37.90 4.67 8.15
N GLU B 153 -37.09 4.18 9.08
CA GLU B 153 -36.97 4.80 10.39
C GLU B 153 -35.53 4.72 10.87
N LEU B 154 -35.07 5.75 11.56
CA LEU B 154 -33.71 5.79 12.08
C LEU B 154 -33.57 6.80 13.21
N PRO B 155 -32.59 6.58 14.10
CA PRO B 155 -32.38 7.51 15.22
C PRO B 155 -31.92 8.89 14.76
N MSE B 156 -32.25 9.89 15.56
CA MSE B 156 -31.92 11.29 15.28
C MSE B 156 -31.17 11.88 16.47
O MSE B 156 -31.67 11.83 17.60
CB MSE B 156 -33.20 12.08 15.06
CG MSE B 156 -33.42 12.50 13.63
SE MSE B 156 -32.50 14.15 13.22
CE MSE B 156 -33.98 15.15 12.52
N ILE B 157 -29.99 12.43 16.23
CA ILE B 157 -29.20 13.04 17.30
C ILE B 157 -29.05 14.54 17.04
N ALA B 158 -28.71 15.29 18.08
CA ALA B 158 -28.53 16.73 17.94
C ALA B 158 -27.06 17.13 18.02
N ILE B 159 -26.67 18.09 17.19
CA ILE B 159 -25.30 18.58 17.21
C ILE B 159 -25.26 19.62 18.31
N GLY B 160 -24.48 19.37 19.37
CA GLY B 160 -24.41 20.33 20.44
C GLY B 160 -23.11 20.29 21.23
N GLY B 161 -23.22 20.62 22.52
CA GLY B 161 -22.06 20.62 23.38
C GLY B 161 -21.06 21.68 22.99
N TYR B 162 -21.55 22.80 22.48
CA TYR B 162 -20.68 23.90 22.06
C TYR B 162 -19.96 24.52 23.27
N TYR B 163 -18.71 24.92 23.06
CA TYR B 163 -17.92 25.53 24.12
C TYR B 163 -18.58 26.85 24.51
N GLY B 164 -18.61 27.14 25.81
CA GLY B 164 -19.21 28.38 26.25
C GLY B 164 -20.60 28.23 26.84
N GLU B 165 -21.16 27.02 26.76
CA GLU B 165 -22.49 26.77 27.30
C GLU B 165 -23.55 27.70 26.71
N PRO B 166 -23.62 27.81 25.36
CA PRO B 166 -24.62 28.69 24.74
C PRO B 166 -26.06 28.25 24.99
N LEU B 167 -26.25 26.98 25.35
CA LEU B 167 -27.58 26.46 25.64
C LEU B 167 -27.65 25.97 27.08
N GLY B 168 -26.92 26.63 27.96
CA GLY B 168 -26.92 26.26 29.36
C GLY B 168 -25.83 25.26 29.71
N SER B 169 -25.89 24.73 30.93
CA SER B 169 -24.92 23.76 31.39
C SER B 169 -25.01 22.47 30.58
N ILE B 170 -23.98 21.64 30.67
CA ILE B 170 -23.96 20.38 29.95
C ILE B 170 -25.20 19.57 30.32
N ALA B 171 -25.43 19.45 31.62
CA ALA B 171 -26.57 18.70 32.14
C ALA B 171 -27.90 19.19 31.59
N ASP B 172 -28.08 20.51 31.54
CA ASP B 172 -29.32 21.08 31.03
C ASP B 172 -29.49 20.86 29.54
N GLU B 173 -28.40 20.94 28.79
CA GLU B 173 -28.47 20.75 27.35
C GLU B 173 -28.87 19.32 26.99
N MSE B 174 -28.26 18.35 27.66
CA MSE B 174 -28.56 16.94 27.42
C MSE B 174 -30.02 16.64 27.76
O MSE B 174 -30.70 15.89 27.06
CB MSE B 174 -27.64 16.05 28.26
CG MSE B 174 -26.16 16.25 27.99
SE MSE B 174 -25.72 16.14 26.09
CE MSE B 174 -25.50 18.01 25.72
N HIS B 175 -30.48 17.26 28.84
CA HIS B 175 -31.86 17.07 29.28
C HIS B 175 -32.80 17.74 28.27
N ASN B 176 -32.39 18.90 27.76
CA ASN B 176 -33.19 19.62 26.78
C ASN B 176 -33.36 18.78 25.50
N TYR B 177 -32.29 18.13 25.06
CA TYR B 177 -32.34 17.30 23.87
C TYR B 177 -33.20 16.07 24.16
N GLN B 178 -33.09 15.60 25.38
CA GLN B 178 -33.84 14.45 25.84
C GLN B 178 -35.33 14.80 25.84
N GLU B 179 -35.64 16.04 26.22
CA GLU B 179 -37.02 16.51 26.25
C GLU B 179 -37.60 16.57 24.85
N LEU B 180 -36.73 16.88 23.88
CA LEU B 180 -37.14 16.97 22.48
C LEU B 180 -37.38 15.61 21.83
N GLY B 181 -37.03 14.54 22.55
CA GLY B 181 -37.22 13.21 22.01
C GLY B 181 -36.09 12.73 21.10
N LEU B 182 -34.97 13.43 21.14
CA LEU B 182 -33.80 13.07 20.33
C LEU B 182 -33.13 11.82 20.90
N ALA B 183 -32.49 11.06 20.02
CA ALA B 183 -31.81 9.82 20.43
C ALA B 183 -30.44 10.07 21.04
N GLY B 184 -29.84 11.22 20.76
CA GLY B 184 -28.54 11.50 21.30
C GLY B 184 -27.93 12.82 20.90
N VAL B 185 -26.62 12.93 21.06
CA VAL B 185 -25.93 14.18 20.73
C VAL B 185 -24.56 13.96 20.11
N LYS B 186 -24.15 14.92 19.29
CA LYS B 186 -22.82 14.90 18.69
C LYS B 186 -22.15 16.03 19.48
N PHE B 187 -21.49 15.65 20.56
CA PHE B 187 -20.83 16.56 21.48
C PHE B 187 -19.52 17.16 20.97
N LYS B 188 -19.46 18.49 20.87
CA LYS B 188 -18.26 19.16 20.40
C LYS B 188 -17.11 19.10 21.40
N VAL B 189 -15.91 18.85 20.87
CA VAL B 189 -14.68 18.79 21.66
C VAL B 189 -13.54 19.29 20.76
N GLY B 190 -12.31 18.85 21.03
CA GLY B 190 -11.19 19.27 20.21
C GLY B 190 -10.62 20.64 20.52
N GLY B 191 -11.12 21.28 21.57
CA GLY B 191 -10.63 22.61 21.93
C GLY B 191 -9.80 22.69 23.20
N LEU B 192 -10.06 21.80 24.14
CA LEU B 192 -9.32 21.79 25.39
C LEU B 192 -8.34 20.63 25.42
N SER B 193 -7.80 20.33 26.59
CA SER B 193 -6.86 19.23 26.73
C SER B 193 -7.65 17.94 26.86
N ALA B 194 -6.97 16.80 26.74
CA ALA B 194 -7.61 15.50 26.85
C ALA B 194 -8.38 15.38 28.16
N ALA B 195 -7.77 15.84 29.25
CA ALA B 195 -8.40 15.77 30.57
C ALA B 195 -9.65 16.64 30.63
N GLU B 196 -9.50 17.89 30.18
CA GLU B 196 -10.59 18.85 30.19
C GLU B 196 -11.78 18.44 29.33
N ASP B 197 -11.54 18.09 28.06
CA ASP B 197 -12.63 17.67 27.21
C ASP B 197 -13.22 16.34 27.68
N ALA B 198 -12.36 15.47 28.21
CA ALA B 198 -12.84 14.18 28.70
C ALA B 198 -13.78 14.38 29.90
N ALA B 199 -13.57 15.47 30.64
CA ALA B 199 -14.40 15.77 31.80
C ALA B 199 -15.79 16.12 31.30
N ARG B 200 -15.83 17.03 30.33
CA ARG B 200 -17.09 17.47 29.74
C ARG B 200 -17.89 16.28 29.22
N ILE B 201 -17.23 15.41 28.45
CA ILE B 201 -17.88 14.23 27.90
C ILE B 201 -18.46 13.39 29.04
N THR B 202 -17.70 13.28 30.14
CA THR B 202 -18.15 12.52 31.29
C THR B 202 -19.41 13.16 31.88
N ALA B 203 -19.45 14.48 31.88
CA ALA B 203 -20.61 15.20 32.41
C ALA B 203 -21.84 14.93 31.54
N ALA B 204 -21.60 14.69 30.24
CA ALA B 204 -22.67 14.40 29.31
C ALA B 204 -23.29 13.04 29.61
N ARG B 205 -22.43 12.03 29.72
CA ARG B 205 -22.87 10.66 30.03
C ARG B 205 -23.69 10.65 31.32
N GLU B 206 -23.13 11.28 32.36
CA GLU B 206 -23.79 11.35 33.65
C GLU B 206 -25.15 12.03 33.59
N ALA B 207 -25.21 13.17 32.90
CA ALA B 207 -26.43 13.94 32.78
C ALA B 207 -27.51 13.23 31.96
N ALA B 208 -27.11 12.39 31.01
CA ALA B 208 -28.07 11.72 30.14
C ALA B 208 -28.39 10.25 30.42
N GLY B 209 -27.51 9.56 31.13
CA GLY B 209 -27.75 8.16 31.41
C GLY B 209 -27.20 7.26 30.31
N ASP B 210 -27.44 5.96 30.43
CA ASP B 210 -26.93 5.00 29.47
C ASP B 210 -27.59 4.94 28.09
N ASP B 211 -28.92 4.89 28.01
CA ASP B 211 -29.52 4.85 26.69
C ASP B 211 -29.75 6.23 26.10
N PHE B 212 -28.69 6.74 25.49
CA PHE B 212 -28.66 8.03 24.86
C PHE B 212 -27.37 7.96 24.05
N ILE B 213 -27.45 8.22 22.75
CA ILE B 213 -26.27 8.14 21.90
C ILE B 213 -25.34 9.33 22.06
N ILE B 214 -24.07 9.08 22.34
CA ILE B 214 -23.12 10.16 22.48
C ILE B 214 -21.95 9.99 21.51
N CYS B 215 -21.88 10.88 20.53
CA CYS B 215 -20.80 10.90 19.56
C CYS B 215 -20.07 12.20 19.91
N ILE B 216 -18.79 12.28 19.59
CA ILE B 216 -18.05 13.52 19.83
C ILE B 216 -17.37 13.94 18.53
N ASP B 217 -17.25 15.24 18.33
CA ASP B 217 -16.65 15.80 17.13
C ASP B 217 -15.62 16.85 17.51
N ALA B 218 -14.36 16.60 17.15
CA ALA B 218 -13.28 17.54 17.48
C ALA B 218 -13.03 18.53 16.34
N ASN B 219 -13.70 18.32 15.21
CA ASN B 219 -13.54 19.19 14.05
C ASN B 219 -12.06 19.42 13.70
N GLN B 220 -11.29 18.34 13.63
CA GLN B 220 -9.87 18.42 13.28
C GLN B 220 -9.06 19.27 14.27
N GLY B 221 -9.48 19.27 15.53
CA GLY B 221 -8.78 20.09 16.51
C GLY B 221 -7.56 19.55 17.24
N TYR B 222 -7.42 18.23 17.38
CA TYR B 222 -6.28 17.68 18.12
C TYR B 222 -5.10 17.19 17.31
N LYS B 223 -4.02 16.92 18.04
CA LYS B 223 -2.84 16.33 17.45
C LYS B 223 -3.06 14.88 17.85
N PRO B 224 -2.60 13.94 17.02
CA PRO B 224 -2.74 12.51 17.27
C PRO B 224 -2.64 12.04 18.72
N ALA B 225 -1.56 12.42 19.40
CA ALA B 225 -1.34 12.01 20.79
C ALA B 225 -2.45 12.42 21.74
N VAL B 226 -2.95 13.63 21.58
CA VAL B 226 -4.01 14.14 22.43
C VAL B 226 -5.34 13.43 22.15
N ALA B 227 -5.61 13.17 20.87
CA ALA B 227 -6.86 12.49 20.51
C ALA B 227 -6.83 11.07 21.06
N VAL B 228 -5.66 10.44 20.97
CA VAL B 228 -5.52 9.08 21.47
C VAL B 228 -5.73 9.08 22.97
N ASP B 229 -5.11 10.04 23.65
CA ASP B 229 -5.26 10.16 25.11
C ASP B 229 -6.73 10.32 25.46
N LEU B 230 -7.41 11.23 24.77
CA LEU B 230 -8.84 11.47 25.01
C LEU B 230 -9.65 10.19 24.77
N SER B 231 -9.42 9.56 23.63
CA SER B 231 -10.12 8.33 23.26
C SER B 231 -10.00 7.28 24.35
N ARG B 232 -8.78 7.10 24.84
CA ARG B 232 -8.53 6.13 25.90
C ARG B 232 -9.23 6.51 27.20
N ARG B 233 -9.21 7.79 27.55
CA ARG B 233 -9.85 8.26 28.79
C ARG B 233 -11.37 8.02 28.80
N ILE B 234 -12.03 8.16 27.65
CA ILE B 234 -13.47 7.97 27.58
C ILE B 234 -13.89 6.57 27.15
N ALA B 235 -12.94 5.64 27.18
CA ALA B 235 -13.18 4.25 26.76
C ALA B 235 -14.36 3.54 27.41
N ASP B 236 -14.77 3.98 28.59
CA ASP B 236 -15.87 3.33 29.30
C ASP B 236 -17.17 4.14 29.31
N LEU B 237 -17.21 5.23 28.55
CA LEU B 237 -18.40 6.06 28.50
C LEU B 237 -19.27 5.67 27.31
N ASN B 238 -18.86 4.59 26.64
CA ASN B 238 -19.57 4.07 25.48
C ASN B 238 -19.88 5.16 24.45
N ILE B 239 -18.83 5.70 23.83
CA ILE B 239 -18.99 6.73 22.82
C ILE B 239 -19.23 6.08 21.47
N ARG B 240 -20.25 6.55 20.75
CA ARG B 240 -20.59 5.98 19.45
C ARG B 240 -19.43 6.10 18.46
N TRP B 241 -18.91 7.30 18.29
CA TRP B 241 -17.77 7.50 17.40
C TRP B 241 -17.07 8.81 17.69
N PHE B 242 -15.84 8.94 17.17
CA PHE B 242 -14.99 10.11 17.34
C PHE B 242 -14.81 10.68 15.94
N GLU B 243 -15.42 11.84 15.70
CA GLU B 243 -15.40 12.50 14.40
C GLU B 243 -14.29 13.54 14.21
N GLU B 244 -13.61 13.50 13.05
CA GLU B 244 -12.53 14.46 12.72
C GLU B 244 -11.66 14.69 13.95
N PRO B 245 -11.00 13.64 14.44
CA PRO B 245 -10.16 13.85 15.62
C PRO B 245 -8.90 14.69 15.45
N VAL B 246 -8.26 14.62 14.28
CA VAL B 246 -6.99 15.32 14.07
C VAL B 246 -6.87 16.45 13.07
N GLU B 247 -5.74 17.17 13.17
CA GLU B 247 -5.43 18.29 12.28
C GLU B 247 -5.53 17.82 10.83
N TRP B 248 -5.96 18.73 9.97
CA TRP B 248 -6.21 18.48 8.57
C TRP B 248 -5.14 17.94 7.62
N HIS B 249 -3.93 18.48 7.68
CA HIS B 249 -2.88 18.06 6.74
C HIS B 249 -2.65 16.57 6.53
N ASN B 250 -2.53 15.81 7.60
CA ASN B 250 -2.31 14.37 7.46
C ASN B 250 -3.46 13.59 8.13
N ASP B 251 -4.67 14.13 8.06
CA ASP B 251 -5.80 13.50 8.75
C ASP B 251 -6.02 12.01 8.52
N LYS B 252 -5.98 11.56 7.28
CA LYS B 252 -6.19 10.15 6.96
C LYS B 252 -5.34 9.20 7.81
N ARG B 253 -4.01 9.35 7.71
CA ARG B 253 -3.10 8.49 8.46
C ARG B 253 -3.16 8.73 9.96
N SER B 254 -3.26 10.00 10.36
CA SER B 254 -3.31 10.33 11.77
C SER B 254 -4.57 9.79 12.46
N MSE B 255 -5.73 9.90 11.82
CA MSE B 255 -6.91 9.35 12.47
C MSE B 255 -6.88 7.83 12.45
O MSE B 255 -7.43 7.19 13.35
CB MSE B 255 -8.21 9.91 11.86
CG MSE B 255 -8.53 9.58 10.43
SE MSE B 255 -10.27 10.39 9.98
CE MSE B 255 -11.34 8.88 10.25
N ARG B 256 -6.24 7.24 11.45
CA ARG B 256 -6.14 5.79 11.43
C ARG B 256 -5.40 5.37 12.71
N ASP B 257 -4.38 6.12 13.08
CA ASP B 257 -3.62 5.80 14.28
C ASP B 257 -4.49 6.05 15.52
N VAL B 258 -5.31 7.10 15.49
CA VAL B 258 -6.20 7.37 16.63
C VAL B 258 -7.15 6.17 16.75
N ARG B 259 -7.62 5.72 15.60
CA ARG B 259 -8.52 4.58 15.51
C ARG B 259 -7.92 3.31 16.09
N TYR B 260 -6.64 3.06 15.78
CA TYR B 260 -5.97 1.86 16.26
C TYR B 260 -5.33 1.97 17.65
N GLN B 261 -4.83 3.14 18.02
CA GLN B 261 -4.24 3.30 19.34
C GLN B 261 -5.30 3.69 20.36
N GLY B 262 -6.39 4.30 19.87
CA GLY B 262 -7.47 4.72 20.73
C GLY B 262 -8.42 3.60 21.11
N SER B 263 -9.63 3.93 21.53
CA SER B 263 -10.59 2.93 21.96
C SER B 263 -12.01 3.16 21.43
N VAL B 264 -12.18 4.19 20.61
CA VAL B 264 -13.49 4.48 20.06
C VAL B 264 -13.45 4.56 18.53
N PRO B 265 -14.56 4.17 17.87
CA PRO B 265 -14.63 4.21 16.41
C PRO B 265 -14.46 5.62 15.87
N VAL B 266 -13.82 5.72 14.72
CA VAL B 266 -13.56 7.02 14.10
C VAL B 266 -14.45 7.28 12.89
N CYS B 267 -14.90 8.53 12.78
CA CYS B 267 -15.77 8.94 11.69
C CYS B 267 -15.25 10.18 10.97
N ALA B 268 -15.37 10.18 9.65
CA ALA B 268 -14.94 11.32 8.85
C ALA B 268 -15.51 11.23 7.43
N GLY B 269 -15.26 12.25 6.63
CA GLY B 269 -15.77 12.26 5.27
C GLY B 269 -16.38 13.60 4.89
N GLN B 270 -16.99 14.28 5.84
CA GLN B 270 -17.60 15.58 5.56
C GLN B 270 -16.63 16.58 4.95
N THR B 271 -15.34 16.41 5.24
CA THR B 271 -14.36 17.34 4.70
C THR B 271 -13.83 16.92 3.33
N GLU B 272 -14.23 15.74 2.85
CA GLU B 272 -13.77 15.28 1.55
C GLU B 272 -14.58 15.94 0.43
N PHE B 273 -13.98 16.08 -0.75
CA PHE B 273 -14.65 16.72 -1.89
C PHE B 273 -15.37 15.75 -2.81
N SER B 274 -15.01 14.46 -2.76
CA SER B 274 -15.63 13.49 -3.65
C SER B 274 -15.60 12.07 -3.10
N ALA B 275 -16.22 11.16 -3.84
CA ALA B 275 -16.26 9.75 -3.45
C ALA B 275 -14.83 9.20 -3.45
N SER B 276 -13.99 9.77 -4.31
CA SER B 276 -12.59 9.34 -4.39
C SER B 276 -11.91 9.66 -3.05
N GLY B 277 -12.18 10.84 -2.51
CA GLY B 277 -11.59 11.22 -1.23
C GLY B 277 -12.01 10.26 -0.13
N CYS B 278 -13.29 9.90 -0.09
CA CYS B 278 -13.79 8.98 0.92
C CYS B 278 -13.18 7.59 0.69
N ARG B 279 -13.02 7.21 -0.57
CA ARG B 279 -12.43 5.94 -0.90
C ARG B 279 -11.02 5.94 -0.28
N ASP B 280 -10.34 7.08 -0.34
CA ASP B 280 -8.99 7.22 0.23
C ASP B 280 -9.00 7.01 1.75
N LEU B 281 -9.96 7.60 2.44
CA LEU B 281 -10.06 7.44 3.89
C LEU B 281 -10.18 5.96 4.21
N MSE B 282 -11.13 5.29 3.54
CA MSE B 282 -11.38 3.87 3.74
C MSE B 282 -10.18 3.00 3.41
O MSE B 282 -9.86 2.07 4.13
CB MSE B 282 -12.58 3.44 2.89
CG MSE B 282 -13.89 4.03 3.40
SE MSE B 282 -15.35 3.69 2.17
CE MSE B 282 -16.21 5.42 2.18
N GLU B 283 -9.52 3.31 2.29
CA GLU B 283 -8.35 2.54 1.91
C GLU B 283 -7.24 2.68 2.96
N THR B 284 -7.12 3.85 3.57
CA THR B 284 -6.09 4.07 4.59
C THR B 284 -6.47 3.35 5.89
N GLY B 285 -7.76 3.08 6.07
CA GLY B 285 -8.20 2.42 7.29
C GLY B 285 -8.43 3.48 8.36
N ALA B 286 -8.74 4.69 7.91
CA ALA B 286 -8.98 5.83 8.79
C ALA B 286 -10.33 5.84 9.49
N ILE B 287 -11.34 5.24 8.87
CA ILE B 287 -12.70 5.32 9.42
C ILE B 287 -13.50 4.05 9.63
N ASP B 288 -14.42 4.15 10.59
CA ASP B 288 -15.36 3.08 10.90
C ASP B 288 -16.65 3.58 10.24
N VAL B 289 -16.83 4.89 10.23
CA VAL B 289 -18.01 5.52 9.65
C VAL B 289 -17.63 6.69 8.73
N CYS B 290 -18.35 6.83 7.63
CA CYS B 290 -18.13 7.91 6.68
C CYS B 290 -19.33 8.84 6.69
N ASN B 291 -19.11 10.10 7.05
CA ASN B 291 -20.21 11.06 7.12
C ASN B 291 -20.19 12.08 5.99
N PHE B 292 -19.82 11.60 4.80
CA PHE B 292 -19.76 12.40 3.59
C PHE B 292 -21.04 13.26 3.53
N ASP B 293 -20.87 14.54 3.26
CA ASP B 293 -21.99 15.48 3.18
C ASP B 293 -22.46 15.73 1.74
N SER B 294 -23.62 15.15 1.43
CA SER B 294 -24.25 15.27 0.13
C SER B 294 -24.39 16.69 -0.39
N SER B 295 -24.83 17.60 0.48
CA SER B 295 -25.03 18.99 0.09
C SER B 295 -23.77 19.78 -0.19
N TRP B 296 -22.64 19.23 0.22
CA TRP B 296 -21.35 19.89 0.06
C TRP B 296 -20.56 19.30 -1.11
N SER B 297 -21.01 18.18 -1.66
CA SER B 297 -20.24 17.55 -2.71
C SER B 297 -20.93 16.87 -3.90
N GLY B 298 -21.85 17.55 -4.55
CA GLY B 298 -22.50 16.95 -5.71
C GLY B 298 -23.87 16.34 -5.54
N GLY B 299 -24.36 16.26 -4.31
CA GLY B 299 -25.69 15.72 -4.09
C GLY B 299 -25.81 14.21 -3.85
N PRO B 300 -27.05 13.68 -3.82
CA PRO B 300 -27.34 12.27 -3.61
C PRO B 300 -26.58 11.33 -4.54
N THR B 301 -26.44 11.71 -5.79
CA THR B 301 -25.73 10.86 -6.75
C THR B 301 -24.30 10.59 -6.30
N ALA B 302 -23.60 11.62 -5.84
CA ALA B 302 -22.23 11.45 -5.36
C ALA B 302 -22.23 10.64 -4.08
N TRP B 303 -23.13 10.99 -3.17
CA TRP B 303 -23.22 10.31 -1.89
C TRP B 303 -23.53 8.82 -2.03
N LEU B 304 -24.46 8.49 -2.92
CA LEU B 304 -24.82 7.09 -3.14
C LEU B 304 -23.65 6.29 -3.71
N ARG B 305 -22.74 6.97 -4.39
CA ARG B 305 -21.55 6.29 -4.92
C ARG B 305 -20.67 5.98 -3.72
N THR B 306 -20.48 6.96 -2.86
CA THR B 306 -19.69 6.77 -1.65
C THR B 306 -20.31 5.65 -0.80
N ALA B 307 -21.64 5.62 -0.73
CA ALA B 307 -22.31 4.57 0.04
C ALA B 307 -21.94 3.19 -0.52
N ALA B 308 -21.95 3.07 -1.84
CA ALA B 308 -21.61 1.79 -2.49
C ALA B 308 -20.17 1.40 -2.18
N ILE B 309 -19.25 2.35 -2.27
CA ILE B 309 -17.86 2.09 -1.97
C ILE B 309 -17.71 1.61 -0.54
N ALA B 310 -18.49 2.22 0.37
CA ALA B 310 -18.44 1.85 1.79
C ALA B 310 -18.84 0.40 2.06
N THR B 311 -19.77 -0.16 1.27
CA THR B 311 -20.16 -1.54 1.51
C THR B 311 -19.01 -2.50 1.20
N SER B 312 -18.19 -2.14 0.21
CA SER B 312 -17.08 -3.00 -0.16
C SER B 312 -15.99 -2.98 0.91
N TYR B 313 -16.04 -1.97 1.78
CA TYR B 313 -15.07 -1.80 2.88
C TYR B 313 -15.68 -2.11 4.27
N ASP B 314 -16.94 -2.50 4.33
CA ASP B 314 -17.59 -2.75 5.63
C ASP B 314 -17.58 -1.48 6.48
N VAL B 315 -17.68 -0.32 5.81
CA VAL B 315 -17.70 0.97 6.49
C VAL B 315 -19.16 1.41 6.54
N GLN B 316 -19.59 1.98 7.67
CA GLN B 316 -20.97 2.44 7.81
C GLN B 316 -21.13 3.85 7.27
N MSE B 317 -22.36 4.23 6.97
CA MSE B 317 -22.62 5.57 6.45
C MSE B 317 -23.33 6.47 7.48
O MSE B 317 -24.19 6.03 8.23
CB MSE B 317 -23.47 5.53 5.17
CG MSE B 317 -22.75 4.96 3.95
SE MSE B 317 -21.11 5.93 3.47
CE MSE B 317 -21.86 7.66 3.07
N GLY B 318 -22.90 7.72 7.48
CA GLY B 318 -23.49 8.71 8.35
C GLY B 318 -23.71 9.86 7.38
N HIS B 319 -23.90 11.06 7.89
CA HIS B 319 -24.11 12.21 7.03
C HIS B 319 -24.09 13.48 7.86
N HIS B 320 -23.16 14.36 7.54
CA HIS B 320 -23.01 15.63 8.23
C HIS B 320 -24.26 16.48 8.06
N GLU B 321 -25.00 16.68 9.17
CA GLU B 321 -26.21 17.48 9.20
C GLU B 321 -27.16 17.27 7.99
N GLU B 322 -27.78 18.34 7.51
CA GLU B 322 -28.69 18.27 6.37
C GLU B 322 -29.75 17.18 6.52
N PRO B 323 -30.50 17.20 7.62
CA PRO B 323 -31.52 16.18 7.83
C PRO B 323 -32.61 16.09 6.76
N GLN B 324 -32.91 17.19 6.07
CA GLN B 324 -33.94 17.18 5.06
C GLN B 324 -33.63 16.24 3.90
N VAL B 325 -32.39 15.78 3.82
CA VAL B 325 -32.01 14.86 2.76
C VAL B 325 -31.30 13.63 3.31
N SER B 326 -30.53 13.81 4.39
CA SER B 326 -29.80 12.70 4.98
C SER B 326 -30.73 11.60 5.49
N THR B 327 -31.91 11.97 6.00
CA THR B 327 -32.84 10.97 6.50
C THR B 327 -33.16 9.93 5.42
N HIS B 328 -33.51 10.40 4.22
CA HIS B 328 -33.81 9.51 3.11
C HIS B 328 -32.57 8.73 2.68
N LEU B 329 -31.45 9.43 2.56
CA LEU B 329 -30.20 8.79 2.14
C LEU B 329 -29.78 7.68 3.09
N LEU B 330 -29.72 8.02 4.37
CA LEU B 330 -29.31 7.05 5.38
C LEU B 330 -30.28 5.88 5.56
N ALA B 331 -31.58 6.14 5.54
CA ALA B 331 -32.58 5.08 5.72
C ALA B 331 -32.57 4.07 4.58
N SER B 332 -32.29 4.54 3.37
CA SER B 332 -32.29 3.68 2.18
C SER B 332 -31.22 2.59 2.18
N GLN B 333 -30.14 2.82 2.94
CA GLN B 333 -29.01 1.90 2.98
C GLN B 333 -28.92 0.90 4.14
N PRO B 334 -28.41 -0.31 3.86
CA PRO B 334 -28.29 -1.34 4.91
C PRO B 334 -27.22 -1.00 5.95
N HIS B 335 -26.31 -0.09 5.60
CA HIS B 335 -25.27 0.30 6.52
C HIS B 335 -25.40 1.76 6.99
N GLY B 336 -26.59 2.31 6.86
CA GLY B 336 -26.85 3.67 7.29
C GLY B 336 -26.88 3.69 8.82
N THR B 337 -26.56 4.84 9.43
CA THR B 337 -26.54 4.91 10.89
C THR B 337 -27.55 5.84 11.54
N ILE B 338 -27.14 7.10 11.73
CA ILE B 338 -27.98 8.09 12.39
C ILE B 338 -28.04 9.43 11.66
N ALA B 339 -29.21 10.06 11.71
CA ALA B 339 -29.39 11.36 11.07
C ALA B 339 -29.09 12.41 12.16
N GLU B 340 -28.73 13.62 11.74
CA GLU B 340 -28.40 14.67 12.69
C GLU B 340 -29.08 16.01 12.38
N CYS B 341 -29.37 16.76 13.44
CA CYS B 341 -29.99 18.06 13.31
C CYS B 341 -29.46 18.95 14.42
N PHE B 342 -29.72 20.25 14.29
CA PHE B 342 -29.29 21.22 15.29
C PHE B 342 -30.42 21.49 16.25
N HIS B 343 -30.10 22.18 17.35
CA HIS B 343 -31.10 22.56 18.33
C HIS B 343 -31.89 23.66 17.63
N PRO B 344 -33.22 23.71 17.84
CA PRO B 344 -34.03 24.75 17.20
C PRO B 344 -33.42 26.15 17.33
N ASP B 345 -32.81 26.42 18.47
CA ASP B 345 -32.18 27.71 18.73
C ASP B 345 -31.00 27.96 17.80
N ARG B 346 -30.51 26.92 17.14
CA ARG B 346 -29.36 27.09 16.25
C ARG B 346 -29.66 26.81 14.78
N ASP B 347 -30.78 26.14 14.50
CA ASP B 347 -31.16 25.84 13.13
C ASP B 347 -32.68 25.95 12.99
N PRO B 348 -33.14 27.03 12.34
CA PRO B 348 -34.59 27.25 12.16
C PRO B 348 -35.16 26.63 10.89
N PHE B 349 -34.31 26.26 9.94
CA PHE B 349 -34.81 25.69 8.69
C PHE B 349 -35.47 24.33 8.84
N TRP B 350 -34.80 23.40 9.52
CA TRP B 350 -35.40 22.09 9.70
C TRP B 350 -36.67 22.17 10.55
N TRP B 351 -36.65 23.03 11.57
CA TRP B 351 -37.78 23.16 12.47
C TRP B 351 -38.88 24.10 11.98
N ASN B 352 -38.63 24.87 10.93
CA ASN B 352 -39.63 25.81 10.41
C ASN B 352 -39.94 25.69 8.92
N MSE B 353 -38.93 25.36 8.12
CA MSE B 353 -39.09 25.22 6.69
C MSE B 353 -40.10 24.14 6.29
O MSE B 353 -40.90 24.33 5.37
CB MSE B 353 -37.76 24.87 6.03
CG MSE B 353 -36.80 26.02 5.83
SE MSE B 353 -37.39 27.19 4.42
CE MSE B 353 -37.29 25.95 2.93
N ILE B 354 -40.07 23.03 7.02
CA ILE B 354 -40.94 21.90 6.72
C ILE B 354 -42.16 21.78 7.63
N THR B 355 -43.34 22.00 7.05
CA THR B 355 -44.58 21.95 7.81
C THR B 355 -45.05 20.54 8.14
N ASN B 356 -44.33 19.52 7.67
CA ASN B 356 -44.73 18.16 7.96
C ASN B 356 -43.62 17.23 8.45
N ARG B 357 -42.75 17.73 9.33
CA ARG B 357 -41.67 16.93 9.88
C ARG B 357 -42.27 15.82 10.72
N PRO B 358 -41.74 14.60 10.61
CA PRO B 358 -42.30 13.50 11.42
C PRO B 358 -41.89 13.78 12.86
N LYS B 359 -42.79 13.58 13.81
CA LYS B 359 -42.46 13.82 15.20
C LYS B 359 -41.57 12.71 15.74
N LEU B 360 -40.61 13.07 16.58
CA LEU B 360 -39.69 12.10 17.15
C LEU B 360 -40.38 11.17 18.14
N ASN B 361 -40.13 9.88 17.97
CA ASN B 361 -40.71 8.85 18.83
C ASN B 361 -39.61 7.90 19.31
N ASN B 362 -39.35 7.90 20.62
CA ASN B 362 -38.32 7.04 21.20
C ASN B 362 -36.94 7.32 20.60
N GLY B 363 -36.72 8.56 20.17
CA GLY B 363 -35.44 8.94 19.60
C GLY B 363 -35.35 8.62 18.12
N THR B 364 -36.43 8.10 17.56
CA THR B 364 -36.49 7.70 16.16
C THR B 364 -37.43 8.55 15.29
N LEU B 365 -37.07 8.70 14.02
CA LEU B 365 -37.87 9.45 13.06
C LEU B 365 -38.33 8.46 11.99
N THR B 366 -39.62 8.50 11.65
CA THR B 366 -40.14 7.61 10.62
C THR B 366 -40.56 8.42 9.42
N LEU B 367 -40.06 8.06 8.25
CA LEU B 367 -40.38 8.76 7.01
C LEU B 367 -41.66 8.24 6.36
N SER B 368 -42.46 9.15 5.82
CA SER B 368 -43.72 8.80 5.16
C SER B 368 -43.50 8.19 3.78
N ASP B 369 -44.60 7.78 3.16
CA ASP B 369 -44.57 7.20 1.82
C ASP B 369 -44.71 8.31 0.76
N ARG B 370 -44.76 9.56 1.22
CA ARG B 370 -44.87 10.69 0.31
C ARG B 370 -43.72 10.64 -0.72
N PRO B 371 -44.06 10.68 -2.01
CA PRO B 371 -43.08 10.64 -3.11
C PRO B 371 -41.99 11.70 -3.01
N GLY B 372 -40.83 11.42 -3.61
CA GLY B 372 -39.71 12.34 -3.58
C GLY B 372 -39.20 12.54 -2.16
N LEU B 373 -38.82 13.77 -1.83
CA LEU B 373 -38.34 14.09 -0.49
C LEU B 373 -39.56 14.10 0.45
N GLY B 374 -40.71 14.43 -0.12
CA GLY B 374 -41.96 14.45 0.62
C GLY B 374 -42.14 15.58 1.64
N TRP B 375 -41.44 16.69 1.43
CA TRP B 375 -41.52 17.81 2.35
C TRP B 375 -42.49 18.91 1.91
N ASP B 376 -43.30 19.37 2.86
CA ASP B 376 -44.25 20.45 2.62
C ASP B 376 -43.56 21.72 3.14
N LEU B 377 -43.16 22.58 2.22
CA LEU B 377 -42.49 23.81 2.61
C LEU B 377 -43.45 24.90 3.05
N ASN B 378 -43.06 25.63 4.09
CA ASN B 378 -43.86 26.73 4.62
C ASN B 378 -43.51 27.93 3.76
N TRP B 379 -44.44 28.36 2.93
CA TRP B 379 -44.17 29.49 2.05
C TRP B 379 -44.32 30.86 2.69
N ASP B 380 -44.83 30.90 3.92
CA ASP B 380 -44.96 32.16 4.62
C ASP B 380 -43.57 32.48 5.15
N TYR B 381 -42.90 31.42 5.58
CA TYR B 381 -41.56 31.52 6.10
C TYR B 381 -40.65 31.93 4.95
N ILE B 382 -40.80 31.24 3.81
CA ILE B 382 -39.99 31.52 2.63
C ILE B 382 -39.76 33.01 2.43
N ASP B 383 -40.73 33.82 2.83
CA ASP B 383 -40.55 35.25 2.68
C ASP B 383 -39.54 35.80 3.70
N GLN B 384 -38.27 35.53 3.38
CA GLN B 384 -37.11 35.94 4.15
C GLN B 384 -35.88 35.76 3.27
N TYR B 385 -35.91 36.36 2.09
CA TYR B 385 -34.81 36.26 1.13
C TYR B 385 -34.43 37.57 0.47
N GLY C 21 30.27 34.06 1.46
CA GLY C 21 31.03 32.79 1.27
C GLY C 21 31.93 32.45 2.45
N LEU C 22 32.41 31.21 2.47
CA LEU C 22 33.30 30.73 3.52
C LEU C 22 34.13 29.60 2.91
N THR C 23 35.28 29.97 2.35
CA THR C 23 36.15 29.01 1.69
C THR C 23 36.90 28.07 2.61
N ILE C 24 36.83 26.78 2.30
CA ILE C 24 37.49 25.75 3.08
C ILE C 24 38.97 25.59 2.67
N THR C 25 39.85 25.51 3.66
CA THR C 25 41.27 25.35 3.38
C THR C 25 41.76 23.93 3.59
N ARG C 26 41.36 23.31 4.69
CA ARG C 26 41.81 21.95 4.97
C ARG C 26 40.96 21.22 5.99
N ILE C 27 41.06 19.89 5.94
CA ILE C 27 40.32 19.04 6.85
C ILE C 27 41.29 18.36 7.77
N GLU C 28 41.08 18.53 9.06
CA GLU C 28 41.92 17.92 10.08
C GLU C 28 41.05 16.99 10.93
N THR C 29 41.56 15.80 11.22
CA THR C 29 40.82 14.87 12.06
C THR C 29 41.70 14.39 13.20
N ILE C 30 41.07 14.10 14.33
CA ILE C 30 41.78 13.64 15.51
C ILE C 30 41.09 12.42 16.07
N PRO C 31 41.57 11.22 15.72
CA PRO C 31 40.94 10.01 16.24
C PRO C 31 41.35 9.85 17.70
N MSE C 32 40.43 9.40 18.54
CA MSE C 32 40.78 9.18 19.93
C MSE C 32 40.03 8.02 20.56
O MSE C 32 38.94 7.66 20.13
CB MSE C 32 40.57 10.46 20.75
CG MSE C 32 39.23 11.13 20.60
SE MSE C 32 39.35 12.89 21.40
CE MSE C 32 39.45 12.37 23.26
N VAL C 33 40.67 7.43 21.55
CA VAL C 33 40.13 6.30 22.27
C VAL C 33 40.31 6.56 23.75
N ALA C 34 39.21 6.49 24.50
CA ALA C 34 39.24 6.74 25.93
C ALA C 34 38.68 5.56 26.69
N PRO C 35 39.19 5.32 27.90
CA PRO C 35 38.76 4.21 28.76
C PRO C 35 37.45 4.50 29.49
N LEU C 36 36.63 3.46 29.65
CA LEU C 36 35.37 3.60 30.37
C LEU C 36 35.73 3.46 31.86
N ALA C 37 35.01 4.15 32.73
CA ALA C 37 35.30 4.06 34.16
C ALA C 37 34.68 2.81 34.77
N HIS C 49 36.40 0.53 26.45
CA HIS C 49 36.79 1.75 25.74
C HIS C 49 35.72 2.33 24.82
N ARG C 50 35.77 3.66 24.66
CA ARG C 50 34.87 4.38 23.78
C ARG C 50 35.76 5.19 22.84
N ALA C 51 35.37 5.28 21.58
CA ALA C 51 36.17 6.01 20.61
C ALA C 51 35.36 7.04 19.82
N THR C 52 36.06 8.02 19.26
CA THR C 52 35.42 9.04 18.45
C THR C 52 36.45 9.77 17.61
N ILE C 53 35.97 10.57 16.67
CA ILE C 53 36.84 11.33 15.81
C ILE C 53 36.48 12.81 15.86
N VAL C 54 37.46 13.64 16.21
CA VAL C 54 37.24 15.08 16.23
C VAL C 54 37.56 15.51 14.81
N THR C 55 36.60 16.16 14.16
CA THR C 55 36.79 16.63 12.79
C THR C 55 36.77 18.16 12.78
N ARG C 56 37.75 18.75 12.12
CA ARG C 56 37.85 20.20 12.06
C ARG C 56 38.00 20.68 10.63
N VAL C 57 37.19 21.67 10.27
CA VAL C 57 37.24 22.23 8.93
C VAL C 57 37.76 23.65 9.05
N HIS C 58 38.97 23.87 8.56
CA HIS C 58 39.61 25.19 8.59
C HIS C 58 39.18 25.98 7.36
N THR C 59 38.97 27.28 7.54
CA THR C 59 38.53 28.13 6.43
C THR C 59 39.47 29.32 6.22
N ASP C 60 39.35 29.97 5.06
CA ASP C 60 40.17 31.13 4.74
C ASP C 60 39.96 32.24 5.76
N ALA C 61 38.78 32.28 6.36
CA ALA C 61 38.45 33.32 7.34
C ALA C 61 39.07 33.10 8.72
N GLY C 62 39.58 31.92 8.98
CA GLY C 62 40.17 31.64 10.28
C GLY C 62 39.19 30.89 11.18
N ILE C 63 37.93 30.85 10.78
CA ILE C 63 36.91 30.13 11.54
C ILE C 63 37.19 28.64 11.41
N ILE C 64 37.10 27.91 12.52
CA ILE C 64 37.32 26.46 12.45
C ILE C 64 36.07 25.70 12.87
N GLY C 65 35.42 25.05 11.92
CA GLY C 65 34.23 24.28 12.22
C GLY C 65 34.72 22.99 12.83
N GLU C 66 34.22 22.63 14.01
CA GLU C 66 34.67 21.41 14.65
C GLU C 66 33.59 20.71 15.43
N ALA C 67 33.75 19.40 15.56
CA ALA C 67 32.81 18.58 16.31
C ALA C 67 33.38 17.17 16.35
N TYR C 68 32.87 16.36 17.26
CA TYR C 68 33.31 14.97 17.33
C TYR C 68 32.01 14.17 17.13
N THR C 69 32.08 13.14 16.29
CA THR C 69 30.91 12.34 16.00
C THR C 69 31.19 10.86 15.96
N GLY C 70 30.12 10.07 16.05
CA GLY C 70 30.24 8.64 16.00
C GLY C 70 30.92 8.00 17.20
N ASP C 71 31.10 6.70 17.10
CA ASP C 71 31.72 5.92 18.16
C ASP C 71 32.30 4.66 17.55
N GLU C 72 32.55 4.70 16.26
CA GLU C 72 33.13 3.55 15.56
C GLU C 72 34.52 3.34 16.17
N HIS C 73 34.85 2.10 16.49
CA HIS C 73 36.14 1.80 17.09
C HIS C 73 37.03 0.89 16.24
N GLU C 74 36.48 -0.23 15.79
CA GLU C 74 37.25 -1.17 14.97
C GLU C 74 37.48 -0.56 13.59
N THR C 75 36.56 0.31 13.20
CA THR C 75 36.61 0.94 11.89
C THR C 75 36.97 2.42 11.91
N MSE C 76 37.46 2.90 13.05
CA MSE C 76 37.82 4.31 13.19
C MSE C 76 38.79 4.81 12.13
O MSE C 76 38.57 5.84 11.51
CB MSE C 76 38.41 4.55 14.58
CG MSE C 76 38.93 5.96 14.79
SE MSE C 76 39.14 6.39 16.65
CE MSE C 76 37.29 6.78 16.99
N PHE C 77 39.88 4.07 11.94
CA PHE C 77 40.88 4.48 10.97
C PHE C 77 40.44 4.30 9.54
N ASP C 78 39.43 3.45 9.31
CA ASP C 78 38.92 3.26 7.97
C ASP C 78 38.12 4.50 7.61
N ILE C 79 37.32 4.98 8.57
CA ILE C 79 36.51 6.17 8.37
C ILE C 79 37.41 7.38 8.16
N ASP C 80 38.48 7.45 8.94
CA ASP C 80 39.44 8.55 8.83
C ASP C 80 40.00 8.61 7.41
N ARG C 81 40.37 7.45 6.87
CA ARG C 81 40.91 7.36 5.52
C ARG C 81 39.89 7.86 4.49
N ILE C 82 38.62 7.54 4.70
CA ILE C 82 37.57 7.98 3.79
C ILE C 82 37.47 9.50 3.82
N ILE C 83 37.50 10.04 5.04
CA ILE C 83 37.42 11.48 5.22
C ILE C 83 38.53 12.21 4.47
N HIS C 84 39.76 11.74 4.62
CA HIS C 84 40.91 12.36 3.98
C HIS C 84 41.17 12.05 2.52
N GLU C 85 40.97 10.80 2.11
CA GLU C 85 41.22 10.44 0.71
C GLU C 85 40.01 10.61 -0.19
N GLU C 86 38.82 10.51 0.37
CA GLU C 86 37.61 10.65 -0.44
C GLU C 86 36.84 11.95 -0.30
N LEU C 87 36.62 12.42 0.93
CA LEU C 87 35.86 13.65 1.11
C LEU C 87 36.66 14.96 1.00
N ALA C 88 37.82 15.02 1.66
CA ALA C 88 38.66 16.22 1.66
C ALA C 88 38.84 16.84 0.27
N PRO C 89 39.18 16.01 -0.74
CA PRO C 89 39.37 16.53 -2.10
C PRO C 89 38.13 17.21 -2.67
N THR C 90 36.95 16.79 -2.22
CA THR C 90 35.71 17.41 -2.73
C THR C 90 35.41 18.70 -1.97
N LEU C 91 36.13 18.92 -0.88
CA LEU C 91 35.89 20.09 -0.04
C LEU C 91 36.89 21.24 -0.11
N ILE C 92 38.17 20.91 -0.20
CA ILE C 92 39.21 21.93 -0.24
C ILE C 92 38.99 22.96 -1.36
N GLY C 93 38.99 24.24 -0.97
CA GLY C 93 38.80 25.32 -1.92
C GLY C 93 37.33 25.57 -2.22
N GLN C 94 36.45 24.80 -1.60
CA GLN C 94 35.02 24.95 -1.82
C GLN C 94 34.33 25.87 -0.82
N ASP C 95 33.15 26.35 -1.18
CA ASP C 95 32.39 27.25 -0.31
C ASP C 95 31.58 26.42 0.70
N ALA C 96 32.00 26.48 1.97
CA ALA C 96 31.37 25.76 3.05
C ALA C 96 29.88 26.10 3.21
N MSE C 97 29.47 27.27 2.73
CA MSE C 97 28.07 27.66 2.87
C MSE C 97 27.13 27.07 1.83
O MSE C 97 25.90 27.19 1.96
CB MSE C 97 27.96 29.17 2.89
CG MSE C 97 28.62 29.77 4.10
SE MSE C 97 28.40 31.66 4.12
CE MSE C 97 28.28 31.93 6.04
N ALA C 98 27.69 26.45 0.80
CA ALA C 98 26.87 25.82 -0.22
C ALA C 98 26.75 24.38 0.27
N ILE C 99 26.08 24.20 1.39
CA ILE C 99 25.93 22.89 1.99
C ILE C 99 25.29 21.83 1.08
N GLU C 100 24.23 22.17 0.37
CA GLU C 100 23.59 21.19 -0.51
C GLU C 100 24.59 20.71 -1.55
N ARG C 101 25.32 21.66 -2.13
CA ARG C 101 26.31 21.33 -3.15
C ARG C 101 27.39 20.41 -2.59
N LEU C 102 27.97 20.77 -1.46
CA LEU C 102 29.01 19.92 -0.88
C LEU C 102 28.51 18.55 -0.44
N TRP C 103 27.34 18.51 0.19
CA TRP C 103 26.77 17.24 0.64
C TRP C 103 26.52 16.34 -0.58
N ASP C 104 25.97 16.92 -1.65
CA ASP C 104 25.69 16.15 -2.87
C ASP C 104 26.92 15.45 -3.43
N SER C 105 28.07 16.15 -3.43
CA SER C 105 29.29 15.55 -3.97
C SER C 105 29.87 14.50 -3.01
N GLY C 106 29.82 14.76 -1.72
CA GLY C 106 30.34 13.81 -0.76
C GLY C 106 29.50 12.53 -0.65
N TYR C 107 28.21 12.64 -0.95
CA TYR C 107 27.31 11.49 -0.87
C TYR C 107 27.86 10.25 -1.61
N LYS C 108 28.65 10.50 -2.66
CA LYS C 108 29.21 9.40 -3.46
C LYS C 108 30.01 8.39 -2.65
N VAL C 109 30.48 8.77 -1.48
CA VAL C 109 31.24 7.82 -0.66
C VAL C 109 30.32 6.72 -0.15
N THR C 110 29.01 6.95 -0.23
CA THR C 110 28.08 5.92 0.23
C THR C 110 27.75 4.93 -0.89
N PHE C 111 28.29 5.17 -2.07
CA PHE C 111 28.03 4.30 -3.21
C PHE C 111 28.87 3.03 -3.26
N ASP C 112 30.02 3.03 -2.59
CA ASP C 112 30.87 1.85 -2.61
C ASP C 112 30.12 0.58 -2.30
N ILE C 113 30.12 -0.35 -3.25
CA ILE C 113 29.45 -1.64 -3.13
C ILE C 113 30.25 -2.65 -2.30
N LEU C 114 31.56 -2.46 -2.18
CA LEU C 114 32.41 -3.40 -1.46
C LEU C 114 32.65 -3.20 0.04
N ARG C 115 31.90 -2.34 0.71
CA ARG C 115 32.12 -2.14 2.13
C ARG C 115 30.85 -1.71 2.85
N ASP C 116 30.86 -1.85 4.17
CA ASP C 116 29.72 -1.46 4.99
C ASP C 116 29.36 -0.03 4.63
N ARG C 117 28.10 0.17 4.26
CA ARG C 117 27.61 1.49 3.88
C ARG C 117 27.76 2.52 5.02
N ARG C 118 27.77 2.06 6.27
CA ARG C 118 27.92 2.96 7.41
C ARG C 118 29.26 3.69 7.45
N LEU C 119 30.28 3.13 6.80
CA LEU C 119 31.60 3.77 6.78
C LEU C 119 31.54 5.13 6.11
N GLY C 120 30.99 5.16 4.90
CA GLY C 120 30.88 6.41 4.19
C GLY C 120 29.89 7.35 4.86
N LEU C 121 28.81 6.79 5.39
CA LEU C 121 27.79 7.58 6.07
C LEU C 121 28.33 8.28 7.30
N VAL C 122 29.19 7.61 8.06
CA VAL C 122 29.77 8.22 9.25
C VAL C 122 30.79 9.29 8.85
N ALA C 123 31.56 9.00 7.81
CA ALA C 123 32.57 9.93 7.32
C ALA C 123 31.89 11.20 6.80
N LEU C 124 30.81 11.01 6.07
CA LEU C 124 30.07 12.15 5.51
C LEU C 124 29.46 12.97 6.64
N ALA C 125 28.99 12.28 7.68
CA ALA C 125 28.38 12.93 8.83
C ALA C 125 29.41 13.73 9.64
N ALA C 126 30.62 13.18 9.77
CA ALA C 126 31.66 13.86 10.52
C ALA C 126 31.99 15.20 9.84
N VAL C 127 32.08 15.17 8.51
CA VAL C 127 32.39 16.36 7.75
C VAL C 127 31.21 17.35 7.71
N ASN C 128 30.01 16.84 7.50
CA ASN C 128 28.83 17.70 7.43
C ASN C 128 28.59 18.42 8.75
N THR C 129 28.84 17.75 9.87
CA THR C 129 28.65 18.35 11.19
C THR C 129 29.65 19.47 11.43
N ALA C 130 30.92 19.21 11.11
CA ALA C 130 31.96 20.22 11.30
C ALA C 130 31.68 21.43 10.41
N ILE C 131 31.18 21.18 9.20
CA ILE C 131 30.85 22.26 8.28
C ILE C 131 29.74 23.16 8.81
N TRP C 132 28.72 22.56 9.42
CA TRP C 132 27.61 23.33 9.97
C TRP C 132 28.10 24.19 11.13
N ASP C 133 29.08 23.67 11.87
CA ASP C 133 29.61 24.43 12.98
C ASP C 133 30.31 25.68 12.46
N ALA C 134 31.00 25.55 11.33
CA ALA C 134 31.72 26.68 10.73
C ALA C 134 30.74 27.69 10.19
N VAL C 135 29.69 27.20 9.54
CA VAL C 135 28.67 28.08 8.98
C VAL C 135 27.96 28.85 10.09
N GLY C 136 27.67 28.17 11.19
CA GLY C 136 27.02 28.85 12.31
C GLY C 136 27.89 29.98 12.84
N LYS C 137 29.18 29.68 13.03
CA LYS C 137 30.13 30.67 13.52
C LYS C 137 30.27 31.83 12.55
N ALA C 138 30.36 31.51 11.25
CA ALA C 138 30.48 32.55 10.25
C ALA C 138 29.27 33.48 10.29
N LEU C 139 28.08 32.89 10.47
CA LEU C 139 26.87 33.68 10.51
C LEU C 139 26.54 34.21 11.90
N LYS C 140 27.33 33.80 12.90
CA LYS C 140 27.11 34.23 14.28
C LYS C 140 25.75 33.72 14.75
N MSE C 141 25.47 32.45 14.49
CA MSE C 141 24.19 31.87 14.88
C MSE C 141 24.31 30.53 15.57
O MSE C 141 24.99 29.64 15.07
CB MSE C 141 23.33 31.69 13.63
CG MSE C 141 22.85 32.96 12.99
SE MSE C 141 21.28 33.63 13.86
CE MSE C 141 19.99 32.49 12.95
N PRO C 142 23.68 30.37 16.73
CA PRO C 142 23.79 29.05 17.36
C PRO C 142 23.02 28.12 16.42
N LEU C 143 23.48 26.89 16.27
CA LEU C 143 22.83 25.95 15.37
C LEU C 143 21.37 25.62 15.68
N TRP C 144 20.96 25.63 16.95
CA TRP C 144 19.57 25.31 17.26
C TRP C 144 18.64 26.37 16.68
N LYS C 145 19.14 27.58 16.54
CA LYS C 145 18.34 28.66 15.98
C LYS C 145 18.47 28.67 14.46
N LEU C 146 19.66 28.39 13.94
CA LEU C 146 19.88 28.39 12.48
C LEU C 146 19.08 27.26 11.81
N TRP C 147 18.87 26.16 12.52
CA TRP C 147 18.13 25.03 11.97
C TRP C 147 16.61 25.14 12.15
N GLY C 148 16.14 26.24 12.75
CA GLY C 148 14.71 26.41 12.95
C GLY C 148 14.35 27.28 14.16
N GLY C 149 15.11 27.13 15.23
CA GLY C 149 14.87 27.90 16.43
C GLY C 149 13.53 27.73 17.10
N TYR C 150 12.94 26.53 17.04
CA TYR C 150 11.65 26.32 17.67
C TYR C 150 11.73 26.69 19.15
N ARG C 151 12.72 26.13 19.84
CA ARG C 151 12.96 26.41 21.25
C ARG C 151 14.45 26.23 21.48
N ASN C 152 14.92 26.61 22.67
CA ASN C 152 16.34 26.48 22.99
C ASN C 152 16.56 25.65 24.22
N GLU C 153 15.53 24.92 24.64
CA GLU C 153 15.64 24.06 25.82
C GLU C 153 14.80 22.81 25.69
N LEU C 154 15.35 21.69 26.16
CA LEU C 154 14.65 20.42 26.10
C LEU C 154 15.12 19.47 27.19
N PRO C 155 14.29 18.49 27.53
CA PRO C 155 14.70 17.54 28.57
C PRO C 155 15.77 16.58 28.08
N MSE C 156 16.56 16.09 29.03
CA MSE C 156 17.59 15.15 28.72
C MSE C 156 17.47 13.94 29.63
O MSE C 156 17.36 14.08 30.85
CB MSE C 156 18.98 15.76 28.85
CG MSE C 156 20.06 14.75 28.50
SE MSE C 156 21.68 15.57 27.92
CE MSE C 156 21.23 15.85 26.07
N ILE C 157 17.49 12.77 29.02
CA ILE C 157 17.38 11.53 29.78
C ILE C 157 18.68 10.76 29.63
N ALA C 158 18.85 9.71 30.43
CA ALA C 158 20.04 8.89 30.38
C ALA C 158 19.72 7.49 29.86
N ILE C 159 20.63 6.90 29.11
CA ILE C 159 20.46 5.55 28.60
C ILE C 159 20.98 4.63 29.69
N GLY C 160 20.10 3.88 30.35
CA GLY C 160 20.55 2.98 31.40
C GLY C 160 19.77 1.69 31.51
N GLY C 161 19.71 1.13 32.72
CA GLY C 161 18.98 -0.10 32.94
C GLY C 161 19.59 -1.36 32.36
N TYR C 162 20.90 -1.39 32.22
CA TYR C 162 21.60 -2.54 31.67
C TYR C 162 21.40 -3.80 32.52
N TYR C 163 21.29 -4.94 31.86
CA TYR C 163 21.10 -6.21 32.55
C TYR C 163 22.38 -6.52 33.33
N GLY C 164 22.24 -7.18 34.46
CA GLY C 164 23.40 -7.50 35.26
C GLY C 164 23.72 -6.33 36.17
N GLU C 165 22.95 -5.25 36.01
CA GLU C 165 23.10 -4.05 36.81
C GLU C 165 24.54 -3.61 37.07
N PRO C 166 25.30 -3.32 36.00
CA PRO C 166 26.69 -2.89 36.16
C PRO C 166 26.79 -1.51 36.80
N LEU C 167 25.68 -0.77 36.77
CA LEU C 167 25.61 0.57 37.36
C LEU C 167 24.78 0.58 38.64
N GLY C 168 24.66 -0.56 39.31
CA GLY C 168 23.89 -0.63 40.53
C GLY C 168 22.48 -1.15 40.35
N SER C 169 21.77 -1.35 41.46
CA SER C 169 20.39 -1.85 41.39
C SER C 169 19.50 -0.86 40.65
N ILE C 170 18.31 -1.31 40.26
CA ILE C 170 17.40 -0.46 39.54
C ILE C 170 17.07 0.80 40.34
N ALA C 171 16.78 0.61 41.63
CA ALA C 171 16.45 1.74 42.49
C ALA C 171 17.62 2.72 42.58
N ASP C 172 18.81 2.20 42.84
CA ASP C 172 19.99 3.06 42.95
C ASP C 172 20.35 3.75 41.65
N GLU C 173 20.23 3.05 40.52
CA GLU C 173 20.55 3.67 39.23
C GLU C 173 19.58 4.82 38.95
N MSE C 174 18.29 4.56 39.09
CA MSE C 174 17.25 5.57 38.88
C MSE C 174 17.50 6.80 39.76
O MSE C 174 17.46 7.94 39.30
CB MSE C 174 15.88 4.96 39.23
CG MSE C 174 14.93 4.67 38.06
SE MSE C 174 15.70 4.33 36.31
CE MSE C 174 16.64 2.68 36.62
N HIS C 175 17.74 6.57 41.05
CA HIS C 175 17.98 7.66 41.99
C HIS C 175 19.22 8.43 41.57
N ASN C 176 20.24 7.72 41.12
CA ASN C 176 21.48 8.37 40.70
C ASN C 176 21.25 9.35 39.54
N TYR C 177 20.38 8.98 38.60
CA TYR C 177 20.09 9.86 37.47
C TYR C 177 19.34 11.11 37.94
N GLN C 178 18.52 10.94 38.95
CA GLN C 178 17.74 12.05 39.48
C GLN C 178 18.68 13.00 40.23
N GLU C 179 19.69 12.46 40.90
CA GLU C 179 20.63 13.32 41.62
C GLU C 179 21.51 14.09 40.63
N LEU C 180 21.67 13.53 39.43
CA LEU C 180 22.47 14.19 38.39
C LEU C 180 21.64 15.25 37.67
N GLY C 181 20.37 15.35 38.05
CA GLY C 181 19.49 16.32 37.44
C GLY C 181 18.87 15.93 36.10
N LEU C 182 18.90 14.64 35.78
CA LEU C 182 18.33 14.16 34.52
C LEU C 182 16.80 14.09 34.55
N ALA C 183 16.20 14.30 33.38
CA ALA C 183 14.74 14.27 33.25
C ALA C 183 14.16 12.86 33.24
N GLY C 184 15.00 11.87 32.97
CA GLY C 184 14.48 10.52 32.93
C GLY C 184 15.50 9.52 32.46
N VAL C 185 15.02 8.41 31.94
CA VAL C 185 15.87 7.32 31.48
C VAL C 185 15.28 6.60 30.28
N LYS C 186 16.15 5.90 29.56
CA LYS C 186 15.74 5.06 28.44
C LYS C 186 16.22 3.71 28.96
N PHE C 187 15.30 2.97 29.56
CA PHE C 187 15.55 1.67 30.19
C PHE C 187 15.70 0.51 29.21
N LYS C 188 16.78 -0.26 29.35
CA LYS C 188 17.04 -1.40 28.48
C LYS C 188 16.21 -2.64 28.80
N VAL C 189 15.61 -3.20 27.76
CA VAL C 189 14.81 -4.42 27.86
C VAL C 189 15.10 -5.28 26.64
N GLY C 190 14.22 -6.24 26.36
CA GLY C 190 14.41 -7.09 25.20
C GLY C 190 15.24 -8.35 25.42
N GLY C 191 15.65 -8.60 26.66
CA GLY C 191 16.46 -9.77 26.92
C GLY C 191 15.81 -10.88 27.73
N LEU C 192 14.68 -10.59 28.37
CA LEU C 192 13.99 -11.58 29.18
C LEU C 192 12.55 -11.75 28.70
N SER C 193 11.75 -12.47 29.48
CA SER C 193 10.35 -12.70 29.13
C SER C 193 9.58 -11.40 29.34
N ALA C 194 8.37 -11.35 28.79
CA ALA C 194 7.52 -10.18 28.94
C ALA C 194 7.29 -9.86 30.42
N ALA C 195 7.04 -10.91 31.20
CA ALA C 195 6.79 -10.76 32.63
C ALA C 195 8.01 -10.26 33.40
N GLU C 196 9.15 -10.88 33.17
CA GLU C 196 10.37 -10.48 33.86
C GLU C 196 10.79 -9.05 33.57
N ASP C 197 10.71 -8.64 32.30
CA ASP C 197 11.10 -7.26 31.97
C ASP C 197 10.03 -6.30 32.48
N ALA C 198 8.79 -6.76 32.50
CA ALA C 198 7.70 -5.93 33.00
C ALA C 198 7.90 -5.63 34.49
N ALA C 199 8.49 -6.58 35.21
CA ALA C 199 8.77 -6.39 36.64
C ALA C 199 9.92 -5.38 36.80
N ARG C 200 10.91 -5.48 35.93
CA ARG C 200 12.05 -4.56 35.97
C ARG C 200 11.56 -3.12 35.73
N ILE C 201 10.74 -2.94 34.70
CA ILE C 201 10.21 -1.62 34.38
C ILE C 201 9.40 -1.10 35.58
N THR C 202 8.63 -1.98 36.20
CA THR C 202 7.81 -1.59 37.34
C THR C 202 8.71 -1.09 38.48
N ALA C 203 9.82 -1.79 38.73
CA ALA C 203 10.74 -1.38 39.79
C ALA C 203 11.31 0.01 39.48
N ALA C 204 11.54 0.29 38.20
CA ALA C 204 12.09 1.59 37.81
C ALA C 204 11.09 2.70 38.11
N ARG C 205 9.83 2.50 37.73
CA ARG C 205 8.81 3.51 37.99
C ARG C 205 8.59 3.67 39.49
N GLU C 206 8.61 2.56 40.22
CA GLU C 206 8.42 2.62 41.67
C GLU C 206 9.55 3.41 42.32
N ALA C 207 10.78 3.14 41.88
CA ALA C 207 11.94 3.82 42.44
C ALA C 207 11.99 5.30 42.11
N ALA C 208 11.65 5.65 40.88
CA ALA C 208 11.70 7.03 40.43
C ALA C 208 10.51 7.94 40.72
N GLY C 209 9.31 7.35 40.83
CA GLY C 209 8.14 8.16 41.06
C GLY C 209 7.56 8.61 39.73
N ASP C 210 6.47 9.37 39.78
CA ASP C 210 5.76 9.85 38.60
C ASP C 210 6.40 10.94 37.73
N ASP C 211 7.09 11.90 38.33
CA ASP C 211 7.69 12.98 37.55
C ASP C 211 9.07 12.57 37.05
N PHE C 212 9.09 11.58 36.18
CA PHE C 212 10.35 11.07 35.64
C PHE C 212 10.00 10.37 34.32
N ILE C 213 10.67 10.78 33.25
CA ILE C 213 10.40 10.17 31.95
C ILE C 213 11.01 8.78 31.88
N ILE C 214 10.22 7.81 31.45
CA ILE C 214 10.73 6.46 31.29
C ILE C 214 10.44 5.90 29.90
N CYS C 215 11.49 5.73 29.12
CA CYS C 215 11.37 5.15 27.78
C CYS C 215 12.02 3.78 27.93
N ILE C 216 11.67 2.84 27.06
CA ILE C 216 12.30 1.53 27.13
C ILE C 216 12.83 1.22 25.74
N ASP C 217 13.90 0.44 25.67
CA ASP C 217 14.54 0.11 24.40
C ASP C 217 14.89 -1.38 24.37
N ALA C 218 14.27 -2.12 23.45
CA ALA C 218 14.54 -3.55 23.37
C ALA C 218 15.67 -3.88 22.42
N ASN C 219 16.24 -2.86 21.79
CA ASN C 219 17.33 -3.07 20.85
C ASN C 219 17.04 -4.22 19.88
N GLN C 220 15.83 -4.24 19.33
CA GLN C 220 15.40 -5.26 18.37
C GLN C 220 15.42 -6.68 18.93
N GLY C 221 15.20 -6.83 20.21
CA GLY C 221 15.29 -8.16 20.79
C GLY C 221 14.10 -9.09 20.91
N TYR C 222 12.88 -8.58 20.75
CA TYR C 222 11.70 -9.43 20.92
C TYR C 222 11.02 -9.94 19.66
N LYS C 223 10.25 -10.99 19.86
CA LYS C 223 9.43 -11.55 18.80
C LYS C 223 8.22 -10.62 18.97
N PRO C 224 7.47 -10.36 17.88
CA PRO C 224 6.31 -9.47 17.99
C PRO C 224 5.35 -9.75 19.16
N ALA C 225 4.97 -11.01 19.32
CA ALA C 225 4.04 -11.41 20.38
C ALA C 225 4.55 -11.07 21.78
N VAL C 226 5.83 -11.24 22.02
CA VAL C 226 6.38 -10.95 23.35
C VAL C 226 6.38 -9.44 23.60
N ALA C 227 6.71 -8.67 22.57
CA ALA C 227 6.73 -7.21 22.71
C ALA C 227 5.33 -6.69 23.03
N VAL C 228 4.33 -7.21 22.32
CA VAL C 228 2.94 -6.80 22.55
C VAL C 228 2.57 -7.14 23.99
N ASP C 229 2.92 -8.35 24.43
CA ASP C 229 2.65 -8.78 25.80
C ASP C 229 3.23 -7.79 26.81
N LEU C 230 4.50 -7.45 26.64
CA LEU C 230 5.16 -6.51 27.53
C LEU C 230 4.47 -5.15 27.50
N SER C 231 4.22 -4.64 26.29
CA SER C 231 3.60 -3.33 26.13
C SER C 231 2.28 -3.20 26.89
N ARG C 232 1.47 -4.26 26.84
CA ARG C 232 0.19 -4.25 27.54
C ARG C 232 0.39 -4.34 29.04
N ARG C 233 1.40 -5.10 29.47
CA ARG C 233 1.68 -5.24 30.89
C ARG C 233 2.09 -3.91 31.54
N ILE C 234 2.76 -3.06 30.76
CA ILE C 234 3.22 -1.79 31.30
C ILE C 234 2.33 -0.60 30.94
N ALA C 235 1.12 -0.90 30.47
CA ALA C 235 0.16 0.13 30.08
C ALA C 235 -0.14 1.16 31.18
N ASP C 236 0.01 0.78 32.44
CA ASP C 236 -0.28 1.70 33.54
C ASP C 236 0.94 2.42 34.13
N LEU C 237 2.12 2.22 33.53
CA LEU C 237 3.34 2.83 34.05
C LEU C 237 3.76 4.14 33.38
N ASN C 238 2.95 4.61 32.43
CA ASN C 238 3.24 5.84 31.70
C ASN C 238 4.59 5.81 31.01
N ILE C 239 4.77 4.83 30.13
CA ILE C 239 6.01 4.69 29.38
C ILE C 239 5.97 5.65 28.18
N ARG C 240 6.93 6.56 28.11
CA ARG C 240 7.00 7.53 27.01
C ARG C 240 6.97 6.87 25.63
N TRP C 241 7.83 5.88 25.42
CA TRP C 241 7.85 5.15 24.15
C TRP C 241 8.62 3.83 24.27
N PHE C 242 8.40 2.94 23.31
CA PHE C 242 8.97 1.60 23.26
C PHE C 242 9.86 1.60 22.01
N GLU C 243 11.17 1.73 22.22
CA GLU C 243 12.13 1.80 21.11
C GLU C 243 12.56 0.44 20.52
N GLU C 244 12.56 0.34 19.18
CA GLU C 244 12.94 -0.88 18.47
C GLU C 244 12.59 -2.19 19.19
N PRO C 245 11.29 -2.44 19.41
CA PRO C 245 10.82 -3.63 20.10
C PRO C 245 11.09 -4.99 19.47
N VAL C 246 11.16 -5.04 18.14
CA VAL C 246 11.31 -6.32 17.46
C VAL C 246 12.55 -6.61 16.63
N GLU C 247 12.70 -7.89 16.28
CA GLU C 247 13.82 -8.37 15.48
C GLU C 247 13.96 -7.57 14.18
N TRP C 248 15.20 -7.47 13.72
CA TRP C 248 15.53 -6.65 12.56
C TRP C 248 14.93 -6.94 11.18
N HIS C 249 14.90 -8.21 10.77
CA HIS C 249 14.45 -8.53 9.41
C HIS C 249 13.13 -7.95 8.93
N ASN C 250 12.07 -8.03 9.74
CA ASN C 250 10.76 -7.51 9.34
C ASN C 250 10.34 -6.44 10.35
N ASP C 251 11.30 -5.63 10.81
CA ASP C 251 10.98 -4.65 11.84
C ASP C 251 9.88 -3.64 11.55
N LYS C 252 9.82 -3.13 10.33
CA LYS C 252 8.79 -2.16 9.97
C LYS C 252 7.36 -2.63 10.24
N ARG C 253 6.97 -3.74 9.63
CA ARG C 253 5.61 -4.27 9.81
C ARG C 253 5.36 -4.85 11.21
N SER C 254 6.36 -5.53 11.76
CA SER C 254 6.22 -6.13 13.07
C SER C 254 6.08 -5.12 14.20
N MSE C 255 6.83 -4.02 14.14
CA MSE C 255 6.72 -3.01 15.20
C MSE C 255 5.44 -2.19 15.00
O MSE C 255 4.92 -1.61 15.95
CB MSE C 255 7.97 -2.11 15.27
CG MSE C 255 8.10 -1.02 14.23
SE MSE C 255 9.66 0.14 14.62
CE MSE C 255 9.65 1.18 13.01
N ARG C 256 4.94 -2.15 13.78
CA ARG C 256 3.69 -1.44 13.52
C ARG C 256 2.59 -2.20 14.28
N ASP C 257 2.71 -3.52 14.31
CA ASP C 257 1.74 -4.35 15.00
C ASP C 257 1.91 -4.21 16.52
N VAL C 258 3.15 -4.00 16.96
CA VAL C 258 3.42 -3.80 18.38
C VAL C 258 2.73 -2.50 18.76
N ARG C 259 2.84 -1.52 17.87
CA ARG C 259 2.24 -0.21 18.05
C ARG C 259 0.70 -0.24 18.15
N TYR C 260 0.05 -1.03 17.28
CA TYR C 260 -1.41 -1.11 17.30
C TYR C 260 -1.99 -2.13 18.27
N GLN C 261 -1.32 -3.27 18.46
CA GLN C 261 -1.82 -4.30 19.37
C GLN C 261 -1.44 -4.01 20.83
N GLY C 262 -0.36 -3.25 21.02
CA GLY C 262 0.10 -2.92 22.36
C GLY C 262 -0.49 -1.63 22.92
N SER C 263 0.17 -1.01 23.89
CA SER C 263 -0.35 0.20 24.53
C SER C 263 0.64 1.35 24.68
N VAL C 264 1.82 1.22 24.09
CA VAL C 264 2.85 2.26 24.21
C VAL C 264 3.34 2.75 22.85
N PRO C 265 3.55 4.06 22.70
CA PRO C 265 4.04 4.57 21.42
C PRO C 265 5.36 3.90 21.05
N VAL C 266 5.60 3.75 19.75
CA VAL C 266 6.80 3.08 19.25
C VAL C 266 7.82 4.03 18.62
N CYS C 267 9.10 3.75 18.86
CA CYS C 267 10.16 4.59 18.32
C CYS C 267 11.24 3.77 17.62
N ALA C 268 11.69 4.26 16.48
CA ALA C 268 12.73 3.60 15.71
C ALA C 268 13.28 4.59 14.68
N GLY C 269 14.32 4.18 13.96
CA GLY C 269 14.91 5.06 12.96
C GLY C 269 16.44 5.07 13.08
N GLN C 270 16.95 4.74 14.27
CA GLN C 270 18.40 4.75 14.48
C GLN C 270 19.12 3.69 13.66
N THR C 271 18.40 2.65 13.27
CA THR C 271 19.05 1.60 12.50
C THR C 271 18.88 1.81 10.99
N GLU C 272 18.18 2.86 10.60
CA GLU C 272 17.99 3.15 9.17
C GLU C 272 19.23 3.85 8.63
N PHE C 273 19.49 3.67 7.34
CA PHE C 273 20.66 4.26 6.68
C PHE C 273 20.41 5.64 6.09
N SER C 274 19.14 5.93 5.77
CA SER C 274 18.81 7.19 5.15
C SER C 274 17.43 7.72 5.50
N ALA C 275 17.12 8.88 4.96
CA ALA C 275 15.84 9.53 5.18
C ALA C 275 14.76 8.67 4.49
N SER C 276 15.13 8.06 3.36
CA SER C 276 14.20 7.20 2.64
C SER C 276 13.76 6.06 3.56
N GLY C 277 14.71 5.52 4.31
CA GLY C 277 14.41 4.42 5.22
C GLY C 277 13.47 4.85 6.33
N CYS C 278 13.66 6.06 6.83
CA CYS C 278 12.79 6.58 7.88
C CYS C 278 11.40 6.82 7.29
N ARG C 279 11.35 7.21 6.02
CA ARG C 279 10.09 7.45 5.33
C ARG C 279 9.32 6.13 5.25
N ASP C 280 10.02 5.04 4.97
CA ASP C 280 9.40 3.72 4.88
C ASP C 280 8.80 3.34 6.23
N LEU C 281 9.49 3.70 7.30
CA LEU C 281 9.04 3.42 8.66
C LEU C 281 7.71 4.15 8.89
N MSE C 282 7.70 5.44 8.58
CA MSE C 282 6.51 6.27 8.74
C MSE C 282 5.36 5.84 7.82
O MSE C 282 4.21 5.80 8.25
CB MSE C 282 6.85 7.72 8.48
CG MSE C 282 7.88 8.28 9.44
SE MSE C 282 8.46 10.01 8.88
CE MSE C 282 10.29 9.96 9.57
N GLU C 283 5.65 5.55 6.56
CA GLU C 283 4.61 5.12 5.63
C GLU C 283 3.98 3.82 6.12
N THR C 284 4.78 2.93 6.70
CA THR C 284 4.24 1.69 7.20
C THR C 284 3.37 1.91 8.46
N GLY C 285 3.58 3.04 9.14
CA GLY C 285 2.82 3.33 10.35
C GLY C 285 3.47 2.62 11.52
N ALA C 286 4.75 2.31 11.39
CA ALA C 286 5.51 1.63 12.44
C ALA C 286 5.89 2.45 13.66
N ILE C 287 5.89 3.78 13.54
CA ILE C 287 6.36 4.60 14.65
C ILE C 287 5.61 5.87 14.98
N ASP C 288 5.77 6.29 16.22
CA ASP C 288 5.18 7.53 16.71
C ASP C 288 6.35 8.53 16.77
N VAL C 289 7.57 8.00 16.93
CA VAL C 289 8.76 8.84 17.01
C VAL C 289 9.90 8.24 16.19
N CYS C 290 10.68 9.09 15.55
CA CYS C 290 11.81 8.65 14.74
C CYS C 290 13.09 9.11 15.43
N ASN C 291 13.98 8.18 15.75
CA ASN C 291 15.23 8.56 16.41
C ASN C 291 16.46 8.39 15.53
N PHE C 292 16.29 8.73 14.26
CA PHE C 292 17.34 8.69 13.23
C PHE C 292 18.63 9.27 13.83
N ASP C 293 19.76 8.61 13.62
CA ASP C 293 21.03 9.08 14.18
C ASP C 293 21.92 9.74 13.14
N SER C 294 21.93 11.07 13.15
CA SER C 294 22.72 11.86 12.21
C SER C 294 24.21 11.50 12.13
N SER C 295 24.81 11.14 13.27
CA SER C 295 26.24 10.83 13.29
C SER C 295 26.56 9.52 12.58
N TRP C 296 25.51 8.77 12.27
CA TRP C 296 25.62 7.47 11.63
C TRP C 296 25.02 7.49 10.22
N SER C 297 24.42 8.61 9.85
CA SER C 297 23.73 8.67 8.57
C SER C 297 23.95 9.86 7.66
N GLY C 298 25.14 10.45 7.66
CA GLY C 298 25.35 11.58 6.77
C GLY C 298 25.22 12.96 7.38
N GLY C 299 25.03 13.02 8.69
CA GLY C 299 24.94 14.30 9.37
C GLY C 299 23.63 15.05 9.46
N PRO C 300 23.69 16.27 10.02
CA PRO C 300 22.52 17.14 10.20
C PRO C 300 21.72 17.31 8.91
N THR C 301 22.41 17.51 7.79
CA THR C 301 21.71 17.68 6.52
C THR C 301 20.73 16.54 6.28
N ALA C 302 21.17 15.31 6.52
CA ALA C 302 20.31 14.13 6.33
C ALA C 302 19.22 14.09 7.41
N TRP C 303 19.62 14.33 8.66
CA TRP C 303 18.67 14.31 9.76
C TRP C 303 17.55 15.32 9.55
N LEU C 304 17.92 16.53 9.13
CA LEU C 304 16.93 17.58 8.91
C LEU C 304 15.93 17.22 7.82
N ARG C 305 16.35 16.46 6.82
CA ARG C 305 15.44 16.05 5.76
C ARG C 305 14.42 15.12 6.41
N THR C 306 14.91 14.18 7.21
CA THR C 306 14.05 13.24 7.90
C THR C 306 13.06 14.01 8.77
N ALA C 307 13.55 15.06 9.44
CA ALA C 307 12.68 15.88 10.28
C ALA C 307 11.53 16.44 9.43
N ALA C 308 11.85 16.98 8.26
CA ALA C 308 10.81 17.54 7.39
C ALA C 308 9.77 16.49 6.99
N ILE C 309 10.22 15.28 6.68
CA ILE C 309 9.33 14.19 6.29
C ILE C 309 8.41 13.90 7.48
N ALA C 310 9.02 13.77 8.66
CA ALA C 310 8.25 13.48 9.87
C ALA C 310 7.07 14.42 10.05
N THR C 311 7.26 15.71 9.78
CA THR C 311 6.16 16.66 9.93
C THR C 311 4.96 16.36 9.03
N SER C 312 5.21 15.84 7.83
CA SER C 312 4.10 15.52 6.91
C SER C 312 3.36 14.28 7.38
N TYR C 313 3.98 13.53 8.29
CA TYR C 313 3.41 12.32 8.86
C TYR C 313 2.95 12.48 10.33
N ASP C 314 3.10 13.67 10.88
CA ASP C 314 2.73 13.89 12.28
C ASP C 314 3.55 12.99 13.20
N VAL C 315 4.76 12.66 12.76
CA VAL C 315 5.65 11.83 13.57
C VAL C 315 6.62 12.75 14.30
N GLN C 316 6.91 12.45 15.57
CA GLN C 316 7.83 13.27 16.35
C GLN C 316 9.29 12.87 16.11
N MSE C 317 10.21 13.77 16.41
CA MSE C 317 11.64 13.49 16.23
C MSE C 317 12.39 13.26 17.55
O MSE C 317 12.22 13.98 18.53
CB MSE C 317 12.35 14.63 15.48
CG MSE C 317 12.01 14.77 13.99
SE MSE C 317 12.28 13.14 12.95
CE MSE C 317 14.15 12.77 13.33
N GLY C 318 13.21 12.22 17.54
CA GLY C 318 14.04 11.88 18.67
C GLY C 318 15.42 11.80 18.05
N HIS C 319 16.40 11.29 18.77
CA HIS C 319 17.75 11.17 18.22
C HIS C 319 18.55 10.26 19.13
N HIS C 320 19.06 9.16 18.57
CA HIS C 320 19.87 8.22 19.32
C HIS C 320 21.14 8.92 19.80
N GLU C 321 21.31 9.01 21.12
CA GLU C 321 22.46 9.65 21.77
C GLU C 321 23.06 10.87 21.07
N GLU C 322 24.39 10.90 20.96
CA GLU C 322 25.09 12.02 20.33
C GLU C 322 24.56 13.38 20.81
N PRO C 323 24.50 13.60 22.13
CA PRO C 323 23.99 14.87 22.66
C PRO C 323 24.66 16.15 22.16
N GLN C 324 25.96 16.08 21.88
CA GLN C 324 26.70 17.25 21.43
C GLN C 324 26.10 17.83 20.14
N VAL C 325 25.34 17.03 19.41
CA VAL C 325 24.71 17.53 18.19
C VAL C 325 23.18 17.42 18.24
N SER C 326 22.64 16.42 18.93
CA SER C 326 21.19 16.24 19.01
C SER C 326 20.46 17.37 19.74
N THR C 327 21.09 17.95 20.76
CA THR C 327 20.46 19.04 21.50
C THR C 327 20.04 20.18 20.56
N HIS C 328 20.93 20.56 19.65
CA HIS C 328 20.64 21.62 18.69
C HIS C 328 19.62 21.17 17.65
N LEU C 329 19.80 19.96 17.13
CA LEU C 329 18.92 19.41 16.12
C LEU C 329 17.48 19.32 16.63
N LEU C 330 17.32 18.68 17.78
CA LEU C 330 16.02 18.49 18.39
C LEU C 330 15.33 19.79 18.79
N ALA C 331 16.07 20.69 19.42
CA ALA C 331 15.50 21.95 19.87
C ALA C 331 15.00 22.81 18.73
N SER C 332 15.67 22.74 17.58
CA SER C 332 15.28 23.54 16.43
C SER C 332 13.90 23.22 15.84
N GLN C 333 13.47 21.97 15.97
CA GLN C 333 12.20 21.51 15.40
C GLN C 333 10.98 21.55 16.31
N PRO C 334 9.81 21.91 15.75
CA PRO C 334 8.57 21.99 16.53
C PRO C 334 8.14 20.63 17.06
N HIS C 335 8.56 19.56 16.39
CA HIS C 335 8.20 18.20 16.78
C HIS C 335 9.34 17.44 17.47
N GLY C 336 10.37 18.17 17.88
CA GLY C 336 11.49 17.55 18.56
C GLY C 336 11.04 17.13 19.95
N THR C 337 11.62 16.05 20.47
CA THR C 337 11.21 15.56 21.79
C THR C 337 12.24 15.69 22.91
N ILE C 338 13.06 14.66 23.08
CA ILE C 338 14.04 14.60 24.16
C ILE C 338 15.46 14.21 23.74
N ALA C 339 16.45 14.79 24.42
CA ALA C 339 17.84 14.49 24.12
C ALA C 339 18.33 13.41 25.10
N GLU C 340 19.38 12.69 24.70
CA GLU C 340 19.87 11.61 25.53
C GLU C 340 21.38 11.52 25.72
N CYS C 341 21.78 11.00 26.87
CA CYS C 341 23.20 10.82 27.18
C CYS C 341 23.38 9.55 28.00
N PHE C 342 24.62 9.14 28.19
CA PHE C 342 24.92 7.96 28.98
C PHE C 342 25.39 8.42 30.35
N HIS C 343 25.46 7.48 31.28
CA HIS C 343 25.93 7.77 32.63
C HIS C 343 27.44 8.00 32.47
N PRO C 344 28.01 8.94 33.23
CA PRO C 344 29.45 9.23 33.15
C PRO C 344 30.34 7.98 33.07
N ASP C 345 29.97 6.95 33.82
CA ASP C 345 30.72 5.69 33.85
C ASP C 345 30.66 4.92 32.53
N ARG C 346 29.65 5.21 31.72
CA ARG C 346 29.47 4.50 30.46
C ARG C 346 29.90 5.30 29.22
N ASP C 347 29.98 6.62 29.37
CA ASP C 347 30.43 7.49 28.27
C ASP C 347 31.25 8.64 28.81
N PRO C 348 32.57 8.60 28.58
CA PRO C 348 33.47 9.66 29.05
C PRO C 348 33.45 10.94 28.22
N PHE C 349 33.05 10.85 26.95
CA PHE C 349 33.09 12.02 26.07
C PHE C 349 32.15 13.19 26.34
N TRP C 350 30.86 12.94 26.47
CA TRP C 350 29.94 14.04 26.74
C TRP C 350 30.35 14.74 28.04
N TRP C 351 30.79 13.95 29.01
CA TRP C 351 31.16 14.47 30.32
C TRP C 351 32.58 15.00 30.46
N ASN C 352 33.41 14.79 29.45
CA ASN C 352 34.80 15.26 29.49
C ASN C 352 35.18 16.17 28.31
N MSE C 353 34.65 15.88 27.13
CA MSE C 353 34.95 16.63 25.91
C MSE C 353 34.55 18.09 25.88
O MSE C 353 35.25 18.91 25.28
CB MSE C 353 34.35 15.93 24.69
CG MSE C 353 35.02 14.62 24.30
SE MSE C 353 36.84 14.82 23.64
CE MSE C 353 36.47 15.78 21.99
N ILE C 354 33.42 18.43 26.49
CA ILE C 354 32.94 19.81 26.46
C ILE C 354 33.08 20.46 27.83
N THR C 355 33.83 21.56 27.90
CA THR C 355 34.06 22.27 29.15
C THR C 355 32.98 23.29 29.52
N ASN C 356 32.06 23.56 28.60
CA ASN C 356 31.00 24.53 28.89
C ASN C 356 29.60 23.94 28.72
N ARG C 357 29.42 22.70 29.15
CA ARG C 357 28.12 22.04 29.08
C ARG C 357 27.16 22.74 30.02
N PRO C 358 25.97 23.12 29.53
CA PRO C 358 25.02 23.79 30.43
C PRO C 358 24.64 22.84 31.56
N LYS C 359 24.20 23.41 32.69
CA LYS C 359 23.81 22.61 33.85
C LYS C 359 22.34 22.23 33.76
N LEU C 360 22.03 20.97 34.03
CA LEU C 360 20.65 20.52 33.98
C LEU C 360 19.81 21.20 35.05
N ASN C 361 18.66 21.72 34.65
CA ASN C 361 17.76 22.37 35.58
C ASN C 361 16.34 21.84 35.35
N ASN C 362 15.74 21.28 36.39
CA ASN C 362 14.40 20.71 36.27
C ASN C 362 14.38 19.66 35.17
N GLY C 363 15.52 18.98 34.98
CA GLY C 363 15.64 17.96 33.95
C GLY C 363 15.86 18.53 32.55
N THR C 364 15.95 19.84 32.47
CA THR C 364 16.13 20.51 31.18
C THR C 364 17.53 21.06 30.94
N LEU C 365 17.92 21.11 29.67
CA LEU C 365 19.20 21.65 29.26
C LEU C 365 18.84 22.82 28.36
N THR C 366 19.40 23.98 28.66
CA THR C 366 19.14 25.17 27.87
C THR C 366 20.41 25.49 27.10
N LEU C 367 20.29 25.70 25.79
CA LEU C 367 21.45 26.02 24.95
C LEU C 367 21.70 27.51 24.97
N SER C 368 22.98 27.90 24.94
CA SER C 368 23.37 29.31 24.93
C SER C 368 23.25 29.85 23.52
N ASP C 369 23.61 31.12 23.34
CA ASP C 369 23.56 31.74 22.04
C ASP C 369 24.92 31.66 21.34
N ARG C 370 25.82 30.83 21.84
CA ARG C 370 27.13 30.69 21.22
C ARG C 370 26.95 30.18 19.79
N PRO C 371 27.61 30.83 18.82
CA PRO C 371 27.51 30.41 17.41
C PRO C 371 27.95 28.96 17.15
N GLY C 372 27.41 28.36 16.09
CA GLY C 372 27.74 26.98 15.77
C GLY C 372 27.20 26.06 16.84
N LEU C 373 27.91 24.98 17.13
CA LEU C 373 27.50 24.05 18.17
C LEU C 373 27.77 24.72 19.53
N GLY C 374 28.59 25.76 19.50
CA GLY C 374 28.92 26.52 20.70
C GLY C 374 29.66 25.82 21.81
N TRP C 375 30.35 24.73 21.49
CA TRP C 375 31.08 23.99 22.49
C TRP C 375 32.57 24.40 22.60
N ASP C 376 33.08 24.37 23.82
CA ASP C 376 34.48 24.66 24.12
C ASP C 376 35.10 23.30 24.41
N LEU C 377 35.82 22.75 23.45
CA LEU C 377 36.42 21.44 23.63
C LEU C 377 37.57 21.42 24.64
N ASN C 378 37.67 20.33 25.41
CA ASN C 378 38.72 20.18 26.40
C ASN C 378 39.95 19.62 25.72
N TRP C 379 40.83 20.51 25.24
CA TRP C 379 42.03 20.09 24.55
C TRP C 379 43.02 19.32 25.40
N ASP C 380 42.93 19.49 26.71
CA ASP C 380 43.81 18.74 27.62
C ASP C 380 43.43 17.27 27.52
N TYR C 381 42.12 17.03 27.49
CA TYR C 381 41.60 15.66 27.41
C TYR C 381 41.91 15.06 26.05
N ILE C 382 41.69 15.84 24.99
CA ILE C 382 41.94 15.38 23.63
C ILE C 382 43.40 14.94 23.49
N ASP C 383 44.32 15.79 23.94
CA ASP C 383 45.75 15.48 23.87
C ASP C 383 46.08 14.21 24.63
N GLN C 384 45.42 14.00 25.77
CA GLN C 384 45.68 12.82 26.57
C GLN C 384 45.19 11.52 25.93
N TYR C 385 44.13 11.58 25.15
CA TYR C 385 43.58 10.37 24.55
C TYR C 385 43.58 10.23 23.04
N ARG C 386 44.14 11.20 22.32
CA ARG C 386 44.16 11.10 20.85
C ARG C 386 45.10 9.95 20.47
N VAL C 387 44.83 9.31 19.33
CA VAL C 387 45.67 8.18 18.88
C VAL C 387 45.94 8.15 17.37
N SER C 388 46.81 7.22 16.98
CA SER C 388 47.19 7.03 15.58
C SER C 388 47.26 5.53 15.28
N LEU D 22 16.20 39.64 16.25
CA LEU D 22 15.56 40.48 15.20
C LEU D 22 14.06 40.58 15.49
N THR D 23 13.70 41.43 16.43
CA THR D 23 12.32 41.63 16.83
C THR D 23 11.43 42.28 15.76
N ILE D 24 10.30 41.65 15.48
CA ILE D 24 9.35 42.18 14.51
C ILE D 24 8.64 43.37 15.18
N THR D 25 8.46 44.47 14.45
CA THR D 25 7.81 45.65 15.03
C THR D 25 6.53 46.07 14.34
N ARG D 26 6.39 45.73 13.06
CA ARG D 26 5.20 46.12 12.31
C ARG D 26 4.96 45.27 11.07
N ILE D 27 3.69 44.99 10.80
CA ILE D 27 3.30 44.21 9.63
C ILE D 27 2.55 45.14 8.69
N GLU D 28 3.22 45.55 7.61
CA GLU D 28 2.66 46.44 6.62
C GLU D 28 2.34 45.67 5.34
N THR D 29 1.12 45.82 4.83
CA THR D 29 0.71 45.15 3.60
C THR D 29 0.25 46.19 2.60
N ILE D 30 0.65 46.02 1.35
CA ILE D 30 0.26 46.95 0.30
C ILE D 30 -0.43 46.20 -0.83
N PRO D 31 -1.77 46.12 -0.79
CA PRO D 31 -2.50 45.42 -1.85
C PRO D 31 -2.41 46.21 -3.15
N MSE D 32 -2.57 45.55 -4.29
CA MSE D 32 -2.51 46.27 -5.56
C MSE D 32 -3.01 45.51 -6.78
O MSE D 32 -2.92 44.28 -6.85
CB MSE D 32 -1.09 46.78 -5.80
CG MSE D 32 -0.02 45.71 -5.99
SE MSE D 32 1.72 46.54 -5.84
CE MSE D 32 1.90 47.24 -7.64
N VAL D 33 -3.57 46.26 -7.72
CA VAL D 33 -4.12 45.72 -8.97
C VAL D 33 -3.63 46.57 -10.14
N ALA D 34 -3.12 45.91 -11.17
CA ALA D 34 -2.61 46.59 -12.35
C ALA D 34 -3.15 45.95 -13.62
N ARG D 50 -4.23 40.98 -13.12
CA ARG D 50 -3.15 40.52 -12.25
C ARG D 50 -3.11 41.40 -11.00
N ALA D 51 -3.21 40.76 -9.84
CA ALA D 51 -3.18 41.46 -8.55
C ALA D 51 -2.30 40.73 -7.55
N THR D 52 -1.70 41.48 -6.63
CA THR D 52 -0.84 40.89 -5.61
C THR D 52 -0.78 41.77 -4.37
N ILE D 53 -0.11 41.28 -3.34
CA ILE D 53 0.03 42.02 -2.09
C ILE D 53 1.51 42.12 -1.70
N VAL D 54 1.98 43.35 -1.47
CA VAL D 54 3.36 43.56 -1.05
C VAL D 54 3.34 43.54 0.47
N THR D 55 3.94 42.52 1.06
CA THR D 55 3.96 42.41 2.50
C THR D 55 5.33 42.83 3.04
N ARG D 56 5.32 43.62 4.10
CA ARG D 56 6.57 44.09 4.68
C ARG D 56 6.62 43.89 6.18
N VAL D 57 7.66 43.22 6.64
CA VAL D 57 7.85 42.96 8.06
C VAL D 57 8.99 43.86 8.55
N HIS D 58 8.66 44.83 9.40
CA HIS D 58 9.65 45.74 9.95
C HIS D 58 10.22 45.17 11.25
N THR D 59 11.52 45.39 11.49
CA THR D 59 12.17 44.88 12.69
C THR D 59 12.80 46.01 13.51
N ASP D 60 13.16 45.70 14.76
CA ASP D 60 13.77 46.67 15.67
C ASP D 60 15.15 47.08 15.17
N ALA D 61 15.67 46.32 14.22
CA ALA D 61 16.95 46.62 13.60
C ALA D 61 16.50 47.44 12.40
N GLY D 62 17.42 47.93 11.60
CA GLY D 62 16.96 48.71 10.46
C GLY D 62 16.26 47.86 9.39
N ILE D 63 16.39 46.55 9.50
CA ILE D 63 15.84 45.60 8.52
C ILE D 63 14.33 45.57 8.24
N ILE D 64 13.99 45.55 6.97
CA ILE D 64 12.60 45.43 6.54
C ILE D 64 12.46 44.25 5.59
N GLY D 65 11.78 43.19 6.04
CA GLY D 65 11.59 42.03 5.17
C GLY D 65 10.41 42.30 4.25
N GLU D 66 10.61 42.18 2.95
CA GLU D 66 9.50 42.45 2.03
C GLU D 66 9.47 41.51 0.84
N ALA D 67 8.26 41.32 0.31
CA ALA D 67 8.07 40.46 -0.85
C ALA D 67 6.61 40.51 -1.29
N TYR D 68 6.37 40.38 -2.59
CA TYR D 68 5.00 40.38 -3.08
C TYR D 68 4.69 38.91 -3.32
N THR D 69 3.47 38.50 -3.02
CA THR D 69 3.15 37.08 -3.16
C THR D 69 1.72 36.79 -3.62
N GLY D 70 1.58 35.69 -4.35
CA GLY D 70 0.28 35.28 -4.85
C GLY D 70 -0.34 36.21 -5.87
N ASP D 71 -1.48 35.79 -6.41
CA ASP D 71 -2.19 36.56 -7.42
C ASP D 71 -3.70 36.45 -7.18
N GLU D 72 -4.09 36.43 -5.91
CA GLU D 72 -5.51 36.33 -5.54
C GLU D 72 -6.18 37.66 -5.86
N HIS D 73 -7.28 37.61 -6.61
CA HIS D 73 -7.97 38.84 -6.96
C HIS D 73 -9.20 39.10 -6.10
N GLU D 74 -10.24 38.29 -6.29
CA GLU D 74 -11.49 38.43 -5.55
C GLU D 74 -11.36 38.20 -4.05
N THR D 75 -10.22 37.65 -3.63
CA THR D 75 -10.02 37.36 -2.21
C THR D 75 -8.85 38.12 -1.59
N MSE D 76 -8.28 39.04 -2.36
CA MSE D 76 -7.16 39.84 -1.88
C MSE D 76 -7.38 40.53 -0.54
O MSE D 76 -6.49 40.53 0.32
CB MSE D 76 -6.81 40.89 -2.93
CG MSE D 76 -5.75 41.87 -2.47
SE MSE D 76 -5.11 42.89 -3.96
CE MSE D 76 -3.99 41.53 -4.73
N PHE D 77 -8.56 41.11 -0.36
CA PHE D 77 -8.88 41.81 0.87
C PHE D 77 -9.18 40.87 2.02
N ASP D 78 -9.75 39.71 1.72
CA ASP D 78 -10.04 38.72 2.76
C ASP D 78 -8.71 38.23 3.31
N ILE D 79 -7.75 38.04 2.41
CA ILE D 79 -6.41 37.59 2.78
C ILE D 79 -5.74 38.66 3.60
N ASP D 80 -5.80 39.89 3.09
CA ASP D 80 -5.21 41.03 3.78
C ASP D 80 -5.75 41.12 5.20
N ARG D 81 -7.03 40.78 5.37
CA ARG D 81 -7.67 40.83 6.68
C ARG D 81 -7.10 39.75 7.60
N ILE D 82 -6.86 38.56 7.06
CA ILE D 82 -6.31 37.47 7.85
C ILE D 82 -4.90 37.81 8.30
N ILE D 83 -4.16 38.47 7.42
CA ILE D 83 -2.78 38.84 7.72
C ILE D 83 -2.69 39.79 8.92
N HIS D 84 -3.48 40.86 8.88
CA HIS D 84 -3.45 41.86 9.95
C HIS D 84 -4.19 41.48 11.24
N GLU D 85 -5.32 40.80 11.12
CA GLU D 85 -6.09 40.41 12.30
C GLU D 85 -5.62 39.13 12.99
N GLU D 86 -5.35 38.10 12.19
CA GLU D 86 -4.94 36.81 12.73
C GLU D 86 -3.45 36.58 12.88
N LEU D 87 -2.66 37.00 11.89
CA LEU D 87 -1.21 36.78 11.95
C LEU D 87 -0.35 37.83 12.65
N ALA D 88 -0.60 39.11 12.37
CA ALA D 88 0.18 40.18 13.00
C ALA D 88 0.28 40.02 14.53
N PRO D 89 -0.83 39.62 15.19
CA PRO D 89 -0.83 39.43 16.64
C PRO D 89 0.11 38.33 17.13
N THR D 90 0.45 37.39 16.25
CA THR D 90 1.34 36.28 16.62
C THR D 90 2.79 36.60 16.28
N LEU D 91 3.02 37.74 15.65
CA LEU D 91 4.36 38.14 15.23
C LEU D 91 4.94 39.35 15.96
N ILE D 92 4.14 40.39 16.12
CA ILE D 92 4.60 41.60 16.78
C ILE D 92 5.27 41.31 18.12
N GLY D 93 6.52 41.74 18.25
CA GLY D 93 7.26 41.51 19.47
C GLY D 93 8.05 40.21 19.47
N GLN D 94 7.91 39.42 18.40
CA GLN D 94 8.61 38.14 18.30
C GLN D 94 9.91 38.23 17.52
N ASP D 95 10.76 37.21 17.68
CA ASP D 95 12.03 37.14 17.00
C ASP D 95 11.87 36.47 15.63
N ALA D 96 12.03 37.27 14.57
CA ALA D 96 11.89 36.77 13.22
C ALA D 96 12.88 35.65 12.89
N MSE D 97 13.91 35.51 13.72
CA MSE D 97 14.93 34.48 13.52
C MSE D 97 14.47 33.06 13.85
O MSE D 97 15.00 32.09 13.32
CB MSE D 97 16.17 34.82 14.35
CG MSE D 97 17.50 34.66 13.63
SE MSE D 97 17.69 35.89 12.13
CE MSE D 97 17.83 37.52 13.14
N ALA D 98 13.48 32.93 14.73
CA ALA D 98 12.96 31.61 15.11
C ALA D 98 11.77 31.27 14.22
N ILE D 99 12.04 31.11 12.93
CA ILE D 99 11.02 30.82 11.93
C ILE D 99 10.09 29.65 12.22
N GLU D 100 10.62 28.53 12.71
CA GLU D 100 9.76 27.38 13.00
C GLU D 100 8.73 27.75 14.06
N ARG D 101 9.15 28.52 15.05
CA ARG D 101 8.26 28.93 16.14
C ARG D 101 7.10 29.76 15.59
N LEU D 102 7.41 30.77 14.79
CA LEU D 102 6.40 31.66 14.23
C LEU D 102 5.46 30.96 13.26
N TRP D 103 6.03 30.16 12.36
CA TRP D 103 5.23 29.44 11.39
C TRP D 103 4.25 28.53 12.13
N ASP D 104 4.75 27.83 13.14
CA ASP D 104 3.92 26.94 13.93
C ASP D 104 2.69 27.64 14.50
N SER D 105 2.88 28.78 15.15
CA SER D 105 1.73 29.49 15.73
C SER D 105 0.86 30.15 14.65
N GLY D 106 1.47 30.52 13.54
CA GLY D 106 0.71 31.13 12.47
C GLY D 106 -0.11 30.11 11.68
N TYR D 107 0.29 28.85 11.77
CA TYR D 107 -0.38 27.77 11.05
C TYR D 107 -1.87 27.66 11.41
N LYS D 108 -2.23 28.02 12.63
CA LYS D 108 -3.61 27.94 13.10
C LYS D 108 -4.63 28.64 12.20
N VAL D 109 -4.16 29.52 11.31
CA VAL D 109 -5.08 30.23 10.42
C VAL D 109 -5.60 29.32 9.30
N THR D 110 -5.05 28.12 9.19
CA THR D 110 -5.48 27.18 8.15
C THR D 110 -6.53 26.23 8.71
N PHE D 111 -6.82 26.38 9.99
CA PHE D 111 -7.79 25.52 10.68
C PHE D 111 -9.25 25.89 10.45
N ASP D 112 -9.51 27.15 10.13
CA ASP D 112 -10.89 27.62 9.93
C ASP D 112 -11.67 26.73 8.95
N ILE D 113 -12.51 25.88 9.50
CA ILE D 113 -13.33 24.96 8.70
C ILE D 113 -14.44 25.65 7.90
N LEU D 114 -14.64 26.95 8.14
CA LEU D 114 -15.70 27.67 7.45
C LEU D 114 -15.28 28.57 6.29
N ARG D 115 -14.10 28.34 5.74
CA ARG D 115 -13.64 29.16 4.62
C ARG D 115 -12.61 28.39 3.80
N ASP D 116 -12.39 28.85 2.56
CA ASP D 116 -11.43 28.21 1.68
C ASP D 116 -10.11 28.12 2.44
N ARG D 117 -9.55 26.92 2.53
CA ARG D 117 -8.32 26.76 3.25
C ARG D 117 -7.20 27.57 2.59
N ARG D 118 -7.35 27.87 1.30
CA ARG D 118 -6.35 28.64 0.58
C ARG D 118 -6.14 30.03 1.13
N LEU D 119 -7.17 30.62 1.75
CA LEU D 119 -7.04 31.96 2.30
C LEU D 119 -5.95 31.98 3.37
N GLY D 120 -6.08 31.06 4.32
CA GLY D 120 -5.11 30.97 5.39
C GLY D 120 -3.71 30.61 4.91
N LEU D 121 -3.62 29.73 3.91
CA LEU D 121 -2.33 29.32 3.38
C LEU D 121 -1.63 30.46 2.66
N VAL D 122 -2.38 31.25 1.92
CA VAL D 122 -1.81 32.38 1.20
C VAL D 122 -1.34 33.46 2.18
N ALA D 123 -2.16 33.73 3.20
CA ALA D 123 -1.82 34.75 4.19
C ALA D 123 -0.56 34.35 4.93
N LEU D 124 -0.47 33.07 5.29
CA LEU D 124 0.69 32.55 5.99
C LEU D 124 1.92 32.62 5.11
N ALA D 125 1.74 32.35 3.82
CA ALA D 125 2.84 32.38 2.85
C ALA D 125 3.36 33.81 2.65
N ALA D 126 2.46 34.78 2.72
CA ALA D 126 2.84 36.17 2.53
C ALA D 126 3.80 36.60 3.64
N VAL D 127 3.40 36.34 4.87
CA VAL D 127 4.22 36.68 6.03
C VAL D 127 5.49 35.84 6.13
N ASN D 128 5.38 34.54 5.84
CA ASN D 128 6.54 33.66 5.91
C ASN D 128 7.64 34.10 4.94
N THR D 129 7.25 34.44 3.71
CA THR D 129 8.20 34.87 2.69
C THR D 129 8.90 36.17 3.10
N ALA D 130 8.13 37.14 3.59
CA ALA D 130 8.68 38.43 4.02
C ALA D 130 9.67 38.24 5.16
N ILE D 131 9.32 37.39 6.12
CA ILE D 131 10.18 37.12 7.26
C ILE D 131 11.50 36.50 6.79
N TRP D 132 11.41 35.58 5.84
CA TRP D 132 12.60 34.94 5.30
C TRP D 132 13.50 35.97 4.61
N ASP D 133 12.89 36.97 3.99
CA ASP D 133 13.67 38.04 3.34
C ASP D 133 14.39 38.84 4.41
N ALA D 134 13.73 39.05 5.55
CA ALA D 134 14.31 39.81 6.64
C ALA D 134 15.50 39.06 7.22
N VAL D 135 15.36 37.74 7.36
CA VAL D 135 16.44 36.93 7.90
C VAL D 135 17.62 36.89 6.94
N GLY D 136 17.34 36.84 5.64
CA GLY D 136 18.41 36.82 4.67
C GLY D 136 19.26 38.07 4.82
N LYS D 137 18.59 39.22 4.90
CA LYS D 137 19.26 40.50 5.05
C LYS D 137 20.00 40.59 6.38
N ALA D 138 19.36 40.11 7.45
CA ALA D 138 19.98 40.14 8.77
C ALA D 138 21.28 39.34 8.77
N LEU D 139 21.30 38.20 8.07
CA LEU D 139 22.49 37.38 8.03
C LEU D 139 23.35 37.71 6.82
N LYS D 140 22.96 38.72 6.05
CA LYS D 140 23.71 39.11 4.86
C LYS D 140 23.83 37.92 3.92
N MSE D 141 22.74 37.17 3.78
CA MSE D 141 22.73 35.98 2.93
C MSE D 141 21.63 35.95 1.88
O MSE D 141 20.47 36.21 2.19
CB MSE D 141 22.59 34.73 3.80
CG MSE D 141 23.79 34.41 4.66
SE MSE D 141 25.12 33.41 3.69
CE MSE D 141 24.46 31.64 4.06
N PRO D 142 21.97 35.63 0.63
CA PRO D 142 20.92 35.57 -0.40
C PRO D 142 20.15 34.29 -0.05
N LEU D 143 18.83 34.30 -0.24
CA LEU D 143 18.03 33.12 0.09
C LEU D 143 18.38 31.84 -0.66
N TRP D 144 18.85 31.95 -1.90
CA TRP D 144 19.19 30.75 -2.64
C TRP D 144 20.34 30.03 -1.97
N LYS D 145 21.21 30.77 -1.29
CA LYS D 145 22.30 30.12 -0.62
C LYS D 145 21.88 29.72 0.79
N LEU D 146 21.19 30.61 1.48
CA LEU D 146 20.75 30.30 2.84
C LEU D 146 19.86 29.05 2.85
N TRP D 147 19.12 28.84 1.76
CA TRP D 147 18.23 27.69 1.67
C TRP D 147 18.92 26.42 1.16
N GLY D 148 20.24 26.48 0.97
CA GLY D 148 20.93 25.29 0.50
C GLY D 148 22.11 25.56 -0.40
N GLY D 149 22.00 26.60 -1.23
CA GLY D 149 23.08 26.98 -2.11
C GLY D 149 23.56 25.93 -3.08
N TYR D 150 22.67 25.12 -3.65
CA TYR D 150 23.10 24.11 -4.59
C TYR D 150 23.77 24.77 -5.82
N ARG D 151 23.11 25.79 -6.36
CA ARG D 151 23.63 26.53 -7.51
C ARG D 151 22.98 27.91 -7.46
N ASN D 152 23.45 28.83 -8.31
CA ASN D 152 22.90 30.17 -8.32
C ASN D 152 22.29 30.55 -9.66
N GLU D 153 22.19 29.60 -10.57
CA GLU D 153 21.61 29.87 -11.88
C GLU D 153 20.74 28.70 -12.35
N LEU D 154 19.64 29.02 -13.01
CA LEU D 154 18.75 27.99 -13.53
C LEU D 154 17.97 28.51 -14.72
N PRO D 155 17.53 27.60 -15.60
CA PRO D 155 16.78 28.06 -16.76
C PRO D 155 15.36 28.49 -16.40
N MSE D 156 14.82 29.38 -17.22
CA MSE D 156 13.47 29.85 -17.00
C MSE D 156 12.65 29.77 -18.28
O MSE D 156 13.13 30.13 -19.37
CB MSE D 156 13.45 31.29 -16.49
CG MSE D 156 12.08 31.66 -15.93
SE MSE D 156 11.96 33.42 -15.20
CE MSE D 156 12.77 33.09 -13.48
N ILE D 157 11.44 29.29 -18.14
CA ILE D 157 10.54 29.14 -19.26
C ILE D 157 9.33 30.03 -19.04
N ALA D 158 8.50 30.19 -20.07
CA ALA D 158 7.30 31.02 -19.97
C ALA D 158 6.05 30.15 -20.08
N ILE D 159 4.99 30.57 -19.40
CA ILE D 159 3.73 29.84 -19.46
C ILE D 159 2.95 30.41 -20.63
N GLY D 160 2.89 29.66 -21.73
CA GLY D 160 2.17 30.14 -22.89
C GLY D 160 1.29 29.10 -23.54
N GLY D 161 1.07 29.26 -24.85
CA GLY D 161 0.27 28.31 -25.60
C GLY D 161 -1.22 28.34 -25.25
N TYR D 162 -1.72 29.50 -24.88
CA TYR D 162 -3.14 29.63 -24.54
C TYR D 162 -4.05 29.46 -25.75
N TYR D 163 -5.19 28.81 -25.55
CA TYR D 163 -6.13 28.60 -26.65
C TYR D 163 -6.70 29.96 -27.07
N GLY D 164 -6.87 30.17 -28.36
CA GLY D 164 -7.39 31.44 -28.83
C GLY D 164 -6.35 32.27 -29.53
N GLU D 165 -5.08 31.95 -29.29
CA GLU D 165 -3.96 32.66 -29.91
C GLU D 165 -3.90 34.13 -29.47
N PRO D 166 -4.07 34.41 -28.17
CA PRO D 166 -4.00 35.80 -27.73
C PRO D 166 -2.62 36.43 -27.97
N LEU D 167 -1.62 35.57 -28.16
CA LEU D 167 -0.24 36.03 -28.43
C LEU D 167 0.19 35.67 -29.85
N GLY D 168 -0.78 35.60 -30.76
CA GLY D 168 -0.45 35.25 -32.12
C GLY D 168 -0.43 33.74 -32.29
N SER D 169 -0.02 33.28 -33.47
CA SER D 169 0.05 31.85 -33.76
C SER D 169 1.11 31.15 -32.91
N ILE D 170 1.09 29.82 -32.96
CA ILE D 170 2.05 29.02 -32.20
C ILE D 170 3.47 29.40 -32.57
N ALA D 171 3.76 29.32 -33.87
CA ALA D 171 5.08 29.66 -34.39
C ALA D 171 5.56 31.02 -33.89
N ASP D 172 4.71 32.03 -34.02
CA ASP D 172 5.08 33.37 -33.58
C ASP D 172 5.31 33.44 -32.07
N GLU D 173 4.48 32.74 -31.31
CA GLU D 173 4.61 32.74 -29.87
C GLU D 173 5.98 32.17 -29.45
N MSE D 174 6.32 31.02 -30.03
CA MSE D 174 7.58 30.34 -29.75
C MSE D 174 8.80 31.20 -30.11
O MSE D 174 9.80 31.24 -29.38
CB MSE D 174 7.65 29.02 -30.52
CG MSE D 174 7.39 27.74 -29.72
SE MSE D 174 6.31 27.93 -28.10
CE MSE D 174 4.61 28.38 -28.90
N HIS D 175 8.72 31.90 -31.24
CA HIS D 175 9.82 32.75 -31.69
C HIS D 175 9.99 33.92 -30.72
N ASN D 176 8.88 34.52 -30.31
CA ASN D 176 8.89 35.64 -29.40
C ASN D 176 9.54 35.28 -28.06
N TYR D 177 9.30 34.06 -27.59
CA TYR D 177 9.88 33.64 -26.33
C TYR D 177 11.37 33.43 -26.51
N GLN D 178 11.75 32.95 -27.69
CA GLN D 178 13.15 32.73 -28.01
C GLN D 178 13.84 34.09 -28.12
N GLU D 179 13.09 35.10 -28.55
CA GLU D 179 13.63 36.45 -28.68
C GLU D 179 13.90 37.04 -27.30
N LEU D 180 12.99 36.75 -26.36
CA LEU D 180 13.12 37.24 -25.00
C LEU D 180 14.22 36.51 -24.23
N GLY D 181 14.83 35.52 -24.87
CA GLY D 181 15.90 34.77 -24.23
C GLY D 181 15.42 33.72 -23.25
N LEU D 182 14.17 33.30 -23.39
CA LEU D 182 13.62 32.28 -22.52
C LEU D 182 14.13 30.91 -22.93
N ALA D 183 14.29 30.02 -21.95
CA ALA D 183 14.79 28.68 -22.19
C ALA D 183 13.77 27.73 -22.81
N GLY D 184 12.50 28.07 -22.71
CA GLY D 184 11.46 27.21 -23.26
C GLY D 184 10.09 27.68 -22.87
N VAL D 185 9.10 26.79 -22.95
CA VAL D 185 7.73 27.16 -22.64
C VAL D 185 6.95 26.06 -21.92
N LYS D 186 5.90 26.46 -21.21
CA LYS D 186 5.02 25.51 -20.57
C LYS D 186 3.76 25.71 -21.40
N PHE D 187 3.59 24.82 -22.38
CA PHE D 187 2.49 24.87 -23.34
C PHE D 187 1.15 24.31 -22.82
N LYS D 188 0.10 25.13 -22.89
CA LYS D 188 -1.22 24.71 -22.43
C LYS D 188 -1.88 23.73 -23.38
N VAL D 189 -2.51 22.71 -22.80
CA VAL D 189 -3.27 21.69 -23.53
C VAL D 189 -4.44 21.33 -22.61
N GLY D 190 -5.06 20.18 -22.83
CA GLY D 190 -6.17 19.76 -21.99
C GLY D 190 -7.56 20.21 -22.42
N GLY D 191 -7.64 20.97 -23.51
CA GLY D 191 -8.94 21.44 -23.96
C GLY D 191 -9.45 20.85 -25.27
N LEU D 192 -8.61 20.07 -25.95
CA LEU D 192 -9.01 19.47 -27.22
C LEU D 192 -8.77 17.97 -27.17
N SER D 193 -9.05 17.28 -28.27
CA SER D 193 -8.83 15.85 -28.32
C SER D 193 -7.32 15.62 -28.31
N ALA D 194 -6.91 14.36 -28.19
CA ALA D 194 -5.51 14.01 -28.16
C ALA D 194 -4.82 14.34 -29.48
N ALA D 195 -5.47 14.01 -30.59
CA ALA D 195 -4.91 14.29 -31.91
C ALA D 195 -4.77 15.80 -32.11
N GLU D 196 -5.81 16.52 -31.69
CA GLU D 196 -5.83 17.97 -31.81
C GLU D 196 -4.67 18.62 -31.07
N ASP D 197 -4.62 18.40 -29.76
CA ASP D 197 -3.55 18.98 -28.96
C ASP D 197 -2.19 18.44 -29.35
N ALA D 198 -2.15 17.20 -29.84
CA ALA D 198 -0.89 16.59 -30.27
C ALA D 198 -0.32 17.36 -31.46
N ALA D 199 -1.22 17.94 -32.26
CA ALA D 199 -0.84 18.72 -33.43
C ALA D 199 -0.30 20.08 -33.02
N ARG D 200 -0.91 20.67 -32.00
CA ARG D 200 -0.45 21.96 -31.51
C ARG D 200 0.96 21.81 -30.92
N ILE D 201 1.18 20.75 -30.15
CA ILE D 201 2.49 20.50 -29.54
C ILE D 201 3.55 20.35 -30.63
N THR D 202 3.23 19.58 -31.66
CA THR D 202 4.12 19.34 -32.79
C THR D 202 4.49 20.68 -33.43
N ALA D 203 3.50 21.55 -33.59
CA ALA D 203 3.74 22.86 -34.17
C ALA D 203 4.72 23.68 -33.32
N ALA D 204 4.66 23.50 -32.00
CA ALA D 204 5.55 24.22 -31.09
C ALA D 204 7.00 23.79 -31.30
N ARG D 205 7.22 22.47 -31.33
CA ARG D 205 8.55 21.91 -31.56
C ARG D 205 9.11 22.30 -32.92
N GLU D 206 8.32 22.08 -33.97
CA GLU D 206 8.76 22.39 -35.33
C GLU D 206 9.30 23.81 -35.41
N ALA D 207 8.50 24.76 -34.92
CA ALA D 207 8.88 26.17 -34.96
C ALA D 207 10.03 26.54 -34.03
N ALA D 208 10.02 26.00 -32.82
CA ALA D 208 11.06 26.32 -31.84
C ALA D 208 12.42 25.67 -32.05
N GLY D 209 12.44 24.45 -32.58
CA GLY D 209 13.71 23.77 -32.77
C GLY D 209 13.96 22.79 -31.63
N ASP D 210 15.11 22.13 -31.66
CA ASP D 210 15.46 21.15 -30.64
C ASP D 210 15.97 21.70 -29.31
N ASP D 211 16.67 22.83 -29.33
CA ASP D 211 17.18 23.37 -28.07
C ASP D 211 16.20 24.40 -27.49
N PHE D 212 15.12 23.86 -26.94
CA PHE D 212 14.07 24.65 -26.33
C PHE D 212 13.28 23.69 -25.46
N ILE D 213 13.12 24.01 -24.18
CA ILE D 213 12.39 23.13 -23.29
C ILE D 213 10.89 23.26 -23.59
N ILE D 214 10.23 22.12 -23.79
CA ILE D 214 8.80 22.15 -24.05
C ILE D 214 8.07 21.32 -22.99
N CYS D 215 7.38 22.01 -22.08
CA CYS D 215 6.60 21.35 -21.04
C CYS D 215 5.17 21.60 -21.45
N ILE D 216 4.25 20.71 -21.07
CA ILE D 216 2.84 20.91 -21.39
C ILE D 216 2.02 20.82 -20.10
N ASP D 217 0.91 21.55 -20.07
CA ASP D 217 0.06 21.61 -18.89
C ASP D 217 -1.41 21.49 -19.29
N ALA D 218 -2.06 20.43 -18.83
CA ALA D 218 -3.47 20.22 -19.15
C ALA D 218 -4.39 20.80 -18.08
N ASN D 219 -3.81 21.23 -16.96
CA ASN D 219 -4.57 21.79 -15.85
C ASN D 219 -5.79 20.91 -15.49
N GLN D 220 -5.55 19.61 -15.31
CA GLN D 220 -6.59 18.65 -14.92
C GLN D 220 -7.72 18.53 -15.96
N GLY D 221 -7.40 18.67 -17.24
CA GLY D 221 -8.44 18.63 -18.25
C GLY D 221 -8.82 17.32 -18.92
N TYR D 222 -7.91 16.34 -18.98
CA TYR D 222 -8.20 15.08 -19.65
C TYR D 222 -8.66 13.90 -18.80
N LYS D 223 -9.31 12.95 -19.46
CA LYS D 223 -9.73 11.72 -18.84
C LYS D 223 -8.42 10.92 -18.97
N PRO D 224 -8.18 9.96 -18.07
CA PRO D 224 -6.95 9.18 -18.14
C PRO D 224 -6.55 8.68 -19.54
N ALA D 225 -7.48 8.03 -20.23
CA ALA D 225 -7.20 7.48 -21.56
C ALA D 225 -6.78 8.53 -22.58
N VAL D 226 -7.37 9.71 -22.51
CA VAL D 226 -7.03 10.77 -23.46
C VAL D 226 -5.61 11.26 -23.18
N ALA D 227 -5.26 11.38 -21.91
CA ALA D 227 -3.93 11.84 -21.52
C ALA D 227 -2.90 10.82 -22.01
N VAL D 228 -3.20 9.53 -21.83
CA VAL D 228 -2.30 8.49 -22.29
C VAL D 228 -2.15 8.59 -23.81
N ASP D 229 -3.27 8.74 -24.50
CA ASP D 229 -3.27 8.87 -25.96
C ASP D 229 -2.29 9.99 -26.36
N LEU D 230 -2.50 11.17 -25.78
CA LEU D 230 -1.67 12.34 -26.05
C LEU D 230 -0.19 12.08 -25.75
N SER D 231 0.09 11.60 -24.54
CA SER D 231 1.45 11.31 -24.10
C SER D 231 2.20 10.42 -25.09
N ARG D 232 1.51 9.39 -25.59
CA ARG D 232 2.13 8.49 -26.54
C ARG D 232 2.34 9.15 -27.90
N ARG D 233 1.37 9.96 -28.32
CA ARG D 233 1.46 10.64 -29.62
C ARG D 233 2.64 11.62 -29.69
N ILE D 234 2.99 12.23 -28.56
CA ILE D 234 4.09 13.20 -28.54
C ILE D 234 5.40 12.62 -28.03
N ALA D 235 5.51 11.30 -28.05
CA ALA D 235 6.71 10.62 -27.54
C ALA D 235 8.03 10.97 -28.22
N ASP D 236 7.97 11.52 -29.43
CA ASP D 236 9.20 11.87 -30.15
C ASP D 236 9.50 13.36 -30.14
N LEU D 237 8.65 14.14 -29.50
CA LEU D 237 8.83 15.59 -29.45
C LEU D 237 9.66 16.06 -28.25
N ASN D 238 10.25 15.12 -27.52
CA ASN D 238 11.07 15.43 -26.36
C ASN D 238 10.41 16.43 -25.41
N ILE D 239 9.25 16.05 -24.85
CA ILE D 239 8.55 16.92 -23.93
C ILE D 239 9.16 16.77 -22.55
N ARG D 240 9.44 17.90 -21.89
CA ARG D 240 10.05 17.86 -20.56
C ARG D 240 9.19 17.12 -19.57
N TRP D 241 7.93 17.53 -19.46
CA TRP D 241 7.00 16.88 -18.56
C TRP D 241 5.56 17.22 -18.91
N PHE D 242 4.64 16.45 -18.34
CA PHE D 242 3.20 16.58 -18.59
C PHE D 242 2.60 16.96 -17.24
N GLU D 243 2.18 18.21 -17.12
CA GLU D 243 1.63 18.73 -15.87
C GLU D 243 0.12 18.52 -15.69
N GLU D 244 -0.26 18.10 -14.48
CA GLU D 244 -1.65 17.83 -14.09
C GLU D 244 -2.47 17.37 -15.29
N PRO D 245 -2.18 16.18 -15.82
CA PRO D 245 -2.86 15.60 -16.98
C PRO D 245 -4.33 15.19 -16.86
N VAL D 246 -4.75 14.77 -15.67
CA VAL D 246 -6.11 14.28 -15.48
C VAL D 246 -7.05 15.04 -14.55
N GLU D 247 -8.36 14.74 -14.68
CA GLU D 247 -9.40 15.35 -13.85
C GLU D 247 -9.02 15.23 -12.36
N TRP D 248 -9.50 16.20 -11.59
CA TRP D 248 -9.18 16.32 -10.16
C TRP D 248 -9.51 15.25 -9.13
N HIS D 249 -10.75 14.76 -9.10
CA HIS D 249 -11.18 13.80 -8.08
C HIS D 249 -10.26 12.60 -7.80
N ASN D 250 -9.72 11.97 -8.82
CA ASN D 250 -8.83 10.83 -8.61
C ASN D 250 -7.48 11.11 -9.29
N ASP D 251 -7.01 12.35 -9.22
CA ASP D 251 -5.76 12.68 -9.92
C ASP D 251 -4.54 11.87 -9.57
N LYS D 252 -4.30 11.61 -8.29
CA LYS D 252 -3.13 10.84 -7.88
C LYS D 252 -2.97 9.52 -8.64
N ARG D 253 -3.95 8.62 -8.50
CA ARG D 253 -3.87 7.32 -9.16
C ARG D 253 -3.95 7.40 -10.68
N SER D 254 -4.84 8.26 -11.18
CA SER D 254 -5.00 8.43 -12.62
C SER D 254 -3.77 9.01 -13.32
N MSE D 255 -3.08 9.97 -12.70
CA MSE D 255 -1.91 10.49 -13.39
C MSE D 255 -0.76 9.50 -13.24
O MSE D 255 0.17 9.48 -14.05
CB MSE D 255 -1.53 11.89 -12.89
CG MSE D 255 -1.05 11.99 -11.48
SE MSE D 255 -0.36 13.80 -11.12
CE MSE D 255 0.54 13.34 -9.52
N ARG D 256 -0.83 8.67 -12.21
CA ARG D 256 0.20 7.66 -12.03
C ARG D 256 0.07 6.70 -13.22
N ASP D 257 -1.15 6.45 -13.66
CA ASP D 257 -1.36 5.57 -14.80
C ASP D 257 -0.94 6.24 -16.10
N VAL D 258 -1.10 7.57 -16.17
CA VAL D 258 -0.69 8.30 -17.37
C VAL D 258 0.83 8.21 -17.41
N ARG D 259 1.43 8.21 -16.23
CA ARG D 259 2.86 8.14 -16.08
C ARG D 259 3.45 6.82 -16.61
N TYR D 260 2.89 5.70 -16.15
CA TYR D 260 3.38 4.38 -16.56
C TYR D 260 2.87 3.89 -17.92
N GLN D 261 1.66 4.29 -18.30
CA GLN D 261 1.11 3.87 -19.59
C GLN D 261 1.57 4.83 -20.68
N GLY D 262 1.89 6.06 -20.27
CA GLY D 262 2.35 7.06 -21.23
C GLY D 262 3.83 6.98 -21.58
N SER D 263 4.38 8.08 -22.08
CA SER D 263 5.79 8.14 -22.47
C SER D 263 6.49 9.40 -21.97
N VAL D 264 5.78 10.24 -21.23
CA VAL D 264 6.29 11.53 -20.74
C VAL D 264 6.29 11.67 -19.20
N PRO D 265 7.32 12.33 -18.62
CA PRO D 265 7.36 12.51 -17.16
C PRO D 265 6.15 13.30 -16.71
N VAL D 266 5.60 12.96 -15.56
CA VAL D 266 4.43 13.66 -15.05
C VAL D 266 4.78 14.65 -13.92
N CYS D 267 4.10 15.79 -13.91
CA CYS D 267 4.34 16.82 -12.90
C CYS D 267 3.04 17.31 -12.28
N ALA D 268 3.06 17.52 -10.98
CA ALA D 268 1.88 18.00 -10.27
C ALA D 268 2.30 18.44 -8.88
N GLY D 269 1.36 19.00 -8.13
CA GLY D 269 1.66 19.46 -6.78
C GLY D 269 1.09 20.85 -6.50
N GLN D 270 0.93 21.64 -7.54
CA GLN D 270 0.41 22.98 -7.38
C GLN D 270 -0.98 23.00 -6.76
N THR D 271 -1.73 21.91 -6.91
CA THR D 271 -3.07 21.88 -6.35
C THR D 271 -3.13 21.30 -4.94
N GLU D 272 -2.01 20.77 -4.46
CA GLU D 272 -1.98 20.23 -3.11
C GLU D 272 -1.98 21.41 -2.14
N PHE D 273 -2.45 21.18 -0.92
CA PHE D 273 -2.52 22.20 0.11
C PHE D 273 -1.35 22.18 1.10
N SER D 274 -0.64 21.06 1.15
CA SER D 274 0.46 20.92 2.08
C SER D 274 1.50 19.90 1.64
N ALA D 275 2.55 19.73 2.45
CA ALA D 275 3.60 18.78 2.15
C ALA D 275 3.02 17.37 2.20
N SER D 276 2.05 17.15 3.09
CA SER D 276 1.41 15.85 3.22
C SER D 276 0.77 15.44 1.90
N GLY D 277 0.06 16.38 1.28
CA GLY D 277 -0.57 16.09 -0.01
C GLY D 277 0.45 15.77 -1.09
N CYS D 278 1.58 16.47 -1.09
CA CYS D 278 2.63 16.22 -2.08
C CYS D 278 3.25 14.87 -1.78
N ARG D 279 3.33 14.56 -0.49
CA ARG D 279 3.87 13.29 -0.05
C ARG D 279 2.95 12.18 -0.59
N ASP D 280 1.64 12.41 -0.59
CA ASP D 280 0.68 11.41 -1.10
C ASP D 280 0.89 11.18 -2.59
N LEU D 281 1.13 12.27 -3.31
CA LEU D 281 1.37 12.23 -4.75
C LEU D 281 2.59 11.33 -5.00
N MSE D 282 3.64 11.56 -4.23
CA MSE D 282 4.88 10.78 -4.37
C MSE D 282 4.72 9.33 -3.95
O MSE D 282 5.24 8.43 -4.60
CB MSE D 282 6.00 11.43 -3.55
CG MSE D 282 6.45 12.77 -4.11
SE MSE D 282 7.66 13.68 -2.92
CE MSE D 282 7.01 15.48 -3.17
N GLU D 283 4.03 9.12 -2.84
CA GLU D 283 3.81 7.77 -2.34
C GLU D 283 3.04 6.92 -3.37
N THR D 284 2.12 7.55 -4.08
CA THR D 284 1.32 6.87 -5.10
C THR D 284 2.11 6.56 -6.38
N GLY D 285 3.25 7.23 -6.56
CA GLY D 285 4.06 7.03 -7.76
C GLY D 285 3.46 7.81 -8.91
N ALA D 286 2.76 8.89 -8.57
CA ALA D 286 2.10 9.70 -9.57
C ALA D 286 2.95 10.76 -10.28
N ILE D 287 4.09 11.13 -9.70
CA ILE D 287 4.91 12.19 -10.27
C ILE D 287 6.42 12.01 -10.39
N ASP D 288 6.98 12.65 -11.41
CA ASP D 288 8.42 12.65 -11.63
C ASP D 288 8.91 14.00 -11.08
N VAL D 289 8.04 15.00 -11.12
CA VAL D 289 8.36 16.35 -10.63
C VAL D 289 7.22 16.93 -9.78
N CYS D 290 7.58 17.64 -8.72
CA CYS D 290 6.58 18.27 -7.86
C CYS D 290 6.69 19.78 -8.00
N ASN D 291 5.60 20.43 -8.40
CA ASN D 291 5.62 21.88 -8.57
C ASN D 291 4.79 22.63 -7.51
N PHE D 292 4.83 22.09 -6.29
CA PHE D 292 4.14 22.67 -5.14
C PHE D 292 4.36 24.19 -5.20
N ASP D 293 3.31 24.97 -5.00
CA ASP D 293 3.41 26.44 -5.05
C ASP D 293 3.46 27.05 -3.64
N SER D 294 4.64 27.51 -3.25
CA SER D 294 4.83 28.09 -1.92
C SER D 294 3.92 29.26 -1.56
N SER D 295 3.69 30.16 -2.51
CA SER D 295 2.86 31.34 -2.26
C SER D 295 1.40 30.96 -2.08
N TRP D 296 1.08 29.71 -2.41
CA TRP D 296 -0.27 29.20 -2.33
C TRP D 296 -0.42 28.30 -1.11
N SER D 297 0.71 27.83 -0.56
CA SER D 297 0.65 26.87 0.54
C SER D 297 1.48 27.03 1.81
N GLY D 298 1.52 28.22 2.40
CA GLY D 298 2.27 28.36 3.63
C GLY D 298 3.67 28.92 3.54
N GLY D 299 4.09 29.30 2.33
CA GLY D 299 5.41 29.88 2.16
C GLY D 299 6.59 28.95 2.00
N PRO D 300 7.80 29.51 1.90
CA PRO D 300 9.02 28.72 1.73
C PRO D 300 9.21 27.62 2.79
N THR D 301 8.86 27.91 4.04
CA THR D 301 9.04 26.90 5.07
C THR D 301 8.30 25.61 4.69
N ALA D 302 7.10 25.75 4.13
CA ALA D 302 6.32 24.59 3.72
C ALA D 302 6.93 23.94 2.47
N TRP D 303 7.30 24.77 1.51
CA TRP D 303 7.90 24.29 0.26
C TRP D 303 9.20 23.53 0.52
N LEU D 304 10.04 24.06 1.42
CA LEU D 304 11.30 23.40 1.71
C LEU D 304 11.11 22.03 2.37
N ARG D 305 9.99 21.85 3.07
CA ARG D 305 9.72 20.57 3.70
C ARG D 305 9.37 19.57 2.58
N THR D 306 8.58 20.02 1.61
CA THR D 306 8.18 19.20 0.48
C THR D 306 9.41 18.81 -0.34
N ALA D 307 10.33 19.75 -0.49
CA ALA D 307 11.55 19.47 -1.25
C ALA D 307 12.34 18.38 -0.52
N ALA D 308 12.40 18.44 0.80
CA ALA D 308 13.11 17.43 1.57
C ALA D 308 12.50 16.05 1.32
N ILE D 309 11.17 15.99 1.35
CA ILE D 309 10.46 14.74 1.13
C ILE D 309 10.75 14.21 -0.27
N ALA D 310 10.75 15.10 -1.26
CA ALA D 310 11.03 14.70 -2.63
C ALA D 310 12.39 14.04 -2.79
N THR D 311 13.38 14.46 -2.00
CA THR D 311 14.71 13.83 -2.09
C THR D 311 14.64 12.36 -1.67
N SER D 312 13.87 12.06 -0.63
CA SER D 312 13.75 10.67 -0.16
C SER D 312 13.02 9.78 -1.18
N TYR D 313 12.34 10.41 -2.13
CA TYR D 313 11.58 9.73 -3.19
C TYR D 313 12.25 9.85 -4.58
N ASP D 314 13.31 10.64 -4.68
CA ASP D 314 13.99 10.85 -5.96
C ASP D 314 13.09 11.62 -6.92
N VAL D 315 12.23 12.47 -6.37
CA VAL D 315 11.33 13.28 -7.19
C VAL D 315 11.97 14.66 -7.31
N GLN D 316 11.91 15.26 -8.51
CA GLN D 316 12.50 16.59 -8.72
C GLN D 316 11.55 17.70 -8.31
N MSE D 317 12.09 18.88 -8.03
CA MSE D 317 11.28 20.01 -7.64
C MSE D 317 11.15 21.08 -8.74
O MSE D 317 12.11 21.40 -9.44
CB MSE D 317 11.83 20.69 -6.39
CG MSE D 317 11.72 19.87 -5.10
SE MSE D 317 9.90 19.33 -4.61
CE MSE D 317 8.94 20.98 -4.83
N GLY D 318 9.93 21.59 -8.85
CA GLY D 318 9.61 22.65 -9.79
C GLY D 318 8.83 23.64 -8.96
N HIS D 319 8.14 24.58 -9.60
CA HIS D 319 7.35 25.54 -8.85
C HIS D 319 6.43 26.32 -9.77
N HIS D 320 5.13 26.20 -9.49
CA HIS D 320 4.11 26.89 -10.26
C HIS D 320 4.34 28.40 -10.16
N GLU D 321 4.81 29.00 -11.27
CA GLU D 321 5.10 30.43 -11.39
C GLU D 321 5.79 31.10 -10.20
N GLU D 322 5.40 32.33 -9.89
CA GLU D 322 5.96 33.10 -8.77
C GLU D 322 7.50 33.12 -8.80
N PRO D 323 8.08 33.57 -9.93
CA PRO D 323 9.55 33.63 -10.08
C PRO D 323 10.30 34.47 -9.05
N GLN D 324 9.63 35.47 -8.48
CA GLN D 324 10.30 36.33 -7.49
C GLN D 324 10.72 35.51 -6.27
N VAL D 325 10.19 34.30 -6.16
CA VAL D 325 10.53 33.44 -5.04
C VAL D 325 11.06 32.07 -5.49
N SER D 326 10.48 31.53 -6.56
CA SER D 326 10.88 30.20 -7.03
C SER D 326 12.34 30.11 -7.48
N THR D 327 12.85 31.19 -8.07
CA THR D 327 14.24 31.21 -8.53
C THR D 327 15.15 30.84 -7.36
N HIS D 328 14.92 31.46 -6.20
CA HIS D 328 15.72 31.18 -5.00
C HIS D 328 15.48 29.77 -4.45
N LEU D 329 14.21 29.41 -4.27
CA LEU D 329 13.85 28.09 -3.75
C LEU D 329 14.44 26.99 -4.61
N LEU D 330 14.19 27.08 -5.91
CA LEU D 330 14.65 26.07 -6.85
C LEU D 330 16.16 25.95 -6.99
N ALA D 331 16.86 27.09 -7.03
CA ALA D 331 18.31 27.08 -7.18
C ALA D 331 19.00 26.49 -5.95
N SER D 332 18.40 26.68 -4.78
CA SER D 332 18.97 26.20 -3.53
C SER D 332 19.07 24.68 -3.42
N GLN D 333 18.21 23.98 -4.14
CA GLN D 333 18.11 22.51 -4.08
C GLN D 333 18.85 21.71 -5.14
N PRO D 334 19.40 20.57 -4.74
CA PRO D 334 20.12 19.75 -5.72
C PRO D 334 19.18 19.14 -6.77
N HIS D 335 17.90 19.01 -6.42
CA HIS D 335 16.92 18.43 -7.34
C HIS D 335 15.98 19.46 -7.96
N GLY D 336 16.33 20.74 -7.80
CA GLY D 336 15.53 21.81 -8.38
C GLY D 336 15.61 21.72 -9.90
N THR D 337 14.61 22.22 -10.61
CA THR D 337 14.62 22.12 -12.07
C THR D 337 14.60 23.41 -12.88
N ILE D 338 13.40 23.88 -13.18
CA ILE D 338 13.18 25.07 -14.01
C ILE D 338 12.28 26.13 -13.36
N ALA D 339 12.59 27.39 -13.61
CA ALA D 339 11.80 28.50 -13.09
C ALA D 339 10.81 28.90 -14.18
N GLU D 340 9.67 29.47 -13.79
CA GLU D 340 8.64 29.86 -14.74
C GLU D 340 8.17 31.30 -14.59
N CYS D 341 7.80 31.91 -15.72
CA CYS D 341 7.29 33.27 -15.71
C CYS D 341 6.28 33.42 -16.83
N PHE D 342 5.51 34.50 -16.78
CA PHE D 342 4.51 34.78 -17.81
C PHE D 342 5.16 35.70 -18.82
N HIS D 343 4.53 35.84 -19.99
CA HIS D 343 5.03 36.73 -21.01
C HIS D 343 4.69 38.12 -20.48
N PRO D 344 5.57 39.11 -20.71
CA PRO D 344 5.31 40.48 -20.23
C PRO D 344 3.86 40.94 -20.40
N ASP D 345 3.24 40.59 -21.52
CA ASP D 345 1.87 40.97 -21.78
C ASP D 345 0.89 40.41 -20.77
N ARG D 346 1.22 39.28 -20.15
CA ARG D 346 0.32 38.66 -19.18
C ARG D 346 0.68 38.84 -17.70
N ASP D 347 1.85 39.39 -17.41
CA ASP D 347 2.25 39.62 -16.03
C ASP D 347 3.17 40.82 -15.89
N PRO D 348 2.63 41.95 -15.40
CA PRO D 348 3.37 43.19 -15.21
C PRO D 348 4.23 43.27 -13.94
N PHE D 349 3.97 42.40 -12.97
CA PHE D 349 4.74 42.44 -11.74
C PHE D 349 6.20 42.01 -11.87
N TRP D 350 6.42 40.83 -12.44
CA TRP D 350 7.78 40.33 -12.62
C TRP D 350 8.61 41.25 -13.51
N TRP D 351 8.00 41.75 -14.57
CA TRP D 351 8.67 42.61 -15.53
C TRP D 351 8.70 44.11 -15.22
N ASN D 352 7.77 44.59 -14.41
CA ASN D 352 7.72 46.02 -14.08
C ASN D 352 8.10 46.39 -12.66
N MSE D 353 7.89 45.47 -11.72
CA MSE D 353 8.18 45.78 -10.33
C MSE D 353 9.59 45.54 -9.78
O MSE D 353 9.96 46.13 -8.77
CB MSE D 353 7.18 45.09 -9.42
CG MSE D 353 5.99 45.94 -9.13
SE MSE D 353 5.10 45.36 -7.56
CE MSE D 353 6.40 45.93 -6.25
N ILE D 354 10.36 44.68 -10.42
CA ILE D 354 11.70 44.43 -9.95
C ILE D 354 12.70 45.12 -10.86
N THR D 355 13.27 46.21 -10.36
CA THR D 355 14.22 47.02 -11.11
C THR D 355 15.59 46.39 -11.32
N ASN D 356 15.90 45.34 -10.59
CA ASN D 356 17.20 44.69 -10.72
C ASN D 356 17.10 43.22 -11.14
N ARG D 357 16.10 42.93 -11.96
CA ARG D 357 15.85 41.59 -12.51
C ARG D 357 17.06 41.14 -13.31
N PRO D 358 17.62 39.97 -13.00
CA PRO D 358 18.78 39.47 -13.73
C PRO D 358 18.47 39.38 -15.23
N LYS D 359 19.49 39.58 -16.05
CA LYS D 359 19.35 39.52 -17.50
C LYS D 359 19.39 38.07 -17.94
N LEU D 360 18.39 37.62 -18.68
CA LEU D 360 18.40 36.24 -19.16
C LEU D 360 19.56 36.04 -20.12
N ASN D 361 20.30 34.95 -19.94
CA ASN D 361 21.44 34.66 -20.78
C ASN D 361 21.41 33.21 -21.24
N ASN D 362 21.15 33.01 -22.52
CA ASN D 362 21.07 31.67 -23.10
C ASN D 362 20.01 30.87 -22.34
N GLY D 363 18.87 31.50 -22.08
CA GLY D 363 17.77 30.86 -21.38
C GLY D 363 17.92 30.72 -19.88
N THR D 364 19.07 31.15 -19.35
CA THR D 364 19.33 31.04 -17.91
C THR D 364 19.29 32.37 -17.15
N LEU D 365 18.84 32.29 -15.90
CA LEU D 365 18.77 33.46 -15.04
C LEU D 365 19.71 33.19 -13.87
N THR D 366 20.66 34.09 -13.65
CA THR D 366 21.62 33.92 -12.57
C THR D 366 21.28 34.91 -11.45
N LEU D 367 21.22 34.42 -10.22
CA LEU D 367 20.89 35.23 -9.06
C LEU D 367 22.15 35.85 -8.45
N SER D 368 22.03 37.07 -7.93
CA SER D 368 23.15 37.77 -7.32
C SER D 368 23.34 37.35 -5.87
N ASP D 369 24.33 37.96 -5.22
CA ASP D 369 24.64 37.68 -3.82
C ASP D 369 23.91 38.61 -2.86
N ARG D 370 23.03 39.45 -3.38
CA ARG D 370 22.26 40.36 -2.54
C ARG D 370 21.49 39.55 -1.48
N PRO D 371 21.51 40.00 -0.22
CA PRO D 371 20.84 39.33 0.91
C PRO D 371 19.32 39.19 0.70
N GLY D 372 18.71 38.23 1.40
CA GLY D 372 17.28 37.99 1.27
C GLY D 372 16.90 37.65 -0.17
N LEU D 373 15.76 38.14 -0.64
CA LEU D 373 15.34 37.89 -2.02
C LEU D 373 16.18 38.77 -2.94
N GLY D 374 16.76 39.82 -2.38
CA GLY D 374 17.62 40.73 -3.12
C GLY D 374 16.95 41.54 -4.21
N TRP D 375 15.64 41.74 -4.08
CA TRP D 375 14.89 42.50 -5.09
C TRP D 375 14.72 43.98 -4.74
N ASP D 376 14.76 44.82 -5.78
CA ASP D 376 14.56 46.26 -5.65
C ASP D 376 13.19 46.57 -6.24
N LEU D 377 12.24 46.91 -5.38
CA LEU D 377 10.89 47.20 -5.83
C LEU D 377 10.72 48.60 -6.43
N ASN D 378 9.99 48.68 -7.53
CA ASN D 378 9.73 49.95 -8.19
C ASN D 378 8.58 50.63 -7.48
N TRP D 379 8.90 51.43 -6.46
CA TRP D 379 7.86 52.13 -5.70
C TRP D 379 7.04 53.08 -6.54
N ASP D 380 7.60 53.56 -7.64
CA ASP D 380 6.88 54.47 -8.52
C ASP D 380 5.69 53.68 -9.05
N TYR D 381 5.96 52.40 -9.34
CA TYR D 381 4.95 51.50 -9.87
C TYR D 381 3.92 51.22 -8.77
N ILE D 382 4.44 50.88 -7.59
CA ILE D 382 3.59 50.59 -6.44
C ILE D 382 2.61 51.73 -6.16
N ASP D 383 3.13 52.93 -5.94
CA ASP D 383 2.28 54.08 -5.68
C ASP D 383 1.22 54.30 -6.75
N GLN D 384 1.58 53.99 -7.99
CA GLN D 384 0.65 54.13 -9.10
C GLN D 384 -0.55 53.24 -8.89
N TYR D 385 -0.28 52.00 -8.50
CA TYR D 385 -1.36 51.02 -8.30
C TYR D 385 -1.41 50.45 -6.88
N ARG D 386 -2.54 50.63 -6.20
CA ARG D 386 -2.72 50.09 -4.85
C ARG D 386 -4.05 50.44 -4.20
N GLY E 21 16.51 -42.61 -9.68
CA GLY E 21 15.12 -42.10 -9.56
C GLY E 21 14.16 -43.06 -8.87
N LEU E 22 12.93 -42.59 -8.67
CA LEU E 22 11.88 -43.38 -8.03
C LEU E 22 10.66 -43.30 -8.93
N THR E 23 10.70 -44.04 -10.04
CA THR E 23 9.64 -44.04 -11.03
C THR E 23 8.24 -44.40 -10.52
N ILE E 24 7.27 -43.55 -10.86
CA ILE E 24 5.88 -43.78 -10.47
C ILE E 24 5.29 -44.73 -11.50
N THR E 25 4.70 -45.83 -11.03
CA THR E 25 4.12 -46.82 -11.93
C THR E 25 2.61 -46.92 -11.91
N ARG E 26 1.98 -46.36 -10.88
CA ARG E 26 0.52 -46.42 -10.79
C ARG E 26 -0.05 -45.51 -9.69
N ILE E 27 -1.21 -44.92 -9.99
CA ILE E 27 -1.89 -44.07 -9.04
C ILE E 27 -3.19 -44.76 -8.67
N GLU E 28 -3.36 -45.06 -7.39
CA GLU E 28 -4.55 -45.74 -6.90
C GLU E 28 -5.33 -44.85 -5.95
N THR E 29 -6.65 -44.93 -6.06
CA THR E 29 -7.54 -44.14 -5.22
C THR E 29 -8.55 -45.04 -4.53
N ILE E 30 -8.83 -44.76 -3.26
CA ILE E 30 -9.80 -45.54 -2.52
C ILE E 30 -10.76 -44.57 -1.85
N PRO E 31 -11.81 -44.16 -2.55
CA PRO E 31 -12.75 -43.23 -1.91
C PRO E 31 -13.53 -43.97 -0.83
N MSE E 32 -13.88 -43.28 0.26
CA MSE E 32 -14.62 -43.93 1.31
C MSE E 32 -15.51 -43.00 2.13
O MSE E 32 -15.30 -41.78 2.20
CB MSE E 32 -13.68 -44.70 2.23
CG MSE E 32 -12.42 -43.97 2.63
SE MSE E 32 -11.18 -45.19 3.50
CE MSE E 32 -12.01 -45.27 5.24
N VAL E 33 -16.53 -43.60 2.75
CA VAL E 33 -17.50 -42.89 3.57
C VAL E 33 -17.73 -43.70 4.86
N ALA E 34 -17.51 -43.07 6.01
CA ALA E 34 -17.67 -43.75 7.28
C ALA E 34 -18.28 -42.83 8.33
N ARG E 50 -18.75 -38.46 7.44
CA ARG E 50 -17.35 -38.11 7.20
C ARG E 50 -16.83 -38.94 6.02
N ALA E 51 -16.29 -38.27 5.02
CA ALA E 51 -15.75 -38.95 3.84
C ALA E 51 -14.32 -38.49 3.52
N THR E 52 -13.56 -39.36 2.84
CA THR E 52 -12.19 -39.03 2.47
C THR E 52 -11.72 -39.92 1.32
N ILE E 53 -10.59 -39.56 0.73
CA ILE E 53 -10.03 -40.33 -0.37
C ILE E 53 -8.60 -40.74 -0.01
N VAL E 54 -8.35 -42.04 -0.04
CA VAL E 54 -7.02 -42.57 0.24
C VAL E 54 -6.31 -42.70 -1.11
N THR E 55 -5.20 -41.99 -1.25
CA THR E 55 -4.44 -42.03 -2.49
C THR E 55 -3.15 -42.80 -2.28
N ARG E 56 -2.76 -43.59 -3.27
CA ARG E 56 -1.56 -44.38 -3.17
C ARG E 56 -0.74 -44.31 -4.45
N VAL E 57 0.50 -43.88 -4.33
CA VAL E 57 1.39 -43.76 -5.48
C VAL E 57 2.38 -44.92 -5.51
N HIS E 58 2.19 -45.84 -6.45
CA HIS E 58 3.07 -46.99 -6.59
C HIS E 58 4.33 -46.60 -7.37
N THR E 59 5.48 -47.08 -6.92
CA THR E 59 6.74 -46.78 -7.60
C THR E 59 7.41 -48.05 -8.12
N ASP E 60 8.50 -47.90 -8.87
CA ASP E 60 9.21 -49.06 -9.43
C ASP E 60 10.21 -49.64 -8.44
N ALA E 61 10.21 -49.12 -7.23
CA ALA E 61 11.09 -49.63 -6.19
C ALA E 61 10.18 -50.56 -5.42
N GLY E 62 10.31 -50.59 -4.10
CA GLY E 62 9.42 -51.44 -3.32
C GLY E 62 8.57 -50.54 -2.45
N ILE E 63 8.50 -49.27 -2.84
CA ILE E 63 7.78 -48.26 -2.10
C ILE E 63 6.44 -47.84 -2.65
N ILE E 64 5.49 -47.61 -1.74
CA ILE E 64 4.15 -47.18 -2.10
C ILE E 64 3.79 -45.93 -1.31
N GLY E 65 3.67 -44.79 -1.99
CA GLY E 65 3.31 -43.57 -1.30
C GLY E 65 1.83 -43.66 -0.98
N GLU E 66 1.44 -43.28 0.24
CA GLU E 66 0.04 -43.36 0.63
C GLU E 66 -0.35 -42.33 1.68
N ALA E 67 -1.60 -41.90 1.63
CA ALA E 67 -2.13 -40.93 2.57
C ALA E 67 -3.58 -40.66 2.23
N TYR E 68 -4.32 -40.08 3.16
CA TYR E 68 -5.70 -39.73 2.89
C TYR E 68 -5.83 -38.24 3.13
N THR E 69 -6.63 -37.58 2.31
CA THR E 69 -6.77 -36.14 2.43
C THR E 69 -8.16 -35.61 2.14
N GLY E 70 -8.45 -34.46 2.72
CA GLY E 70 -9.74 -33.83 2.50
C GLY E 70 -10.92 -34.58 3.07
N ASP E 71 -12.05 -33.91 3.10
CA ASP E 71 -13.29 -34.46 3.61
C ASP E 71 -14.39 -33.96 2.69
N GLU E 72 -14.11 -34.02 1.39
CA GLU E 72 -15.07 -33.58 0.38
C GLU E 72 -16.07 -34.73 0.22
N HIS E 73 -17.34 -34.44 0.43
CA HIS E 73 -18.35 -35.48 0.33
C HIS E 73 -19.14 -35.51 -0.98
N GLU E 74 -19.78 -34.39 -1.32
CA GLU E 74 -20.58 -34.29 -2.54
C GLU E 74 -19.75 -34.15 -3.82
N THR E 75 -18.46 -33.90 -3.66
CA THR E 75 -17.57 -33.71 -4.80
C THR E 75 -16.48 -34.75 -4.89
N MSE E 76 -16.50 -35.71 -3.97
CA MSE E 76 -15.49 -36.75 -3.91
C MSE E 76 -15.17 -37.43 -5.25
O MSE E 76 -14.01 -37.45 -5.68
CB MSE E 76 -15.91 -37.81 -2.90
CG MSE E 76 -14.90 -38.93 -2.74
SE MSE E 76 -15.28 -39.94 -1.14
CE MSE E 76 -14.46 -38.71 0.11
N PHE E 77 -16.19 -37.98 -5.90
CA PHE E 77 -15.98 -38.66 -7.18
C PHE E 77 -15.52 -37.72 -8.28
N ASP E 78 -15.95 -36.46 -8.20
CA ASP E 78 -15.53 -35.46 -9.17
C ASP E 78 -14.02 -35.28 -9.02
N ILE E 79 -13.57 -35.23 -7.77
CA ILE E 79 -12.15 -35.08 -7.46
C ILE E 79 -11.42 -36.34 -7.91
N ASP E 80 -11.99 -37.50 -7.59
CA ASP E 80 -11.38 -38.77 -7.98
C ASP E 80 -11.11 -38.79 -9.49
N ARG E 81 -12.06 -38.27 -10.25
CA ARG E 81 -11.94 -38.20 -11.71
C ARG E 81 -10.73 -37.36 -12.14
N ILE E 82 -10.58 -36.17 -11.56
CA ILE E 82 -9.45 -35.29 -11.90
C ILE E 82 -8.13 -36.05 -11.67
N ILE E 83 -8.02 -36.68 -10.51
CA ILE E 83 -6.82 -37.42 -10.17
C ILE E 83 -6.42 -38.41 -11.27
N HIS E 84 -7.37 -39.25 -11.69
CA HIS E 84 -7.11 -40.25 -12.71
C HIS E 84 -7.12 -39.76 -14.15
N GLU E 85 -8.03 -38.86 -14.46
CA GLU E 85 -8.14 -38.33 -15.82
C GLU E 85 -7.16 -37.21 -16.14
N GLU E 86 -6.82 -36.36 -15.16
CA GLU E 86 -5.91 -35.26 -15.43
C GLU E 86 -4.50 -35.36 -14.84
N LEU E 87 -4.39 -35.78 -13.59
CA LEU E 87 -3.08 -35.89 -12.94
C LEU E 87 -2.26 -37.14 -13.24
N ALA E 88 -2.88 -38.31 -13.21
CA ALA E 88 -2.17 -39.56 -13.45
C ALA E 88 -1.31 -39.57 -14.72
N PRO E 89 -1.84 -39.07 -15.85
CA PRO E 89 -1.06 -39.05 -17.09
C PRO E 89 0.22 -38.22 -16.99
N THR E 90 0.23 -37.24 -16.08
CA THR E 90 1.41 -36.41 -15.92
C THR E 90 2.39 -37.09 -14.98
N LEU E 91 1.89 -38.11 -14.27
CA LEU E 91 2.71 -38.83 -13.29
C LEU E 91 3.24 -40.20 -13.70
N ILE E 92 2.39 -41.05 -14.23
CA ILE E 92 2.80 -42.40 -14.62
C ILE E 92 4.10 -42.40 -15.41
N GLY E 93 5.12 -43.03 -14.85
CA GLY E 93 6.42 -43.10 -15.51
C GLY E 93 7.36 -41.95 -15.20
N GLN E 94 7.02 -41.14 -14.21
CA GLN E 94 7.86 -40.00 -13.84
C GLN E 94 8.64 -40.23 -12.55
N ASP E 95 9.67 -39.40 -12.33
CA ASP E 95 10.49 -39.51 -11.13
C ASP E 95 9.83 -38.78 -9.97
N ALA E 96 9.28 -39.55 -9.02
CA ALA E 96 8.62 -38.96 -7.87
C ALA E 96 9.54 -38.09 -7.02
N MSE E 97 10.84 -38.14 -7.29
CA MSE E 97 11.81 -37.36 -6.52
C MSE E 97 11.92 -35.92 -6.98
O MSE E 97 12.48 -35.08 -6.28
CB MSE E 97 13.19 -38.02 -6.57
CG MSE E 97 13.86 -38.12 -5.20
SE MSE E 97 13.21 -39.60 -4.10
CE MSE E 97 11.30 -39.45 -4.39
N ALA E 98 11.40 -35.62 -8.17
CA ALA E 98 11.42 -34.25 -8.68
C ALA E 98 10.07 -33.61 -8.40
N ILE E 99 9.80 -33.34 -7.11
CA ILE E 99 8.53 -32.76 -6.71
C ILE E 99 8.14 -31.45 -7.40
N GLU E 100 9.08 -30.52 -7.57
CA GLU E 100 8.76 -29.24 -8.21
C GLU E 100 8.32 -29.45 -9.66
N ARG E 101 8.96 -30.39 -10.33
CA ARG E 101 8.63 -30.69 -11.71
C ARG E 101 7.22 -31.24 -11.82
N LEU E 102 6.92 -32.25 -11.00
CA LEU E 102 5.61 -32.87 -11.03
C LEU E 102 4.50 -31.93 -10.57
N TRP E 103 4.75 -31.16 -9.52
CA TRP E 103 3.75 -30.23 -9.02
C TRP E 103 3.49 -29.17 -10.08
N ASP E 104 4.55 -28.71 -10.75
CA ASP E 104 4.40 -27.68 -11.77
C ASP E 104 3.48 -28.14 -12.90
N SER E 105 3.66 -29.37 -13.38
CA SER E 105 2.80 -29.84 -14.46
C SER E 105 1.40 -30.17 -13.94
N GLY E 106 1.29 -30.62 -12.69
CA GLY E 106 -0.02 -30.93 -12.16
C GLY E 106 -0.85 -29.69 -11.88
N TYR E 107 -0.18 -28.59 -11.54
CA TYR E 107 -0.84 -27.33 -11.20
C TYR E 107 -1.89 -26.85 -12.21
N LYS E 108 -1.75 -27.25 -13.48
CA LYS E 108 -2.71 -26.82 -14.46
C LYS E 108 -4.14 -27.31 -14.24
N VAL E 109 -4.34 -28.29 -13.36
CA VAL E 109 -5.69 -28.77 -13.10
C VAL E 109 -6.48 -27.68 -12.38
N THR E 110 -5.79 -26.69 -11.85
CA THR E 110 -6.44 -25.59 -11.15
C THR E 110 -6.89 -24.50 -12.11
N PHE E 111 -6.48 -24.60 -13.37
CA PHE E 111 -6.83 -23.60 -14.38
C PHE E 111 -8.26 -23.60 -14.89
N ASP E 112 -8.91 -24.76 -14.90
CA ASP E 112 -10.29 -24.85 -15.41
C ASP E 112 -11.18 -23.77 -14.80
N ILE E 113 -11.56 -22.79 -15.60
CA ILE E 113 -12.39 -21.73 -15.07
C ILE E 113 -13.89 -22.07 -15.08
N LEU E 114 -14.23 -23.30 -15.42
CA LEU E 114 -15.63 -23.72 -15.47
C LEU E 114 -16.07 -24.58 -14.28
N ARG E 115 -15.15 -24.82 -13.34
CA ARG E 115 -15.48 -25.61 -12.17
C ARG E 115 -14.86 -24.97 -10.94
N ASP E 116 -15.34 -25.36 -9.76
CA ASP E 116 -14.81 -24.82 -8.52
C ASP E 116 -13.30 -25.06 -8.52
N ARG E 117 -12.53 -24.03 -8.25
CA ARG E 117 -11.08 -24.17 -8.25
C ARG E 117 -10.61 -25.18 -7.19
N ARG E 118 -11.41 -25.39 -6.16
CA ARG E 118 -11.04 -26.34 -5.10
C ARG E 118 -10.96 -27.79 -5.57
N LEU E 119 -11.75 -28.18 -6.56
CA LEU E 119 -11.70 -29.58 -7.03
C LEU E 119 -10.27 -29.89 -7.48
N GLY E 120 -9.74 -29.02 -8.34
CA GLY E 120 -8.39 -29.22 -8.82
C GLY E 120 -7.35 -29.11 -7.73
N LEU E 121 -7.58 -28.21 -6.78
CA LEU E 121 -6.61 -28.04 -5.70
C LEU E 121 -6.61 -29.25 -4.77
N VAL E 122 -7.78 -29.81 -4.51
CA VAL E 122 -7.87 -30.98 -3.64
C VAL E 122 -7.22 -32.17 -4.32
N ALA E 123 -7.43 -32.31 -5.63
CA ALA E 123 -6.85 -33.41 -6.38
C ALA E 123 -5.32 -33.35 -6.36
N LEU E 124 -4.79 -32.16 -6.61
CA LEU E 124 -3.35 -31.94 -6.63
C LEU E 124 -2.77 -32.24 -5.25
N ALA E 125 -3.49 -31.85 -4.20
CA ALA E 125 -3.04 -32.07 -2.83
C ALA E 125 -2.97 -33.55 -2.50
N ALA E 126 -3.98 -34.29 -2.94
CA ALA E 126 -4.03 -35.73 -2.65
C ALA E 126 -2.82 -36.45 -3.22
N VAL E 127 -2.47 -36.11 -4.45
CA VAL E 127 -1.34 -36.72 -5.11
C VAL E 127 0.00 -36.22 -4.55
N ASN E 128 0.08 -34.92 -4.30
CA ASN E 128 1.31 -34.33 -3.77
C ASN E 128 1.65 -34.97 -2.43
N THR E 129 0.65 -35.10 -1.56
CA THR E 129 0.88 -35.68 -0.25
C THR E 129 1.35 -37.14 -0.33
N ALA E 130 0.76 -37.92 -1.23
CA ALA E 130 1.14 -39.32 -1.38
C ALA E 130 2.57 -39.43 -1.90
N ILE E 131 2.93 -38.52 -2.81
CA ILE E 131 4.27 -38.49 -3.37
C ILE E 131 5.28 -38.17 -2.27
N TRP E 132 4.97 -37.18 -1.44
CA TRP E 132 5.88 -36.81 -0.34
C TRP E 132 6.08 -38.00 0.58
N ASP E 133 5.02 -38.75 0.83
CA ASP E 133 5.13 -39.91 1.71
C ASP E 133 6.04 -40.95 1.08
N ALA E 134 6.02 -41.01 -0.25
CA ALA E 134 6.86 -41.96 -0.98
C ALA E 134 8.31 -41.49 -0.92
N VAL E 135 8.51 -40.19 -1.06
CA VAL E 135 9.86 -39.64 -1.03
C VAL E 135 10.49 -39.89 0.35
N GLY E 136 9.74 -39.57 1.39
CA GLY E 136 10.22 -39.78 2.74
C GLY E 136 10.64 -41.23 2.97
N LYS E 137 9.82 -42.17 2.51
CA LYS E 137 10.14 -43.57 2.66
C LYS E 137 11.41 -43.93 1.90
N ALA E 138 11.52 -43.44 0.67
CA ALA E 138 12.69 -43.71 -0.16
C ALA E 138 13.98 -43.17 0.46
N LEU E 139 13.88 -42.06 1.18
CA LEU E 139 15.04 -41.47 1.81
C LEU E 139 15.17 -41.90 3.27
N LYS E 140 14.27 -42.76 3.71
CA LYS E 140 14.28 -43.24 5.09
C LYS E 140 14.22 -42.05 6.04
N MSE E 141 13.32 -41.12 5.76
CA MSE E 141 13.17 -39.90 6.55
C MSE E 141 11.72 -39.59 6.93
O MSE E 141 10.85 -39.61 6.08
CB MSE E 141 13.73 -38.70 5.80
CG MSE E 141 15.23 -38.69 5.65
SE MSE E 141 16.07 -38.15 7.29
CE MSE E 141 15.89 -36.23 7.06
N PRO E 142 11.46 -39.30 8.21
CA PRO E 142 10.09 -38.98 8.61
C PRO E 142 9.86 -37.58 8.04
N LEU E 143 8.65 -37.29 7.56
CA LEU E 143 8.40 -35.97 6.96
C LEU E 143 8.63 -34.74 7.86
N TRP E 144 8.29 -34.83 9.14
CA TRP E 144 8.49 -33.68 10.01
C TRP E 144 9.97 -33.26 10.02
N LYS E 145 10.86 -34.22 9.79
CA LYS E 145 12.28 -33.91 9.79
C LYS E 145 12.75 -33.57 8.36
N LEU E 146 12.08 -34.14 7.36
CA LEU E 146 12.47 -33.87 5.97
C LEU E 146 12.07 -32.46 5.57
N TRP E 147 10.98 -31.97 6.14
CA TRP E 147 10.49 -30.63 5.84
C TRP E 147 11.11 -29.52 6.72
N GLY E 148 12.12 -29.85 7.51
CA GLY E 148 12.75 -28.83 8.33
C GLY E 148 13.26 -29.33 9.66
N GLY E 149 12.46 -30.20 10.29
CA GLY E 149 12.84 -30.79 11.55
C GLY E 149 13.02 -29.88 12.74
N TYR E 150 12.25 -28.79 12.82
CA TYR E 150 12.38 -27.90 13.96
C TYR E 150 12.17 -28.69 15.26
N ARG E 151 11.08 -29.44 15.33
CA ARG E 151 10.75 -30.26 16.49
C ARG E 151 9.87 -31.43 16.07
N ASN E 152 9.75 -32.44 16.93
CA ASN E 152 8.92 -33.59 16.62
C ASN E 152 7.82 -33.75 17.66
N GLU E 153 7.53 -32.66 18.35
CA GLU E 153 6.53 -32.68 19.40
C GLU E 153 5.73 -31.37 19.40
N LEU E 154 4.42 -31.47 19.48
CA LEU E 154 3.57 -30.29 19.51
C LEU E 154 2.21 -30.56 20.15
N PRO E 155 1.59 -29.53 20.72
CA PRO E 155 0.28 -29.69 21.35
C PRO E 155 -0.85 -29.89 20.35
N MSE E 156 -1.97 -30.42 20.82
CA MSE E 156 -3.11 -30.62 19.96
C MSE E 156 -4.43 -30.38 20.66
O MSE E 156 -4.66 -30.87 21.77
CB MSE E 156 -3.13 -32.02 19.37
CG MSE E 156 -4.10 -32.13 18.23
SE MSE E 156 -4.06 -33.80 17.35
CE MSE E 156 -2.19 -33.86 16.89
N ILE E 157 -5.29 -29.62 20.01
CA ILE E 157 -6.60 -29.28 20.55
C ILE E 157 -7.69 -29.89 19.69
N ALA E 158 -8.91 -29.90 20.21
CA ALA E 158 -10.03 -30.46 19.47
C ALA E 158 -10.96 -29.34 19.02
N ILE E 159 -11.51 -29.48 17.83
CA ILE E 159 -12.44 -28.48 17.31
C ILE E 159 -13.80 -28.80 17.93
N GLY E 160 -14.22 -28.02 18.92
CA GLY E 160 -15.51 -28.27 19.55
C GLY E 160 -16.36 -27.04 19.74
N GLY E 161 -17.11 -27.02 20.84
CA GLY E 161 -17.96 -25.89 21.13
C GLY E 161 -19.14 -25.72 20.19
N TYR E 162 -19.51 -26.79 19.50
CA TYR E 162 -20.64 -26.74 18.57
C TYR E 162 -21.90 -26.29 19.30
N TYR E 163 -22.74 -25.51 18.62
CA TYR E 163 -23.99 -25.05 19.22
C TYR E 163 -24.92 -26.25 19.25
N GLY E 164 -25.90 -26.23 20.14
CA GLY E 164 -26.83 -27.35 20.24
C GLY E 164 -26.35 -28.40 21.22
N GLU E 165 -25.10 -28.27 21.65
CA GLU E 165 -24.50 -29.21 22.61
C GLU E 165 -24.52 -30.65 22.09
N PRO E 166 -24.08 -30.88 20.85
CA PRO E 166 -24.06 -32.24 20.30
C PRO E 166 -23.20 -33.22 21.10
N LEU E 167 -22.24 -32.68 21.84
CA LEU E 167 -21.35 -33.50 22.65
C LEU E 167 -21.54 -33.22 24.14
N GLY E 168 -22.65 -32.56 24.47
CA GLY E 168 -22.92 -32.24 25.87
C GLY E 168 -22.77 -30.76 26.21
N SER E 169 -23.08 -30.41 27.46
CA SER E 169 -22.97 -29.03 27.90
C SER E 169 -21.53 -28.52 27.75
N ILE E 170 -21.38 -27.21 27.72
CA ILE E 170 -20.09 -26.56 27.58
C ILE E 170 -19.06 -27.17 28.54
N ALA E 171 -19.37 -27.14 29.82
CA ALA E 171 -18.46 -27.67 30.84
C ALA E 171 -18.20 -29.16 30.65
N ASP E 172 -19.23 -29.90 30.24
CA ASP E 172 -19.11 -31.33 30.01
C ASP E 172 -18.13 -31.60 28.89
N GLU E 173 -18.33 -30.92 27.76
CA GLU E 173 -17.46 -31.10 26.60
C GLU E 173 -16.01 -30.78 26.92
N MSE E 174 -15.81 -29.77 27.77
CA MSE E 174 -14.47 -29.34 28.15
C MSE E 174 -13.77 -30.35 29.06
O MSE E 174 -12.58 -30.61 28.90
CB MSE E 174 -14.55 -27.97 28.83
CG MSE E 174 -13.57 -26.97 28.25
SE MSE E 174 -13.92 -26.32 26.44
CE MSE E 174 -14.77 -27.84 25.57
N HIS E 175 -14.51 -30.90 30.00
CA HIS E 175 -13.94 -31.88 30.90
C HIS E 175 -13.57 -33.13 30.09
N ASN E 176 -14.40 -33.44 29.09
CA ASN E 176 -14.14 -34.61 28.25
C ASN E 176 -12.86 -34.47 27.42
N TYR E 177 -12.65 -33.33 26.78
CA TYR E 177 -11.42 -33.14 25.99
C TYR E 177 -10.24 -33.24 26.93
N GLN E 178 -10.47 -32.83 28.18
CA GLN E 178 -9.46 -32.86 29.23
C GLN E 178 -9.06 -34.31 29.53
N GLU E 179 -10.05 -35.20 29.57
CA GLU E 179 -9.83 -36.62 29.87
C GLU E 179 -9.10 -37.29 28.71
N LEU E 180 -9.41 -36.85 27.49
CA LEU E 180 -8.79 -37.43 26.30
C LEU E 180 -7.34 -36.95 26.13
N GLY E 181 -6.87 -36.16 27.08
CA GLY E 181 -5.51 -35.66 27.03
C GLY E 181 -5.19 -34.60 25.99
N LEU E 182 -6.19 -33.80 25.61
CA LEU E 182 -5.99 -32.75 24.62
C LEU E 182 -5.45 -31.47 25.28
N ALA E 183 -4.67 -30.71 24.53
CA ALA E 183 -4.08 -29.48 25.03
C ALA E 183 -5.13 -28.38 25.16
N GLY E 184 -6.22 -28.51 24.42
CA GLY E 184 -7.25 -27.49 24.49
C GLY E 184 -8.31 -27.67 23.43
N VAL E 185 -9.05 -26.60 23.16
CA VAL E 185 -10.12 -26.63 22.19
C VAL E 185 -10.15 -25.38 21.29
N LYS E 186 -10.79 -25.53 20.14
CA LYS E 186 -10.99 -24.43 19.20
C LYS E 186 -12.51 -24.31 19.25
N PHE E 187 -12.98 -23.43 20.13
CA PHE E 187 -14.39 -23.17 20.41
C PHE E 187 -15.15 -22.40 19.32
N LYS E 188 -16.18 -23.02 18.76
CA LYS E 188 -16.96 -22.35 17.71
C LYS E 188 -17.82 -21.24 18.27
N VAL E 189 -17.88 -20.14 17.52
CA VAL E 189 -18.67 -18.97 17.88
C VAL E 189 -19.14 -18.37 16.56
N GLY E 190 -19.54 -17.11 16.58
CA GLY E 190 -19.99 -16.47 15.35
C GLY E 190 -21.48 -16.59 15.08
N GLY E 191 -22.21 -17.31 15.93
CA GLY E 191 -23.63 -17.48 15.72
C GLY E 191 -24.55 -16.62 16.59
N LEU E 192 -24.03 -16.12 17.69
CA LEU E 192 -24.83 -15.28 18.58
C LEU E 192 -24.28 -13.86 18.66
N SER E 193 -24.84 -13.06 19.55
CA SER E 193 -24.39 -11.70 19.74
C SER E 193 -23.05 -11.76 20.47
N ALA E 194 -22.39 -10.62 20.60
CA ALA E 194 -21.10 -10.57 21.27
C ALA E 194 -21.23 -11.02 22.73
N ALA E 195 -22.26 -10.52 23.41
CA ALA E 195 -22.50 -10.85 24.81
C ALA E 195 -22.78 -12.34 24.97
N GLU E 196 -23.66 -12.86 24.15
CA GLU E 196 -24.01 -14.28 24.22
C GLU E 196 -22.80 -15.19 24.02
N ASP E 197 -22.09 -15.03 22.91
CA ASP E 197 -20.92 -15.85 22.66
C ASP E 197 -19.82 -15.62 23.70
N ALA E 198 -19.73 -14.40 24.23
CA ALA E 198 -18.72 -14.12 25.25
C ALA E 198 -19.03 -14.95 26.49
N ALA E 199 -20.32 -15.07 26.81
CA ALA E 199 -20.75 -15.84 27.97
C ALA E 199 -20.38 -17.30 27.78
N ARG E 200 -20.58 -17.81 26.57
CA ARG E 200 -20.25 -19.21 26.25
C ARG E 200 -18.74 -19.46 26.40
N ILE E 201 -17.95 -18.53 25.88
CA ILE E 201 -16.49 -18.63 25.95
C ILE E 201 -16.06 -18.57 27.42
N THR E 202 -16.72 -17.69 28.18
CA THR E 202 -16.43 -17.53 29.59
C THR E 202 -16.70 -18.84 30.33
N ALA E 203 -17.74 -19.55 29.91
CA ALA E 203 -18.08 -20.82 30.53
C ALA E 203 -17.05 -21.91 30.21
N ALA E 204 -16.48 -21.87 29.01
CA ALA E 204 -15.48 -22.85 28.61
C ALA E 204 -14.20 -22.67 29.42
N ARG E 205 -13.82 -21.40 29.63
CA ARG E 205 -12.64 -21.05 30.40
C ARG E 205 -12.85 -21.45 31.86
N GLU E 206 -14.04 -21.16 32.37
CA GLU E 206 -14.39 -21.50 33.75
C GLU E 206 -14.19 -22.98 34.04
N ALA E 207 -14.77 -23.82 33.20
CA ALA E 207 -14.69 -25.27 33.38
C ALA E 207 -13.30 -25.86 33.17
N ALA E 208 -12.63 -25.45 32.10
CA ALA E 208 -11.31 -25.97 31.77
C ALA E 208 -10.18 -25.50 32.69
N GLY E 209 -10.28 -24.29 33.22
CA GLY E 209 -9.22 -23.80 34.07
C GLY E 209 -8.16 -23.08 33.24
N ASP E 210 -7.14 -22.58 33.92
CA ASP E 210 -6.06 -21.83 33.28
C ASP E 210 -5.15 -22.57 32.28
N ASP E 211 -4.71 -23.78 32.63
CA ASP E 211 -3.82 -24.52 31.73
C ASP E 211 -4.54 -25.39 30.71
N PHE E 212 -5.18 -24.72 29.77
CA PHE E 212 -5.91 -25.36 28.69
C PHE E 212 -5.91 -24.33 27.58
N ILE E 213 -5.61 -24.75 26.35
CA ILE E 213 -5.58 -23.80 25.24
C ILE E 213 -6.99 -23.54 24.72
N ILE E 214 -7.34 -22.28 24.56
CA ILE E 214 -8.65 -21.95 24.03
C ILE E 214 -8.60 -21.00 22.84
N CYS E 215 -8.91 -21.52 21.65
CA CYS E 215 -8.98 -20.71 20.44
C CYS E 215 -10.46 -20.60 20.09
N ILE E 216 -10.85 -19.54 19.39
CA ILE E 216 -12.25 -19.40 18.98
C ILE E 216 -12.31 -19.23 17.47
N ASP E 217 -13.39 -19.73 16.88
CA ASP E 217 -13.56 -19.68 15.43
C ASP E 217 -14.97 -19.24 15.09
N ALA E 218 -15.09 -18.13 14.37
CA ALA E 218 -16.40 -17.62 13.99
C ALA E 218 -16.81 -18.06 12.59
N ASN E 219 -15.88 -18.71 11.89
CA ASN E 219 -16.15 -19.17 10.53
C ASN E 219 -16.77 -18.07 9.68
N GLN E 220 -16.16 -16.89 9.73
CA GLN E 220 -16.61 -15.73 8.96
C GLN E 220 -18.03 -15.24 9.26
N GLY E 221 -18.51 -15.43 10.49
CA GLY E 221 -19.88 -15.04 10.80
C GLY E 221 -20.25 -13.67 11.35
N TYR E 222 -19.29 -12.92 11.90
CA TYR E 222 -19.61 -11.62 12.47
C TYR E 222 -19.36 -10.41 11.58
N LYS E 223 -20.02 -9.31 11.92
CA LYS E 223 -19.80 -8.04 11.25
C LYS E 223 -18.59 -7.55 12.06
N PRO E 224 -17.71 -6.74 11.45
CA PRO E 224 -16.52 -6.24 12.16
C PRO E 224 -16.78 -5.73 13.58
N ALA E 225 -17.75 -4.84 13.73
CA ALA E 225 -18.07 -4.27 15.04
C ALA E 225 -18.46 -5.31 16.07
N VAL E 226 -19.13 -6.39 15.65
CA VAL E 226 -19.52 -7.43 16.59
C VAL E 226 -18.30 -8.24 17.01
N ALA E 227 -17.44 -8.57 16.05
CA ALA E 227 -16.22 -9.33 16.33
C ALA E 227 -15.32 -8.52 17.29
N VAL E 228 -15.23 -7.22 17.06
CA VAL E 228 -14.43 -6.35 17.91
C VAL E 228 -15.03 -6.34 19.32
N ASP E 229 -16.36 -6.21 19.40
CA ASP E 229 -17.04 -6.20 20.69
C ASP E 229 -16.70 -7.46 21.48
N LEU E 230 -16.85 -8.61 20.83
CA LEU E 230 -16.55 -9.90 21.44
C LEU E 230 -15.10 -9.98 21.86
N SER E 231 -14.20 -9.53 20.99
CA SER E 231 -12.77 -9.58 21.26
C SER E 231 -12.42 -8.85 22.54
N ARG E 232 -13.00 -7.66 22.73
CA ARG E 232 -12.74 -6.87 23.92
C ARG E 232 -13.36 -7.49 25.17
N ARG E 233 -14.49 -8.18 25.00
CA ARG E 233 -15.16 -8.82 26.12
C ARG E 233 -14.39 -10.01 26.68
N ILE E 234 -13.58 -10.65 25.83
CA ILE E 234 -12.82 -11.82 26.26
C ILE E 234 -11.34 -11.52 26.48
N ALA E 235 -11.00 -10.23 26.53
CA ALA E 235 -9.60 -9.82 26.71
C ALA E 235 -8.91 -10.45 27.92
N ASP E 236 -9.68 -10.83 28.94
CA ASP E 236 -9.13 -11.44 30.15
C ASP E 236 -9.17 -12.98 30.23
N LEU E 237 -9.69 -13.65 29.22
CA LEU E 237 -9.78 -15.10 29.27
C LEU E 237 -8.61 -15.81 28.60
N ASN E 238 -7.57 -15.06 28.26
CA ASN E 238 -6.38 -15.61 27.62
C ASN E 238 -6.72 -16.48 26.40
N ILE E 239 -7.37 -15.90 25.40
CA ILE E 239 -7.73 -16.63 24.20
C ILE E 239 -6.52 -16.66 23.26
N ARG E 240 -6.12 -17.86 22.86
CA ARG E 240 -4.98 -18.03 21.97
C ARG E 240 -5.14 -17.26 20.66
N TRP E 241 -6.26 -17.47 19.97
CA TRP E 241 -6.52 -16.72 18.75
C TRP E 241 -8.00 -16.71 18.34
N PHE E 242 -8.32 -15.79 17.43
CA PHE E 242 -9.67 -15.58 16.93
C PHE E 242 -9.60 -15.91 15.44
N GLU E 243 -10.23 -17.02 15.06
CA GLU E 243 -10.21 -17.48 13.68
C GLU E 243 -11.42 -16.99 12.85
N GLU E 244 -11.17 -16.55 11.62
CA GLU E 244 -12.22 -16.08 10.71
C GLU E 244 -13.30 -15.29 11.42
N PRO E 245 -12.95 -14.15 12.03
CA PRO E 245 -13.96 -13.35 12.73
C PRO E 245 -15.06 -12.68 11.93
N VAL E 246 -14.76 -12.26 10.70
CA VAL E 246 -15.72 -11.53 9.90
C VAL E 246 -16.22 -12.15 8.58
N GLU E 247 -17.26 -11.52 8.02
CA GLU E 247 -17.86 -11.98 6.77
C GLU E 247 -16.81 -12.05 5.66
N TRP E 248 -17.03 -12.96 4.72
CA TRP E 248 -16.10 -13.24 3.64
C TRP E 248 -15.64 -12.17 2.66
N HIS E 249 -16.56 -11.38 2.12
CA HIS E 249 -16.23 -10.38 1.09
C HIS E 249 -15.08 -9.41 1.32
N ASN E 250 -15.01 -8.78 2.49
CA ASN E 250 -13.92 -7.84 2.77
C ASN E 250 -13.11 -8.39 3.96
N ASP E 251 -12.96 -9.70 4.04
CA ASP E 251 -12.30 -10.32 5.20
C ASP E 251 -10.90 -9.84 5.58
N LYS E 252 -10.04 -9.57 4.60
CA LYS E 252 -8.68 -9.12 4.88
C LYS E 252 -8.61 -7.80 5.70
N ARG E 253 -9.20 -6.74 5.15
CA ARG E 253 -9.19 -5.44 5.78
C ARG E 253 -10.05 -5.45 7.03
N SER E 254 -11.18 -6.14 7.00
CA SER E 254 -12.05 -6.21 8.17
C SER E 254 -11.44 -6.95 9.35
N MSE E 255 -10.75 -8.06 9.11
CA MSE E 255 -10.15 -8.79 10.24
C MSE E 255 -8.88 -8.12 10.75
O MSE E 255 -8.44 -8.36 11.88
CB MSE E 255 -9.92 -10.28 9.88
CG MSE E 255 -8.61 -10.61 9.17
SE MSE E 255 -8.51 -12.54 8.85
CE MSE E 255 -8.79 -12.56 6.94
N ARG E 256 -8.28 -7.26 9.91
CA ARG E 256 -7.09 -6.51 10.29
C ARG E 256 -7.57 -5.50 11.34
N ASP E 257 -8.78 -4.98 11.15
CA ASP E 257 -9.36 -4.02 12.08
C ASP E 257 -9.80 -4.71 13.38
N VAL E 258 -10.22 -5.96 13.29
CA VAL E 258 -10.62 -6.72 14.48
C VAL E 258 -9.32 -6.95 15.25
N ARG E 259 -8.26 -7.15 14.48
CA ARG E 259 -6.94 -7.40 15.02
C ARG E 259 -6.40 -6.21 15.81
N TYR E 260 -6.55 -5.01 15.27
CA TYR E 260 -6.05 -3.80 15.93
C TYR E 260 -7.02 -3.12 16.90
N GLN E 261 -8.32 -3.23 16.65
CA GLN E 261 -9.31 -2.62 17.53
C GLN E 261 -9.67 -3.57 18.69
N GLY E 262 -9.43 -4.85 18.47
CA GLY E 262 -9.72 -5.86 19.48
C GLY E 262 -8.56 -6.14 20.43
N SER E 263 -8.58 -7.31 21.08
CA SER E 263 -7.56 -7.66 22.06
C SER E 263 -7.03 -9.08 21.90
N VAL E 264 -7.44 -9.74 20.84
CA VAL E 264 -7.04 -11.11 20.61
C VAL E 264 -6.38 -11.29 19.25
N PRO E 265 -5.31 -12.10 19.18
CA PRO E 265 -4.65 -12.32 17.89
C PRO E 265 -5.63 -12.94 16.91
N VAL E 266 -5.44 -12.69 15.63
CA VAL E 266 -6.34 -13.20 14.59
C VAL E 266 -5.67 -14.26 13.71
N CYS E 267 -6.46 -15.27 13.31
CA CYS E 267 -5.97 -16.36 12.48
C CYS E 267 -6.88 -16.59 11.27
N ALA E 268 -6.27 -16.87 10.13
CA ALA E 268 -6.99 -17.14 8.90
C ALA E 268 -6.04 -17.76 7.86
N GLY E 269 -6.60 -18.11 6.70
CA GLY E 269 -5.83 -18.72 5.64
C GLY E 269 -6.50 -19.98 5.10
N GLN E 270 -7.30 -20.65 5.93
CA GLN E 270 -7.97 -21.86 5.46
C GLN E 270 -8.86 -21.64 4.26
N THR E 271 -9.43 -20.44 4.15
CA THR E 271 -10.32 -20.13 3.04
C THR E 271 -9.60 -19.60 1.79
N GLU E 272 -8.28 -19.45 1.87
CA GLU E 272 -7.51 -18.96 0.72
C GLU E 272 -7.18 -20.11 -0.23
N PHE E 273 -7.10 -19.80 -1.52
CA PHE E 273 -6.82 -20.81 -2.55
C PHE E 273 -5.32 -21.07 -2.76
N SER E 274 -4.49 -20.10 -2.44
CA SER E 274 -3.05 -20.23 -2.67
C SER E 274 -2.16 -19.44 -1.72
N ALA E 275 -0.85 -19.66 -1.88
CA ALA E 275 0.14 -18.97 -1.09
C ALA E 275 0.00 -17.47 -1.35
N SER E 276 -0.33 -17.13 -2.59
CA SER E 276 -0.53 -15.74 -2.98
C SER E 276 -1.65 -15.18 -2.14
N GLY E 277 -2.69 -15.99 -1.90
CA GLY E 277 -3.81 -15.55 -1.09
C GLY E 277 -3.37 -15.30 0.34
N CYS E 278 -2.59 -16.21 0.91
CA CYS E 278 -2.13 -16.02 2.28
C CYS E 278 -1.19 -14.82 2.34
N ARG E 279 -0.37 -14.69 1.31
CA ARG E 279 0.55 -13.56 1.20
C ARG E 279 -0.25 -12.25 1.32
N ASP E 280 -1.41 -12.18 0.66
CA ASP E 280 -2.26 -11.00 0.72
C ASP E 280 -2.76 -10.72 2.13
N LEU E 281 -3.16 -11.78 2.83
CA LEU E 281 -3.64 -11.68 4.19
C LEU E 281 -2.52 -11.06 5.05
N MSE E 282 -1.32 -11.60 4.92
CA MSE E 282 -0.17 -11.12 5.69
C MSE E 282 0.20 -9.69 5.33
O MSE E 282 0.44 -8.87 6.23
CB MSE E 282 1.01 -12.04 5.45
CG MSE E 282 0.82 -13.43 6.03
SE MSE E 282 2.24 -14.62 5.51
CE MSE E 282 1.25 -16.29 5.38
N GLU E 283 0.22 -9.37 4.05
CA GLU E 283 0.57 -8.03 3.61
C GLU E 283 -0.44 -6.98 4.11
N THR E 284 -1.69 -7.39 4.30
CA THR E 284 -2.73 -6.47 4.77
C THR E 284 -2.57 -6.27 6.28
N GLY E 285 -1.89 -7.21 6.95
CA GLY E 285 -1.72 -7.13 8.39
C GLY E 285 -2.96 -7.71 9.06
N ALA E 286 -3.64 -8.60 8.34
CA ALA E 286 -4.86 -9.24 8.82
C ALA E 286 -4.68 -10.37 9.82
N ILE E 287 -3.51 -11.00 9.84
CA ILE E 287 -3.30 -12.15 10.70
C ILE E 287 -2.03 -12.23 11.54
N ASP E 288 -2.15 -12.94 12.65
CA ASP E 288 -1.06 -13.20 13.58
C ASP E 288 -0.67 -14.65 13.26
N VAL E 289 -1.65 -15.43 12.82
CA VAL E 289 -1.43 -16.83 12.49
C VAL E 289 -2.13 -17.19 11.19
N CYS E 290 -1.47 -18.03 10.39
CA CYS E 290 -2.03 -18.48 9.12
C CYS E 290 -2.35 -19.96 9.21
N ASN E 291 -3.62 -20.32 9.06
CA ASN E 291 -4.01 -21.73 9.14
C ASN E 291 -4.35 -22.35 7.79
N PHE E 292 -3.58 -21.96 6.77
CA PHE E 292 -3.70 -22.47 5.40
C PHE E 292 -3.83 -23.99 5.44
N ASP E 293 -4.79 -24.54 4.70
CA ASP E 293 -5.03 -25.98 4.67
C ASP E 293 -4.44 -26.66 3.43
N SER E 294 -3.39 -27.45 3.62
CA SER E 294 -2.74 -28.15 2.52
C SER E 294 -3.68 -29.10 1.78
N SER E 295 -4.59 -29.76 2.49
CA SER E 295 -5.52 -30.70 1.87
C SER E 295 -6.44 -30.02 0.86
N TRP E 296 -6.63 -28.72 1.06
CA TRP E 296 -7.50 -27.92 0.23
C TRP E 296 -6.78 -27.09 -0.82
N SER E 297 -5.45 -27.02 -0.74
CA SER E 297 -4.74 -26.15 -1.67
C SER E 297 -3.46 -26.60 -2.35
N GLY E 298 -3.44 -27.82 -2.90
CA GLY E 298 -2.23 -28.25 -3.59
C GLY E 298 -1.24 -29.06 -2.79
N GLY E 299 -1.55 -29.35 -1.54
CA GLY E 299 -0.67 -30.16 -0.72
C GLY E 299 0.50 -29.49 -0.03
N PRO E 300 1.38 -30.28 0.61
CA PRO E 300 2.56 -29.82 1.33
C PRO E 300 3.45 -28.86 0.55
N THR E 301 3.65 -29.14 -0.73
CA THR E 301 4.50 -28.27 -1.54
C THR E 301 3.99 -26.83 -1.52
N ALA E 302 2.68 -26.64 -1.54
CA ALA E 302 2.11 -25.29 -1.52
C ALA E 302 2.11 -24.74 -0.09
N TRP E 303 1.76 -25.57 0.88
CA TRP E 303 1.72 -25.14 2.27
C TRP E 303 3.10 -24.68 2.72
N LEU E 304 4.12 -25.43 2.32
CA LEU E 304 5.50 -25.08 2.70
C LEU E 304 5.95 -23.75 2.10
N ARG E 305 5.36 -23.34 0.99
CA ARG E 305 5.70 -22.06 0.38
C ARG E 305 5.08 -20.98 1.26
N THR E 306 3.87 -21.24 1.74
CA THR E 306 3.19 -20.29 2.60
C THR E 306 3.95 -20.14 3.91
N ALA E 307 4.55 -21.21 4.40
CA ALA E 307 5.31 -21.15 5.64
C ALA E 307 6.52 -20.22 5.44
N ALA E 308 7.24 -20.41 4.33
CA ALA E 308 8.39 -19.58 4.02
C ALA E 308 7.97 -18.11 4.01
N ILE E 309 6.86 -17.83 3.33
CA ILE E 309 6.34 -16.48 3.25
C ILE E 309 6.03 -15.96 4.66
N ALA E 310 5.43 -16.82 5.49
CA ALA E 310 5.09 -16.43 6.85
C ALA E 310 6.32 -16.04 7.68
N THR E 311 7.47 -16.67 7.43
CA THR E 311 8.67 -16.31 8.20
C THR E 311 9.10 -14.86 7.93
N SER E 312 9.01 -14.44 6.66
CA SER E 312 9.42 -13.10 6.27
C SER E 312 8.50 -12.01 6.81
N TYR E 313 7.33 -12.43 7.31
CA TYR E 313 6.34 -11.52 7.87
C TYR E 313 6.15 -11.71 9.38
N ASP E 314 6.95 -12.57 9.99
CA ASP E 314 6.81 -12.86 11.44
C ASP E 314 5.41 -13.39 11.77
N VAL E 315 4.82 -14.14 10.85
CA VAL E 315 3.49 -14.72 11.06
C VAL E 315 3.70 -16.19 11.41
N GLN E 316 2.92 -16.67 12.38
CA GLN E 316 3.02 -18.07 12.82
C GLN E 316 2.19 -18.99 11.93
N MSE E 317 2.57 -20.27 11.90
CA MSE E 317 1.84 -21.24 11.09
C MSE E 317 0.91 -22.15 11.91
O MSE E 317 1.27 -22.64 12.98
CB MSE E 317 2.78 -22.11 10.26
CG MSE E 317 3.40 -21.40 9.05
SE MSE E 317 2.17 -20.43 7.88
CE MSE E 317 1.09 -21.91 7.20
N GLY E 318 -0.27 -22.36 11.37
CA GLY E 318 -1.25 -23.24 11.96
C GLY E 318 -1.72 -24.11 10.80
N HIS E 319 -2.81 -24.86 11.00
CA HIS E 319 -3.34 -25.69 9.92
C HIS E 319 -4.74 -26.18 10.27
N HIS E 320 -5.68 -25.87 9.40
CA HIS E 320 -7.07 -26.27 9.58
C HIS E 320 -7.12 -27.79 9.56
N GLU E 321 -7.47 -28.39 10.70
CA GLU E 321 -7.56 -29.84 10.87
C GLU E 321 -6.54 -30.69 10.09
N GLU E 322 -6.98 -31.84 9.59
CA GLU E 322 -6.10 -32.75 8.84
C GLU E 322 -4.86 -33.12 9.66
N PRO E 323 -5.06 -33.60 10.90
CA PRO E 323 -3.93 -33.98 11.76
C PRO E 323 -2.96 -35.00 11.18
N GLN E 324 -3.42 -35.85 10.28
CA GLN E 324 -2.55 -36.88 9.71
C GLN E 324 -1.45 -36.27 8.83
N VAL E 325 -1.54 -34.98 8.55
CA VAL E 325 -0.52 -34.33 7.74
C VAL E 325 -0.03 -33.05 8.42
N SER E 326 -0.92 -32.34 9.11
CA SER E 326 -0.54 -31.10 9.77
C SER E 326 0.49 -31.28 10.89
N THR E 327 0.49 -32.44 11.55
CA THR E 327 1.46 -32.69 12.61
C THR E 327 2.89 -32.60 12.07
N HIS E 328 3.10 -33.17 10.88
CA HIS E 328 4.40 -33.16 10.24
C HIS E 328 4.75 -31.76 9.72
N LEU E 329 3.82 -31.14 9.01
CA LEU E 329 4.05 -29.82 8.45
C LEU E 329 4.39 -28.81 9.56
N LEU E 330 3.52 -28.74 10.57
CA LEU E 330 3.70 -27.82 11.69
C LEU E 330 4.96 -28.04 12.52
N ALA E 331 5.22 -29.29 12.86
CA ALA E 331 6.38 -29.60 13.69
C ALA E 331 7.70 -29.26 13.00
N SER E 332 7.73 -29.42 11.68
CA SER E 332 8.95 -29.15 10.92
C SER E 332 9.38 -27.68 10.94
N GLN E 333 8.44 -26.78 11.16
CA GLN E 333 8.70 -25.34 11.12
C GLN E 333 8.99 -24.64 12.43
N PRO E 334 9.96 -23.72 12.45
CA PRO E 334 10.33 -22.98 13.65
C PRO E 334 9.16 -22.13 14.15
N HIS E 335 8.22 -21.82 13.26
CA HIS E 335 7.07 -21.00 13.62
C HIS E 335 5.72 -21.73 13.65
N GLY E 336 5.76 -23.06 13.69
CA GLY E 336 4.53 -23.82 13.74
C GLY E 336 3.90 -23.67 15.12
N THR E 337 2.57 -23.77 15.19
CA THR E 337 1.88 -23.60 16.47
C THR E 337 1.31 -24.86 17.08
N ILE E 338 0.02 -25.11 16.80
CA ILE E 338 -0.67 -26.28 17.35
C ILE E 338 -1.48 -27.05 16.31
N ALA E 339 -1.48 -28.36 16.43
CA ALA E 339 -2.24 -29.21 15.52
C ALA E 339 -3.65 -29.35 16.08
N GLU E 340 -4.60 -29.74 15.21
CA GLU E 340 -5.98 -29.87 15.63
C GLU E 340 -6.64 -31.15 15.12
N CYS E 341 -7.64 -31.62 15.87
CA CYS E 341 -8.39 -32.80 15.50
C CYS E 341 -9.82 -32.65 15.97
N PHE E 342 -10.65 -33.63 15.63
CA PHE E 342 -12.06 -33.62 16.03
C PHE E 342 -12.26 -34.64 17.14
N HIS E 343 -13.37 -34.50 17.85
CA HIS E 343 -13.69 -35.44 18.92
C HIS E 343 -13.97 -36.77 18.21
N PRO E 344 -13.54 -37.89 18.80
CA PRO E 344 -13.77 -39.20 18.18
C PRO E 344 -15.19 -39.36 17.64
N ASP E 345 -16.17 -38.86 18.38
CA ASP E 345 -17.56 -38.94 17.97
C ASP E 345 -17.81 -38.27 16.63
N ARG E 346 -16.91 -37.39 16.23
CA ARG E 346 -17.09 -36.67 14.97
C ARG E 346 -16.16 -37.07 13.85
N ASP E 347 -14.98 -37.58 14.16
CA ASP E 347 -14.05 -37.98 13.11
C ASP E 347 -13.54 -39.39 13.32
N PRO E 348 -14.15 -40.37 12.63
CA PRO E 348 -13.73 -41.77 12.76
C PRO E 348 -12.35 -42.00 12.15
N PHE E 349 -12.03 -41.25 11.11
CA PHE E 349 -10.76 -41.41 10.40
C PHE E 349 -9.48 -41.27 11.23
N TRP E 350 -9.22 -40.09 11.78
CA TRP E 350 -8.02 -39.90 12.57
C TRP E 350 -7.94 -40.89 13.73
N TRP E 351 -9.09 -41.20 14.31
CA TRP E 351 -9.13 -42.13 15.43
C TRP E 351 -9.26 -43.61 15.07
N ASN E 352 -9.59 -43.92 13.82
CA ASN E 352 -9.74 -45.32 13.41
C ASN E 352 -8.84 -45.72 12.24
N MSE E 353 -8.67 -44.81 11.28
CA MSE E 353 -7.83 -45.07 10.11
C MSE E 353 -6.40 -45.44 10.47
O MSE E 353 -5.80 -46.34 9.86
CB MSE E 353 -7.79 -43.83 9.20
CG MSE E 353 -8.98 -43.66 8.28
SE MSE E 353 -9.05 -45.03 6.91
CE MSE E 353 -7.35 -44.73 6.07
N ILE E 354 -5.83 -44.72 11.43
CA ILE E 354 -4.45 -44.95 11.83
C ILE E 354 -4.38 -45.85 13.06
N THR E 355 -3.69 -46.97 12.90
CA THR E 355 -3.55 -47.95 13.97
C THR E 355 -2.33 -47.72 14.88
N ASN E 356 -1.45 -46.81 14.47
CA ASN E 356 -0.26 -46.54 15.27
C ASN E 356 -0.14 -45.06 15.62
N ARG E 357 -1.28 -44.44 15.92
CA ARG E 357 -1.34 -43.03 16.28
C ARG E 357 -0.73 -42.79 17.67
N PRO E 358 0.24 -41.86 17.76
CA PRO E 358 0.89 -41.55 19.04
C PRO E 358 -0.14 -41.23 20.12
N LYS E 359 0.13 -41.67 21.35
CA LYS E 359 -0.79 -41.41 22.45
C LYS E 359 -0.49 -40.06 23.08
N LEU E 360 -1.52 -39.21 23.19
CA LEU E 360 -1.36 -37.88 23.76
C LEU E 360 -0.76 -37.96 25.17
N ASN E 361 0.10 -37.00 25.49
CA ASN E 361 0.74 -36.96 26.79
C ASN E 361 0.94 -35.51 27.21
N ASN E 362 0.21 -35.09 28.24
CA ASN E 362 0.29 -33.72 28.74
C ASN E 362 -0.20 -32.75 27.68
N GLY E 363 -1.16 -33.22 26.88
CA GLY E 363 -1.73 -32.41 25.82
C GLY E 363 -0.85 -32.41 24.57
N THR E 364 0.28 -33.10 24.62
CA THR E 364 1.19 -33.14 23.49
C THR E 364 1.30 -34.47 22.75
N LEU E 365 1.46 -34.38 21.43
CA LEU E 365 1.61 -35.56 20.58
C LEU E 365 3.01 -35.55 20.00
N THR E 366 3.73 -36.66 20.18
CA THR E 366 5.09 -36.77 19.66
C THR E 366 5.10 -37.65 18.42
N LEU E 367 5.89 -37.28 17.42
CA LEU E 367 5.98 -38.04 16.17
C LEU E 367 7.19 -38.97 16.15
N SER E 368 7.00 -40.17 15.61
CA SER E 368 8.06 -41.16 15.53
C SER E 368 9.01 -40.86 14.39
N ASP E 369 10.02 -41.72 14.22
CA ASP E 369 10.99 -41.57 13.14
C ASP E 369 10.60 -42.42 11.95
N ARG E 370 9.39 -42.95 11.98
CA ARG E 370 8.89 -43.77 10.87
C ARG E 370 8.98 -42.94 9.59
N PRO E 371 9.62 -43.48 8.54
CA PRO E 371 9.76 -42.78 7.26
C PRO E 371 8.45 -42.28 6.65
N GLY E 372 8.53 -41.17 5.91
CA GLY E 372 7.34 -40.61 5.29
C GLY E 372 6.37 -40.10 6.34
N LEU E 373 5.08 -40.25 6.08
CA LEU E 373 4.05 -39.82 7.03
C LEU E 373 4.13 -40.78 8.22
N GLY E 374 4.63 -41.99 7.95
CA GLY E 374 4.78 -43.01 8.99
C GLY E 374 3.54 -43.59 9.63
N TRP E 375 2.41 -43.54 8.92
CA TRP E 375 1.16 -44.05 9.45
C TRP E 375 0.82 -45.48 8.98
N ASP E 376 0.24 -46.26 9.88
CA ASP E 376 -0.17 -47.63 9.56
C ASP E 376 -1.70 -47.64 9.45
N LEU E 377 -2.21 -47.76 8.24
CA LEU E 377 -3.65 -47.76 8.00
C LEU E 377 -4.33 -49.09 8.32
N ASN E 378 -5.57 -49.01 8.81
CA ASN E 378 -6.33 -50.21 9.14
C ASN E 378 -7.10 -50.61 7.89
N TRP E 379 -6.58 -51.59 7.16
CA TRP E 379 -7.24 -52.02 5.94
C TRP E 379 -8.57 -52.73 6.12
N ASP E 380 -8.87 -53.13 7.36
CA ASP E 380 -10.14 -53.78 7.64
C ASP E 380 -11.19 -52.68 7.71
N TYR E 381 -10.79 -51.55 8.29
CA TYR E 381 -11.69 -50.42 8.39
C TYR E 381 -11.92 -49.90 6.98
N ILE E 382 -10.84 -49.76 6.23
CA ILE E 382 -10.91 -49.28 4.86
C ILE E 382 -11.83 -50.16 4.02
N ASP E 383 -11.66 -51.47 4.15
CA ASP E 383 -12.47 -52.43 3.41
C ASP E 383 -13.94 -52.34 3.80
N GLN E 384 -14.19 -51.93 5.03
CA GLN E 384 -15.53 -51.82 5.55
C GLN E 384 -16.27 -50.61 5.00
N TYR E 385 -15.59 -49.47 4.94
CA TYR E 385 -16.24 -48.25 4.47
C TYR E 385 -15.77 -47.68 3.13
N ARG E 386 -15.01 -48.45 2.36
CA ARG E 386 -14.57 -47.94 1.06
C ARG E 386 -15.82 -48.03 0.19
N VAL E 387 -15.94 -47.14 -0.79
CA VAL E 387 -17.11 -47.15 -1.67
C VAL E 387 -16.70 -46.99 -3.12
N SER E 388 -17.68 -46.72 -3.98
CA SER E 388 -17.39 -46.55 -5.41
C SER E 388 -18.57 -45.97 -6.17
N GLY F 21 19.87 -39.69 12.61
CA GLY F 21 20.75 -38.81 13.42
C GLY F 21 22.12 -38.61 12.77
N LEU F 22 22.47 -37.34 12.54
CA LEU F 22 23.76 -37.00 11.95
C LEU F 22 24.43 -35.92 12.80
N THR F 23 25.07 -36.35 13.87
CA THR F 23 25.72 -35.45 14.81
C THR F 23 26.95 -34.72 14.26
N ILE F 24 26.97 -33.42 14.44
CA ILE F 24 28.09 -32.61 14.00
C ILE F 24 29.17 -32.74 15.08
N THR F 25 30.36 -33.17 14.68
CA THR F 25 31.45 -33.38 15.64
C THR F 25 32.52 -32.30 15.58
N ARG F 26 32.67 -31.66 14.43
CA ARG F 26 33.70 -30.64 14.29
C ARG F 26 33.46 -29.68 13.14
N ILE F 27 33.81 -28.41 13.35
CA ILE F 27 33.68 -27.39 12.33
C ILE F 27 35.10 -26.97 11.95
N GLU F 28 35.42 -27.10 10.67
CA GLU F 28 36.74 -26.73 10.16
C GLU F 28 36.63 -25.69 9.07
N THR F 29 37.44 -24.63 9.17
CA THR F 29 37.42 -23.58 8.15
C THR F 29 38.84 -23.36 7.65
N ILE F 30 38.96 -23.05 6.37
CA ILE F 30 40.26 -22.82 5.77
C ILE F 30 40.25 -21.50 5.00
N PRO F 31 40.68 -20.39 5.65
CA PRO F 31 40.68 -19.13 4.93
C PRO F 31 41.59 -19.29 3.71
N MSE F 32 41.19 -18.68 2.60
CA MSE F 32 41.91 -18.83 1.34
C MSE F 32 42.11 -17.52 0.60
O MSE F 32 41.28 -16.62 0.68
CB MSE F 32 41.14 -19.79 0.47
CG MSE F 32 41.91 -20.47 -0.58
SE MSE F 32 41.17 -22.25 -0.70
CE MSE F 32 42.10 -22.96 0.83
N VAL F 33 43.22 -17.41 -0.14
CA VAL F 33 43.50 -16.21 -0.94
C VAL F 33 44.33 -16.57 -2.18
N ALA F 34 43.72 -16.46 -3.35
CA ALA F 34 44.40 -16.77 -4.60
C ALA F 34 44.27 -15.62 -5.59
N ARG F 50 41.87 -12.67 -4.90
CA ARG F 50 40.55 -13.16 -4.53
C ARG F 50 40.61 -14.09 -3.32
N ALA F 51 39.66 -13.95 -2.40
CA ALA F 51 39.65 -14.77 -1.19
C ALA F 51 38.31 -15.43 -0.90
N THR F 52 38.35 -16.56 -0.19
CA THR F 52 37.15 -17.30 0.18
C THR F 52 37.43 -18.26 1.33
N ILE F 53 36.38 -18.60 2.07
CA ILE F 53 36.50 -19.51 3.20
C ILE F 53 35.96 -20.89 2.86
N VAL F 54 36.78 -21.92 3.05
CA VAL F 54 36.34 -23.28 2.82
C VAL F 54 35.88 -23.79 4.18
N THR F 55 34.59 -24.08 4.30
CA THR F 55 34.04 -24.57 5.55
C THR F 55 33.74 -26.07 5.46
N ARG F 56 34.11 -26.81 6.50
CA ARG F 56 33.91 -28.25 6.52
C ARG F 56 33.21 -28.67 7.80
N VAL F 57 32.07 -29.32 7.66
CA VAL F 57 31.31 -29.80 8.79
C VAL F 57 31.48 -31.31 8.96
N HIS F 58 32.28 -31.70 9.95
CA HIS F 58 32.53 -33.12 10.23
C HIS F 58 31.38 -33.69 11.06
N THR F 59 30.98 -34.92 10.73
CA THR F 59 29.89 -35.57 11.46
C THR F 59 30.39 -36.89 12.05
N ASP F 60 29.60 -37.50 12.92
CA ASP F 60 29.98 -38.76 13.55
C ASP F 60 29.88 -39.95 12.59
N ALA F 61 29.17 -39.76 11.49
CA ALA F 61 29.00 -40.83 10.50
C ALA F 61 30.14 -40.88 9.48
N GLY F 62 31.13 -40.03 9.65
CA GLY F 62 32.24 -40.01 8.72
C GLY F 62 31.99 -39.08 7.54
N ILE F 63 30.74 -38.64 7.41
CA ILE F 63 30.39 -37.73 6.33
C ILE F 63 30.89 -36.33 6.65
N ILE F 64 31.47 -35.67 5.65
CA ILE F 64 31.98 -34.33 5.84
C ILE F 64 31.32 -33.37 4.85
N GLY F 65 30.51 -32.45 5.37
CA GLY F 65 29.87 -31.47 4.50
C GLY F 65 30.86 -30.36 4.23
N GLU F 66 31.10 -30.04 2.96
CA GLU F 66 32.04 -28.99 2.64
C GLU F 66 31.62 -28.11 1.48
N ALA F 67 32.02 -26.85 1.56
CA ALA F 67 31.73 -25.87 0.52
C ALA F 67 32.57 -24.64 0.80
N TYR F 68 32.78 -23.81 -0.23
CA TYR F 68 33.52 -22.59 -0.04
C TYR F 68 32.50 -21.50 -0.36
N THR F 69 32.59 -20.37 0.34
CA THR F 69 31.61 -19.32 0.13
C THR F 69 32.11 -17.91 0.36
N GLY F 70 31.44 -16.97 -0.32
CA GLY F 70 31.77 -15.57 -0.18
C GLY F 70 33.14 -15.20 -0.71
N ASP F 71 33.33 -13.91 -0.95
CA ASP F 71 34.59 -13.39 -1.45
C ASP F 71 34.99 -12.24 -0.55
N GLU F 72 34.55 -12.32 0.71
CA GLU F 72 34.89 -11.31 1.68
C GLU F 72 36.39 -11.44 1.85
N HIS F 73 37.12 -10.34 1.73
CA HIS F 73 38.57 -10.41 1.87
C HIS F 73 39.06 -9.72 3.13
N GLU F 74 38.79 -8.43 3.22
CA GLU F 74 39.19 -7.63 4.36
C GLU F 74 38.61 -8.21 5.65
N THR F 75 37.33 -8.57 5.58
CA THR F 75 36.59 -9.10 6.72
C THR F 75 36.64 -10.62 6.89
N MSE F 76 37.45 -11.28 6.09
CA MSE F 76 37.55 -12.74 6.14
C MSE F 76 37.85 -13.35 7.51
O MSE F 76 37.21 -14.32 7.92
CB MSE F 76 38.57 -13.20 5.12
CG MSE F 76 38.80 -14.68 5.14
SE MSE F 76 39.89 -15.18 3.64
CE MSE F 76 39.05 -16.84 3.30
N PHE F 77 38.84 -12.81 8.22
CA PHE F 77 39.19 -13.36 9.53
C PHE F 77 38.16 -13.02 10.59
N ASP F 78 37.47 -11.89 10.40
CA ASP F 78 36.43 -11.48 11.34
C ASP F 78 35.30 -12.49 11.20
N ILE F 79 35.03 -12.87 9.95
CA ILE F 79 33.99 -13.85 9.64
C ILE F 79 34.39 -15.23 10.18
N ASP F 80 35.64 -15.61 9.97
CA ASP F 80 36.14 -16.89 10.44
C ASP F 80 35.93 -17.00 11.96
N ARG F 81 36.19 -15.89 12.66
CA ARG F 81 36.02 -15.85 14.11
C ARG F 81 34.57 -16.09 14.54
N ILE F 82 33.62 -15.46 13.85
CA ILE F 82 32.21 -15.64 14.16
C ILE F 82 31.86 -17.11 14.03
N ILE F 83 32.28 -17.72 12.93
CA ILE F 83 32.00 -19.13 12.69
C ILE F 83 32.43 -20.01 13.87
N HIS F 84 33.69 -19.88 14.29
CA HIS F 84 34.23 -20.68 15.39
C HIS F 84 33.82 -20.27 16.80
N GLU F 85 33.64 -18.97 17.03
CA GLU F 85 33.29 -18.50 18.36
C GLU F 85 31.80 -18.31 18.63
N GLU F 86 31.03 -18.02 17.59
CA GLU F 86 29.60 -17.81 17.77
C GLU F 86 28.74 -18.93 17.21
N LEU F 87 29.02 -19.35 15.99
CA LEU F 87 28.22 -20.43 15.37
C LEU F 87 28.59 -21.86 15.80
N ALA F 88 29.87 -22.18 15.85
CA ALA F 88 30.30 -23.53 16.24
C ALA F 88 29.61 -24.06 17.50
N PRO F 89 29.50 -23.23 18.55
CA PRO F 89 28.84 -23.71 19.77
C PRO F 89 27.36 -24.06 19.60
N THR F 90 26.76 -23.65 18.48
CA THR F 90 25.35 -23.95 18.25
C THR F 90 25.23 -25.19 17.37
N LEU F 91 26.35 -25.64 16.83
CA LEU F 91 26.35 -26.79 15.94
C LEU F 91 26.95 -28.09 16.48
N ILE F 92 28.16 -28.02 17.02
CA ILE F 92 28.83 -29.21 17.54
C ILE F 92 28.02 -29.90 18.63
N GLY F 93 27.65 -31.15 18.36
CA GLY F 93 26.87 -31.93 19.30
C GLY F 93 25.41 -32.00 18.88
N GLN F 94 25.02 -31.19 17.91
CA GLN F 94 23.66 -31.16 17.42
C GLN F 94 23.44 -32.01 16.17
N ASP F 95 22.17 -32.22 15.83
CA ASP F 95 21.79 -33.04 14.68
C ASP F 95 21.78 -32.22 13.39
N ALA F 96 22.69 -32.55 12.48
CA ALA F 96 22.79 -31.85 11.22
C ALA F 96 21.53 -31.97 10.37
N MSE F 97 20.70 -32.96 10.67
CA MSE F 97 19.48 -33.18 9.91
C MSE F 97 18.32 -32.23 10.26
O MSE F 97 17.37 -32.09 9.48
CB MSE F 97 19.00 -34.62 10.07
CG MSE F 97 18.87 -35.37 8.75
SE MSE F 97 20.55 -35.57 7.82
CE MSE F 97 20.21 -37.28 7.00
N ALA F 98 18.40 -31.57 11.41
CA ALA F 98 17.37 -30.62 11.84
C ALA F 98 17.82 -29.20 11.46
N ILE F 99 17.91 -28.96 10.16
CA ILE F 99 18.37 -27.66 9.67
C ILE F 99 17.61 -26.44 10.17
N GLU F 100 16.27 -26.50 10.20
CA GLU F 100 15.49 -25.37 10.68
C GLU F 100 15.86 -25.04 12.12
N ARG F 101 16.12 -26.08 12.90
CA ARG F 101 16.47 -25.87 14.30
C ARG F 101 17.85 -25.25 14.41
N LEU F 102 18.78 -25.74 13.60
CA LEU F 102 20.15 -25.21 13.61
C LEU F 102 20.19 -23.76 13.13
N TRP F 103 19.58 -23.51 11.97
CA TRP F 103 19.56 -22.16 11.41
C TRP F 103 18.89 -21.19 12.38
N ASP F 104 17.84 -21.64 13.04
CA ASP F 104 17.13 -20.78 13.99
C ASP F 104 18.04 -20.26 15.11
N SER F 105 18.80 -21.17 15.72
CA SER F 105 19.71 -20.74 16.78
C SER F 105 20.88 -19.94 16.24
N GLY F 106 21.41 -20.35 15.09
CA GLY F 106 22.53 -19.63 14.52
C GLY F 106 22.21 -18.20 14.09
N TYR F 107 20.95 -17.98 13.70
CA TYR F 107 20.49 -16.68 13.23
C TYR F 107 20.83 -15.53 14.19
N LYS F 108 20.97 -15.84 15.47
CA LYS F 108 21.29 -14.84 16.48
C LYS F 108 22.56 -14.03 16.17
N VAL F 109 23.51 -14.62 15.46
CA VAL F 109 24.76 -13.90 15.12
C VAL F 109 24.47 -12.66 14.26
N THR F 110 23.27 -12.57 13.73
CA THR F 110 22.91 -11.43 12.89
C THR F 110 22.35 -10.28 13.74
N PHE F 111 22.12 -10.53 15.02
CA PHE F 111 21.55 -9.51 15.91
C PHE F 111 22.53 -8.45 16.41
N ASP F 112 23.84 -8.74 16.37
CA ASP F 112 24.84 -7.80 16.86
C ASP F 112 24.70 -6.41 16.22
N ILE F 113 24.27 -5.45 17.02
CA ILE F 113 24.07 -4.08 16.54
C ILE F 113 25.39 -3.31 16.40
N LEU F 114 26.47 -3.85 16.94
CA LEU F 114 27.77 -3.17 16.90
C LEU F 114 28.67 -3.51 15.72
N ARG F 115 28.15 -4.20 14.71
CA ARG F 115 28.98 -4.55 13.56
C ARG F 115 28.14 -4.69 12.29
N ASP F 116 28.82 -4.80 11.16
CA ASP F 116 28.14 -4.94 9.89
C ASP F 116 27.30 -6.22 9.90
N ARG F 117 26.00 -6.06 9.67
CA ARG F 117 25.06 -7.18 9.64
C ARG F 117 25.54 -8.29 8.68
N ARG F 118 26.29 -7.91 7.64
CA ARG F 118 26.77 -8.89 6.67
C ARG F 118 27.77 -9.90 7.24
N LEU F 119 28.50 -9.52 8.28
CA LEU F 119 29.47 -10.44 8.88
C LEU F 119 28.79 -11.71 9.39
N GLY F 120 27.71 -11.55 10.15
CA GLY F 120 26.99 -12.69 10.67
C GLY F 120 26.27 -13.46 9.59
N LEU F 121 25.72 -12.74 8.61
CA LEU F 121 25.00 -13.37 7.51
C LEU F 121 25.94 -14.26 6.70
N VAL F 122 27.15 -13.78 6.44
CA VAL F 122 28.11 -14.58 5.68
C VAL F 122 28.53 -15.81 6.49
N ALA F 123 28.79 -15.61 7.78
CA ALA F 123 29.18 -16.71 8.65
C ALA F 123 28.09 -17.79 8.70
N LEU F 124 26.84 -17.35 8.80
CA LEU F 124 25.70 -18.26 8.86
C LEU F 124 25.57 -19.01 7.53
N ALA F 125 25.76 -18.29 6.44
CA ALA F 125 25.66 -18.90 5.10
C ALA F 125 26.72 -19.99 4.94
N ALA F 126 27.94 -19.69 5.38
CA ALA F 126 29.04 -20.63 5.28
C ALA F 126 28.73 -21.97 5.94
N VAL F 127 28.25 -21.94 7.19
CA VAL F 127 27.92 -23.20 7.86
C VAL F 127 26.63 -23.83 7.34
N ASN F 128 25.68 -23.00 6.90
CA ASN F 128 24.42 -23.54 6.39
C ASN F 128 24.68 -24.33 5.11
N THR F 129 25.47 -23.75 4.22
CA THR F 129 25.81 -24.41 2.96
C THR F 129 26.55 -25.73 3.19
N ALA F 130 27.53 -25.72 4.09
CA ALA F 130 28.30 -26.93 4.38
C ALA F 130 27.39 -28.02 4.93
N ILE F 131 26.51 -27.62 5.84
CA ILE F 131 25.57 -28.56 6.43
C ILE F 131 24.66 -29.15 5.35
N TRP F 132 24.17 -28.32 4.45
CA TRP F 132 23.31 -28.83 3.38
C TRP F 132 24.07 -29.89 2.58
N ASP F 133 25.35 -29.65 2.35
CA ASP F 133 26.16 -30.61 1.62
C ASP F 133 26.24 -31.92 2.40
N ALA F 134 26.31 -31.81 3.73
CA ALA F 134 26.37 -32.99 4.58
C ALA F 134 25.06 -33.76 4.49
N VAL F 135 23.94 -33.05 4.60
CA VAL F 135 22.63 -33.69 4.51
C VAL F 135 22.46 -34.33 3.14
N GLY F 136 22.94 -33.64 2.10
CA GLY F 136 22.84 -34.19 0.76
C GLY F 136 23.58 -35.51 0.68
N LYS F 137 24.73 -35.57 1.33
CA LYS F 137 25.52 -36.77 1.35
C LYS F 137 24.90 -37.85 2.23
N ALA F 138 24.46 -37.48 3.43
CA ALA F 138 23.80 -38.44 4.30
C ALA F 138 22.68 -39.15 3.54
N LEU F 139 21.83 -38.36 2.84
CA LEU F 139 20.74 -38.81 2.00
C LEU F 139 21.03 -39.27 0.58
N LYS F 140 22.28 -39.15 0.13
CA LYS F 140 22.61 -39.68 -1.21
C LYS F 140 21.78 -38.95 -2.24
N MSE F 141 21.65 -37.64 -2.05
CA MSE F 141 20.84 -36.80 -2.92
C MSE F 141 21.61 -35.53 -3.40
O MSE F 141 22.21 -34.81 -2.61
CB MSE F 141 19.59 -36.39 -2.14
CG MSE F 141 18.48 -37.53 -2.03
SE MSE F 141 17.46 -37.80 -3.73
CE MSE F 141 16.22 -36.27 -3.39
N PRO F 142 21.63 -35.26 -4.72
CA PRO F 142 22.34 -34.06 -5.19
C PRO F 142 21.41 -32.94 -4.74
N LEU F 143 21.98 -31.82 -4.30
CA LEU F 143 21.15 -30.73 -3.81
C LEU F 143 20.12 -30.16 -4.78
N TRP F 144 20.47 -30.02 -6.07
CA TRP F 144 19.51 -29.48 -7.01
C TRP F 144 18.23 -30.31 -6.99
N LYS F 145 18.36 -31.59 -6.69
CA LYS F 145 17.18 -32.47 -6.64
C LYS F 145 16.53 -32.42 -5.26
N LEU F 146 17.36 -32.40 -4.21
CA LEU F 146 16.83 -32.36 -2.85
C LEU F 146 16.02 -31.08 -2.60
N TRP F 147 16.45 -29.98 -3.21
CA TRP F 147 15.76 -28.71 -3.03
C TRP F 147 14.56 -28.49 -3.96
N GLY F 148 14.20 -29.51 -4.74
CA GLY F 148 13.06 -29.36 -5.64
C GLY F 148 13.14 -30.20 -6.90
N GLY F 149 14.33 -30.33 -7.46
CA GLY F 149 14.53 -31.13 -8.66
C GLY F 149 13.74 -30.72 -9.90
N TYR F 150 13.49 -29.44 -10.08
CA TYR F 150 12.73 -28.99 -11.25
C TYR F 150 13.46 -29.38 -12.54
N ARG F 151 14.77 -29.17 -12.57
CA ARG F 151 15.61 -29.52 -13.72
C ARG F 151 17.05 -29.59 -13.23
N ASN F 152 17.91 -30.21 -14.03
CA ASN F 152 19.31 -30.34 -13.66
C ASN F 152 20.25 -29.68 -14.67
N GLU F 153 19.70 -28.76 -15.46
CA GLU F 153 20.48 -28.06 -16.46
C GLU F 153 20.01 -26.62 -16.57
N LEU F 154 20.96 -25.71 -16.71
CA LEU F 154 20.63 -24.30 -16.85
C LEU F 154 21.76 -23.56 -17.56
N PRO F 155 21.44 -22.42 -18.18
CA PRO F 155 22.48 -21.67 -18.88
C PRO F 155 23.41 -20.91 -17.92
N MSE F 156 24.62 -20.62 -18.39
CA MSE F 156 25.59 -19.91 -17.57
C MSE F 156 26.18 -18.73 -18.33
O MSE F 156 26.65 -18.87 -19.45
CB MSE F 156 26.70 -20.84 -17.12
CG MSE F 156 27.86 -20.11 -16.46
SE MSE F 156 28.59 -21.02 -14.91
CE MSE F 156 27.57 -20.11 -13.55
N ILE F 157 26.11 -17.56 -17.71
CA ILE F 157 26.65 -16.35 -18.32
C ILE F 157 27.87 -15.87 -17.52
N ALA F 158 28.67 -15.02 -18.12
CA ALA F 158 29.85 -14.49 -17.44
C ALA F 158 29.66 -13.02 -17.17
N ILE F 159 30.19 -12.57 -16.04
CA ILE F 159 30.07 -11.17 -15.66
C ILE F 159 31.26 -10.46 -16.29
N GLY F 160 30.98 -9.48 -17.14
CA GLY F 160 32.05 -8.74 -17.79
C GLY F 160 31.63 -7.34 -18.19
N GLY F 161 32.22 -6.84 -19.27
CA GLY F 161 31.89 -5.51 -19.74
C GLY F 161 32.53 -4.44 -18.88
N TYR F 162 33.63 -4.80 -18.24
CA TYR F 162 34.35 -3.87 -17.38
C TYR F 162 34.80 -2.63 -18.15
N TYR F 163 34.68 -1.47 -17.49
CA TYR F 163 35.06 -0.21 -18.10
C TYR F 163 36.57 -0.12 -18.31
N GLY F 164 36.98 0.72 -19.25
CA GLY F 164 38.40 0.87 -19.52
C GLY F 164 38.94 -0.21 -20.44
N GLU F 165 38.09 -1.17 -20.78
CA GLU F 165 38.48 -2.27 -21.66
C GLU F 165 39.68 -3.02 -21.06
N PRO F 166 39.43 -3.90 -20.09
CA PRO F 166 40.49 -4.69 -19.43
C PRO F 166 40.79 -6.02 -20.13
N LEU F 167 39.74 -6.63 -20.67
CA LEU F 167 39.88 -7.92 -21.37
C LEU F 167 39.79 -7.65 -22.87
N GLY F 168 40.35 -6.50 -23.29
CA GLY F 168 40.29 -6.14 -24.68
C GLY F 168 39.01 -5.40 -24.96
N SER F 169 38.87 -4.89 -26.19
CA SER F 169 37.68 -4.15 -26.59
C SER F 169 36.41 -4.98 -26.33
N ILE F 170 35.25 -4.34 -26.45
CA ILE F 170 33.98 -5.03 -26.22
C ILE F 170 33.79 -6.22 -27.16
N ALA F 171 34.06 -6.02 -28.44
CA ALA F 171 33.92 -7.10 -29.42
C ALA F 171 34.77 -8.31 -29.04
N ASP F 172 36.03 -8.05 -28.67
CA ASP F 172 36.95 -9.11 -28.28
C ASP F 172 36.46 -9.89 -27.07
N GLU F 173 35.95 -9.18 -26.08
CA GLU F 173 35.44 -9.81 -24.87
C GLU F 173 34.29 -10.77 -25.15
N MSE F 174 33.33 -10.33 -25.97
CA MSE F 174 32.19 -11.16 -26.32
C MSE F 174 32.59 -12.42 -27.07
O MSE F 174 32.08 -13.51 -26.80
CB MSE F 174 31.18 -10.37 -27.16
CG MSE F 174 30.61 -9.13 -26.47
SE MSE F 174 29.78 -9.50 -24.75
CE MSE F 174 31.18 -8.91 -23.58
N HIS F 175 33.52 -12.28 -28.01
CA HIS F 175 33.97 -13.44 -28.79
C HIS F 175 34.65 -14.46 -27.87
N ASN F 176 35.40 -13.97 -26.90
CA ASN F 176 36.09 -14.85 -25.97
C ASN F 176 35.10 -15.65 -25.13
N TYR F 177 34.07 -14.98 -24.61
CA TYR F 177 33.08 -15.68 -23.79
C TYR F 177 32.34 -16.73 -24.61
N GLN F 178 32.19 -16.48 -25.92
CA GLN F 178 31.50 -17.42 -26.79
C GLN F 178 32.33 -18.67 -27.08
N GLU F 179 33.62 -18.47 -27.34
CA GLU F 179 34.51 -19.60 -27.62
C GLU F 179 34.68 -20.41 -26.34
N LEU F 180 34.45 -19.74 -25.21
CA LEU F 180 34.58 -20.36 -23.90
C LEU F 180 33.33 -21.19 -23.58
N GLY F 181 32.33 -21.10 -24.45
CA GLY F 181 31.11 -21.87 -24.25
C GLY F 181 30.02 -21.26 -23.40
N LEU F 182 30.20 -20.01 -22.95
CA LEU F 182 29.19 -19.34 -22.14
C LEU F 182 27.96 -18.94 -22.94
N ALA F 183 26.80 -18.99 -22.29
CA ALA F 183 25.52 -18.66 -22.93
C ALA F 183 25.29 -17.16 -23.09
N GLY F 184 26.03 -16.34 -22.35
CA GLY F 184 25.84 -14.90 -22.45
C GLY F 184 26.73 -14.14 -21.49
N VAL F 185 26.35 -12.88 -21.21
CA VAL F 185 27.14 -12.03 -20.33
C VAL F 185 26.30 -11.06 -19.51
N LYS F 186 26.79 -10.69 -18.33
CA LYS F 186 26.13 -9.69 -17.49
C LYS F 186 27.09 -8.52 -17.68
N PHE F 187 26.72 -7.62 -18.58
CA PHE F 187 27.51 -6.45 -18.96
C PHE F 187 27.40 -5.23 -18.04
N LYS F 188 28.53 -4.81 -17.47
CA LYS F 188 28.56 -3.67 -16.56
C LYS F 188 28.26 -2.32 -17.20
N VAL F 189 27.43 -1.54 -16.53
CA VAL F 189 27.07 -0.20 -16.98
C VAL F 189 26.92 0.66 -15.72
N GLY F 190 26.23 1.79 -15.83
CA GLY F 190 26.04 2.64 -14.68
C GLY F 190 27.18 3.63 -14.45
N GLY F 191 28.18 3.60 -15.33
CA GLY F 191 29.32 4.49 -15.20
C GLY F 191 29.33 5.72 -16.09
N LEU F 192 28.72 5.62 -17.27
CA LEU F 192 28.69 6.75 -18.18
C LEU F 192 27.27 7.27 -18.37
N SER F 193 27.09 8.15 -19.35
CA SER F 193 25.77 8.70 -19.64
C SER F 193 24.92 7.61 -20.30
N ALA F 194 23.66 7.94 -20.56
CA ALA F 194 22.74 6.98 -21.19
C ALA F 194 23.19 6.69 -22.62
N ALA F 195 23.57 7.73 -23.37
CA ALA F 195 24.02 7.58 -24.74
C ALA F 195 25.29 6.73 -24.80
N GLU F 196 26.27 7.08 -23.96
CA GLU F 196 27.54 6.36 -23.94
C GLU F 196 27.38 4.88 -23.60
N ASP F 197 26.71 4.58 -22.50
CA ASP F 197 26.53 3.19 -22.12
C ASP F 197 25.66 2.44 -23.12
N ALA F 198 24.72 3.14 -23.76
CA ALA F 198 23.88 2.51 -24.76
C ALA F 198 24.76 2.06 -25.94
N ALA F 199 25.72 2.89 -26.30
CA ALA F 199 26.62 2.57 -27.41
C ALA F 199 27.48 1.35 -27.08
N ARG F 200 27.85 1.20 -25.81
CA ARG F 200 28.65 0.05 -25.39
C ARG F 200 27.82 -1.24 -25.47
N ILE F 201 26.57 -1.15 -25.03
CA ILE F 201 25.66 -2.30 -25.07
C ILE F 201 25.44 -2.71 -26.52
N THR F 202 25.21 -1.73 -27.38
CA THR F 202 24.98 -2.00 -28.80
C THR F 202 26.19 -2.71 -29.39
N ALA F 203 27.39 -2.26 -29.02
CA ALA F 203 28.61 -2.88 -29.52
C ALA F 203 28.72 -4.34 -29.08
N ALA F 204 28.16 -4.66 -27.91
CA ALA F 204 28.20 -6.02 -27.41
C ALA F 204 27.18 -6.88 -28.17
N ARG F 205 26.02 -6.29 -28.46
CA ARG F 205 24.96 -6.98 -29.19
C ARG F 205 25.45 -7.28 -30.61
N GLU F 206 25.97 -6.24 -31.26
CA GLU F 206 26.47 -6.37 -32.63
C GLU F 206 27.59 -7.40 -32.76
N ALA F 207 28.47 -7.45 -31.77
CA ALA F 207 29.60 -8.38 -31.81
C ALA F 207 29.25 -9.82 -31.47
N ALA F 208 28.35 -10.02 -30.52
CA ALA F 208 27.97 -11.36 -30.09
C ALA F 208 26.88 -12.05 -30.92
N GLY F 209 26.06 -11.26 -31.61
CA GLY F 209 25.00 -11.85 -32.41
C GLY F 209 23.72 -11.98 -31.58
N ASP F 210 22.64 -12.41 -32.22
CA ASP F 210 21.35 -12.55 -31.57
C ASP F 210 21.22 -13.64 -30.52
N ASP F 211 21.84 -14.79 -30.75
CA ASP F 211 21.74 -15.86 -29.77
C ASP F 211 22.86 -15.81 -28.75
N PHE F 212 22.69 -14.91 -27.79
CA PHE F 212 23.66 -14.71 -26.73
C PHE F 212 22.89 -13.88 -25.69
N ILE F 213 22.78 -14.39 -24.47
CA ILE F 213 22.06 -13.65 -23.44
C ILE F 213 22.84 -12.41 -23.02
N ILE F 214 22.17 -11.27 -22.99
CA ILE F 214 22.81 -10.03 -22.58
C ILE F 214 22.05 -9.32 -21.45
N CYS F 215 22.58 -9.39 -20.23
CA CYS F 215 21.96 -8.69 -19.12
C CYS F 215 22.88 -7.51 -18.87
N ILE F 216 22.39 -6.47 -18.21
CA ILE F 216 23.24 -5.33 -17.89
C ILE F 216 23.12 -5.07 -16.39
N ASP F 217 24.21 -4.59 -15.79
CA ASP F 217 24.23 -4.33 -14.35
C ASP F 217 24.89 -2.98 -14.07
N ALA F 218 24.10 -2.05 -13.52
CA ALA F 218 24.57 -0.71 -13.20
C ALA F 218 25.09 -0.56 -11.78
N ASN F 219 25.00 -1.63 -10.99
CA ASN F 219 25.46 -1.60 -9.61
C ASN F 219 25.02 -0.33 -8.88
N GLN F 220 23.73 -0.03 -8.96
CA GLN F 220 23.13 1.14 -8.30
C GLN F 220 23.70 2.49 -8.74
N GLY F 221 24.28 2.53 -9.93
CA GLY F 221 24.90 3.77 -10.40
C GLY F 221 24.12 4.93 -11.01
N TYR F 222 22.90 4.71 -11.50
CA TYR F 222 22.17 5.81 -12.12
C TYR F 222 21.06 6.42 -11.27
N LYS F 223 20.62 7.60 -11.71
CA LYS F 223 19.49 8.26 -11.12
C LYS F 223 18.38 7.76 -12.04
N PRO F 224 17.15 7.66 -11.53
CA PRO F 224 16.00 7.17 -12.32
C PRO F 224 15.88 7.63 -13.78
N ALA F 225 15.85 8.95 -14.00
CA ALA F 225 15.70 9.47 -15.36
C ALA F 225 16.76 8.95 -16.32
N VAL F 226 17.98 8.77 -15.82
CA VAL F 226 19.07 8.28 -16.65
C VAL F 226 18.85 6.79 -16.98
N ALA F 227 18.50 6.01 -15.98
CA ALA F 227 18.27 4.58 -16.17
C ALA F 227 17.14 4.38 -17.18
N VAL F 228 16.07 5.16 -17.04
CA VAL F 228 14.94 5.08 -17.95
C VAL F 228 15.40 5.42 -19.37
N ASP F 229 16.17 6.50 -19.49
CA ASP F 229 16.69 6.93 -20.78
C ASP F 229 17.45 5.76 -21.42
N LEU F 230 18.35 5.14 -20.66
CA LEU F 230 19.12 4.02 -21.18
C LEU F 230 18.22 2.86 -21.56
N SER F 231 17.32 2.50 -20.65
CA SER F 231 16.39 1.39 -20.89
C SER F 231 15.66 1.55 -22.21
N ARG F 232 15.15 2.74 -22.47
CA ARG F 232 14.43 2.99 -23.69
C ARG F 232 15.32 2.90 -24.94
N ARG F 233 16.55 3.40 -24.84
CA ARG F 233 17.48 3.36 -25.97
C ARG F 233 17.84 1.93 -26.40
N ILE F 234 17.94 1.01 -25.44
CA ILE F 234 18.32 -0.36 -25.77
C ILE F 234 17.13 -1.31 -25.95
N ALA F 235 15.94 -0.72 -26.10
CA ALA F 235 14.70 -1.49 -26.25
C ALA F 235 14.72 -2.55 -27.34
N ASP F 236 15.48 -2.31 -28.42
CA ASP F 236 15.53 -3.29 -29.51
C ASP F 236 16.75 -4.21 -29.50
N LEU F 237 17.53 -4.17 -28.42
CA LEU F 237 18.71 -5.00 -28.29
C LEU F 237 18.44 -6.32 -27.57
N ASN F 238 17.18 -6.59 -27.24
CA ASN F 238 16.82 -7.82 -26.55
C ASN F 238 17.63 -8.04 -25.27
N ILE F 239 17.61 -7.07 -24.37
CA ILE F 239 18.33 -7.18 -23.10
C ILE F 239 17.52 -8.04 -22.13
N ARG F 240 18.14 -9.09 -21.60
CA ARG F 240 17.47 -10.00 -20.66
C ARG F 240 16.91 -9.29 -19.43
N TRP F 241 17.75 -8.52 -18.75
CA TRP F 241 17.29 -7.75 -17.60
C TRP F 241 18.28 -6.64 -17.25
N PHE F 242 17.80 -5.65 -16.50
CA PHE F 242 18.57 -4.49 -16.07
C PHE F 242 18.70 -4.62 -14.55
N GLU F 243 19.91 -4.97 -14.10
CA GLU F 243 20.20 -5.18 -12.69
C GLU F 243 20.60 -3.91 -11.92
N GLU F 244 19.99 -3.73 -10.75
CA GLU F 244 20.21 -2.57 -9.86
C GLU F 244 20.56 -1.31 -10.62
N PRO F 245 19.57 -0.75 -11.33
CA PRO F 245 19.72 0.47 -12.13
C PRO F 245 19.91 1.80 -11.43
N VAL F 246 19.36 1.95 -10.22
CA VAL F 246 19.44 3.23 -9.52
C VAL F 246 20.18 3.32 -8.17
N GLU F 247 20.39 4.55 -7.72
CA GLU F 247 21.08 4.80 -6.46
C GLU F 247 20.37 4.09 -5.30
N TRP F 248 21.16 3.65 -4.33
CA TRP F 248 20.68 2.87 -3.20
C TRP F 248 19.56 3.32 -2.26
N HIS F 249 19.58 4.58 -1.83
CA HIS F 249 18.61 5.05 -0.85
C HIS F 249 17.13 4.78 -1.12
N ASN F 250 16.64 5.06 -2.32
CA ASN F 250 15.25 4.84 -2.66
C ASN F 250 15.16 3.78 -3.77
N ASP F 251 16.09 2.84 -3.82
CA ASP F 251 16.12 1.88 -4.91
C ASP F 251 14.82 1.13 -5.24
N LYS F 252 14.07 0.73 -4.22
CA LYS F 252 12.82 -0.01 -4.44
C LYS F 252 11.82 0.73 -5.32
N ARG F 253 11.41 1.93 -4.89
CA ARG F 253 10.46 2.71 -5.67
C ARG F 253 11.06 3.25 -6.97
N SER F 254 12.32 3.64 -6.91
CA SER F 254 12.99 4.16 -8.12
C SER F 254 13.16 3.10 -9.21
N MSE F 255 13.52 1.87 -8.87
CA MSE F 255 13.67 0.86 -9.93
C MSE F 255 12.30 0.38 -10.43
O MSE F 255 12.17 -0.08 -11.55
CB MSE F 255 14.56 -0.31 -9.47
CG MSE F 255 14.02 -1.26 -8.42
SE MSE F 255 15.31 -2.71 -8.11
CE MSE F 255 14.62 -3.98 -9.32
N ARG F 256 11.28 0.53 -9.58
CA ARG F 256 9.92 0.17 -9.96
C ARG F 256 9.58 1.10 -11.13
N ASP F 257 9.94 2.36 -10.97
CA ASP F 257 9.67 3.34 -12.01
C ASP F 257 10.52 3.11 -13.25
N VAL F 258 11.75 2.62 -13.08
CA VAL F 258 12.59 2.33 -14.25
C VAL F 258 11.92 1.15 -14.97
N ARG F 259 11.34 0.27 -14.16
CA ARG F 259 10.63 -0.91 -14.65
C ARG F 259 9.40 -0.57 -15.50
N TYR F 260 8.61 0.40 -15.07
CA TYR F 260 7.39 0.79 -15.78
C TYR F 260 7.58 1.87 -16.85
N GLN F 261 8.53 2.79 -16.65
CA GLN F 261 8.75 3.84 -17.64
C GLN F 261 9.78 3.38 -18.69
N GLY F 262 10.59 2.40 -18.32
CA GLY F 262 11.60 1.87 -19.22
C GLY F 262 11.10 0.77 -20.17
N SER F 263 12.02 -0.01 -20.72
CA SER F 263 11.65 -1.06 -21.66
C SER F 263 12.23 -2.45 -21.42
N VAL F 264 12.93 -2.63 -20.31
CA VAL F 264 13.50 -3.93 -20.03
C VAL F 264 13.25 -4.40 -18.60
N PRO F 265 13.12 -5.71 -18.40
CA PRO F 265 12.88 -6.27 -17.05
C PRO F 265 13.96 -5.83 -16.07
N VAL F 266 13.57 -5.67 -14.80
CA VAL F 266 14.52 -5.25 -13.80
C VAL F 266 14.83 -6.34 -12.77
N CYS F 267 16.10 -6.47 -12.42
CA CYS F 267 16.55 -7.48 -11.47
C CYS F 267 17.25 -6.84 -10.28
N ALA F 268 17.03 -7.42 -9.09
CA ALA F 268 17.65 -6.95 -7.85
C ALA F 268 17.44 -7.96 -6.72
N GLY F 269 18.02 -7.69 -5.55
CA GLY F 269 17.90 -8.59 -4.42
C GLY F 269 19.27 -8.83 -3.81
N GLN F 270 20.28 -8.74 -4.67
CA GLN F 270 21.68 -8.91 -4.29
C GLN F 270 22.09 -8.06 -3.09
N THR F 271 21.53 -6.85 -2.99
CA THR F 271 21.88 -5.94 -1.91
C THR F 271 20.98 -6.06 -0.66
N GLU F 272 19.97 -6.93 -0.71
CA GLU F 272 19.08 -7.12 0.42
C GLU F 272 19.73 -8.06 1.45
N PHE F 273 19.39 -7.86 2.72
CA PHE F 273 19.93 -8.66 3.82
C PHE F 273 19.12 -9.93 4.13
N SER F 274 17.83 -9.91 3.80
CA SER F 274 16.97 -11.05 4.11
C SER F 274 15.84 -11.25 3.12
N ALA F 275 15.06 -12.29 3.38
CA ALA F 275 13.91 -12.61 2.55
C ALA F 275 12.88 -11.50 2.70
N SER F 276 12.79 -10.93 3.89
CA SER F 276 11.84 -9.84 4.15
C SER F 276 12.16 -8.67 3.24
N GLY F 277 13.46 -8.39 3.06
CA GLY F 277 13.88 -7.31 2.19
C GLY F 277 13.54 -7.63 0.75
N CYS F 278 13.75 -8.89 0.37
CA CYS F 278 13.42 -9.31 -0.99
C CYS F 278 11.92 -9.21 -1.17
N ARG F 279 11.17 -9.54 -0.12
CA ARG F 279 9.72 -9.48 -0.16
C ARG F 279 9.31 -8.02 -0.38
N ASP F 280 10.04 -7.09 0.25
CA ASP F 280 9.73 -5.67 0.08
C ASP F 280 9.90 -5.22 -1.38
N LEU F 281 10.92 -5.72 -2.06
CA LEU F 281 11.15 -5.37 -3.46
C LEU F 281 9.94 -5.83 -4.29
N MSE F 282 9.57 -7.09 -4.11
CA MSE F 282 8.45 -7.66 -4.85
C MSE F 282 7.15 -6.94 -4.58
O MSE F 282 6.42 -6.64 -5.51
CB MSE F 282 8.32 -9.14 -4.49
CG MSE F 282 9.53 -9.94 -4.94
SE MSE F 282 9.47 -11.76 -4.33
CE MSE F 282 11.34 -12.01 -3.88
N GLU F 283 6.86 -6.66 -3.32
CA GLU F 283 5.62 -5.97 -2.97
C GLU F 283 5.58 -4.57 -3.58
N THR F 284 6.74 -3.93 -3.71
CA THR F 284 6.80 -2.59 -4.30
C THR F 284 6.56 -2.70 -5.81
N GLY F 285 6.86 -3.87 -6.37
CA GLY F 285 6.72 -4.05 -7.80
C GLY F 285 8.00 -3.56 -8.45
N ALA F 286 9.10 -3.67 -7.71
CA ALA F 286 10.40 -3.22 -8.20
C ALA F 286 11.11 -4.17 -9.16
N ILE F 287 10.85 -5.46 -9.04
CA ILE F 287 11.55 -6.44 -9.84
C ILE F 287 10.77 -7.47 -10.64
N ASP F 288 11.46 -7.99 -11.64
CA ASP F 288 10.97 -9.05 -12.51
C ASP F 288 11.77 -10.29 -12.09
N VAL F 289 13.00 -10.05 -11.62
CA VAL F 289 13.88 -11.14 -11.19
C VAL F 289 14.58 -10.77 -9.86
N CYS F 290 14.66 -11.73 -8.96
CA CYS F 290 15.32 -11.52 -7.67
C CYS F 290 16.62 -12.31 -7.65
N ASN F 291 17.74 -11.62 -7.50
CA ASN F 291 19.04 -12.29 -7.51
C ASN F 291 19.71 -12.34 -6.14
N PHE F 292 18.87 -12.53 -5.12
CA PHE F 292 19.31 -12.64 -3.73
C PHE F 292 20.59 -13.47 -3.68
N ASP F 293 21.60 -13.02 -2.94
CA ASP F 293 22.86 -13.76 -2.85
C ASP F 293 22.96 -14.61 -1.60
N SER F 294 22.79 -15.90 -1.80
CA SER F 294 22.84 -16.92 -0.76
C SER F 294 24.05 -16.83 0.19
N SER F 295 25.24 -16.74 -0.39
CA SER F 295 26.49 -16.72 0.38
C SER F 295 26.65 -15.45 1.21
N TRP F 296 25.77 -14.49 0.95
CA TRP F 296 25.83 -13.21 1.64
C TRP F 296 24.67 -13.01 2.60
N SER F 297 23.72 -13.94 2.61
CA SER F 297 22.56 -13.75 3.46
C SER F 297 21.99 -14.93 4.24
N GLY F 298 22.85 -15.71 4.87
CA GLY F 298 22.35 -16.83 5.65
C GLY F 298 22.34 -18.17 4.97
N GLY F 299 22.72 -18.22 3.69
CA GLY F 299 22.78 -19.48 2.99
C GLY F 299 21.51 -19.96 2.29
N PRO F 300 21.56 -21.18 1.71
CA PRO F 300 20.46 -21.83 0.99
C PRO F 300 19.13 -21.77 1.73
N THR F 301 19.16 -22.01 3.05
CA THR F 301 17.93 -21.97 3.84
C THR F 301 17.24 -20.64 3.64
N ALA F 302 18.00 -19.55 3.69
CA ALA F 302 17.41 -18.22 3.50
C ALA F 302 17.00 -18.02 2.04
N TRP F 303 17.84 -18.44 1.10
CA TRP F 303 17.53 -18.28 -0.33
C TRP F 303 16.26 -19.02 -0.72
N LEU F 304 16.13 -20.26 -0.26
CA LEU F 304 14.93 -21.04 -0.59
C LEU F 304 13.65 -20.38 -0.08
N ARG F 305 13.72 -19.64 1.02
CA ARG F 305 12.54 -18.97 1.54
C ARG F 305 12.14 -17.87 0.56
N THR F 306 13.15 -17.16 0.05
CA THR F 306 12.94 -16.08 -0.90
C THR F 306 12.37 -16.66 -2.21
N ALA F 307 12.83 -17.85 -2.58
CA ALA F 307 12.35 -18.50 -3.79
C ALA F 307 10.84 -18.79 -3.64
N ALA F 308 10.45 -19.30 -2.48
CA ALA F 308 9.03 -19.59 -2.23
C ALA F 308 8.26 -18.28 -2.32
N ILE F 309 8.77 -17.24 -1.68
CA ILE F 309 8.10 -15.95 -1.72
C ILE F 309 7.92 -15.47 -3.16
N ALA F 310 8.99 -15.59 -3.95
CA ALA F 310 8.95 -15.16 -5.35
C ALA F 310 7.86 -15.87 -6.16
N THR F 311 7.59 -17.14 -5.87
CA THR F 311 6.54 -17.84 -6.63
C THR F 311 5.19 -17.19 -6.42
N SER F 312 4.92 -16.73 -5.19
CA SER F 312 3.63 -16.12 -4.89
C SER F 312 3.47 -14.75 -5.55
N TYR F 313 4.58 -14.21 -6.06
CA TYR F 313 4.60 -12.91 -6.74
C TYR F 313 4.90 -13.04 -8.24
N ASP F 314 5.01 -14.27 -8.73
CA ASP F 314 5.34 -14.49 -10.15
C ASP F 314 6.70 -13.87 -10.50
N VAL F 315 7.62 -13.84 -9.54
CA VAL F 315 8.95 -13.30 -9.76
C VAL F 315 9.92 -14.46 -9.97
N GLN F 316 10.80 -14.33 -10.96
CA GLN F 316 11.77 -15.39 -11.26
C GLN F 316 12.98 -15.24 -10.35
N MSE F 317 13.71 -16.32 -10.15
CA MSE F 317 14.89 -16.28 -9.31
C MSE F 317 16.20 -16.28 -10.10
O MSE F 317 16.32 -16.94 -11.13
CB MSE F 317 14.92 -17.47 -8.34
CG MSE F 317 13.86 -17.42 -7.25
SE MSE F 317 13.97 -15.83 -6.12
CE MSE F 317 15.82 -15.97 -5.53
N GLY F 318 17.15 -15.51 -9.59
CA GLY F 318 18.47 -15.43 -10.18
C GLY F 318 19.38 -15.62 -8.99
N HIS F 319 20.66 -15.25 -9.13
CA HIS F 319 21.61 -15.40 -8.03
C HIS F 319 22.94 -14.73 -8.37
N HIS F 320 23.26 -13.68 -7.61
CA HIS F 320 24.52 -12.98 -7.81
C HIS F 320 25.67 -13.98 -7.65
N GLU F 321 26.36 -14.25 -8.76
CA GLU F 321 27.49 -15.19 -8.81
C GLU F 321 27.39 -16.44 -7.92
N GLU F 322 28.50 -16.83 -7.31
CA GLU F 322 28.55 -18.00 -6.43
C GLU F 322 28.02 -19.24 -7.16
N PRO F 323 28.59 -19.55 -8.34
CA PRO F 323 28.14 -20.71 -9.13
C PRO F 323 28.21 -22.06 -8.45
N GLN F 324 29.15 -22.22 -7.51
CA GLN F 324 29.29 -23.50 -6.83
C GLN F 324 28.08 -23.85 -5.99
N VAL F 325 27.19 -22.89 -5.77
CA VAL F 325 26.00 -23.16 -4.98
C VAL F 325 24.73 -22.73 -5.74
N SER F 326 24.84 -21.68 -6.54
CA SER F 326 23.71 -21.15 -7.29
C SER F 326 23.19 -22.11 -8.38
N THR F 327 24.05 -22.96 -8.91
CA THR F 327 23.63 -23.90 -9.95
C THR F 327 22.58 -24.88 -9.37
N HIS F 328 22.84 -25.39 -8.17
CA HIS F 328 21.92 -26.31 -7.52
C HIS F 328 20.65 -25.58 -7.11
N LEU F 329 20.81 -24.40 -6.52
CA LEU F 329 19.68 -23.57 -6.09
C LEU F 329 18.74 -23.21 -7.23
N LEU F 330 19.30 -22.62 -8.28
CA LEU F 330 18.48 -22.21 -9.43
C LEU F 330 17.84 -23.39 -10.17
N ALA F 331 18.61 -24.45 -10.37
CA ALA F 331 18.12 -25.63 -11.08
C ALA F 331 16.93 -26.27 -10.36
N SER F 332 16.96 -26.25 -9.03
CA SER F 332 15.90 -26.87 -8.23
C SER F 332 14.55 -26.18 -8.35
N GLN F 333 14.55 -24.90 -8.73
CA GLN F 333 13.32 -24.13 -8.80
C GLN F 333 12.68 -24.01 -10.17
N PRO F 334 11.33 -24.04 -10.21
CA PRO F 334 10.56 -23.93 -11.44
C PRO F 334 10.67 -22.54 -12.05
N HIS F 335 11.06 -21.56 -11.24
CA HIS F 335 11.20 -20.19 -11.72
C HIS F 335 12.65 -19.70 -11.72
N GLY F 336 13.60 -20.65 -11.67
CA GLY F 336 15.00 -20.30 -11.70
C GLY F 336 15.39 -19.84 -13.09
N THR F 337 16.39 -18.96 -13.20
CA THR F 337 16.80 -18.44 -14.51
C THR F 337 18.18 -18.84 -15.01
N ILE F 338 19.17 -17.98 -14.76
CA ILE F 338 20.54 -18.19 -15.21
C ILE F 338 21.59 -18.18 -14.09
N ALA F 339 22.58 -19.04 -14.21
CA ALA F 339 23.67 -19.10 -13.25
C ALA F 339 24.75 -18.18 -13.81
N GLU F 340 25.62 -17.66 -12.95
CA GLU F 340 26.66 -16.74 -13.42
C GLU F 340 28.04 -16.99 -12.84
N CYS F 341 29.06 -16.65 -13.61
CA CYS F 341 30.45 -16.82 -13.19
C CYS F 341 31.28 -15.68 -13.77
N PHE F 342 32.57 -15.70 -13.44
CA PHE F 342 33.51 -14.69 -13.91
C PHE F 342 34.43 -15.32 -14.94
N HIS F 343 35.16 -14.48 -15.66
CA HIS F 343 36.11 -14.98 -16.64
C HIS F 343 37.20 -15.68 -15.85
N PRO F 344 37.78 -16.75 -16.42
CA PRO F 344 38.84 -17.47 -15.68
C PRO F 344 39.93 -16.53 -15.17
N ASP F 345 40.11 -15.40 -15.85
CA ASP F 345 41.13 -14.44 -15.47
C ASP F 345 40.80 -13.60 -14.24
N ARG F 346 39.61 -13.77 -13.68
CA ARG F 346 39.25 -13.01 -12.48
C ARG F 346 38.56 -13.82 -11.41
N ASP F 347 38.55 -15.14 -11.59
CA ASP F 347 37.95 -16.04 -10.61
C ASP F 347 38.62 -17.40 -10.70
N PRO F 348 39.68 -17.60 -9.92
CA PRO F 348 40.43 -18.86 -9.91
C PRO F 348 39.71 -20.00 -9.20
N PHE F 349 38.87 -19.65 -8.23
CA PHE F 349 38.17 -20.67 -7.47
C PHE F 349 37.24 -21.55 -8.28
N TRP F 350 36.27 -20.96 -8.95
CA TRP F 350 35.34 -21.75 -9.76
C TRP F 350 36.05 -22.52 -10.87
N TRP F 351 37.01 -21.89 -11.52
CA TRP F 351 37.72 -22.53 -12.62
C TRP F 351 38.89 -23.46 -12.25
N ASN F 352 39.45 -23.32 -11.05
CA ASN F 352 40.57 -24.18 -10.66
C ASN F 352 40.33 -25.07 -9.44
N MSE F 353 39.61 -24.56 -8.45
CA MSE F 353 39.35 -25.34 -7.25
C MSE F 353 38.43 -26.53 -7.37
O MSE F 353 38.47 -27.43 -6.53
CB MSE F 353 38.83 -24.43 -6.14
CG MSE F 353 39.92 -24.01 -5.21
SE MSE F 353 39.24 -23.79 -3.46
CE MSE F 353 39.09 -25.64 -2.94
N ILE F 354 37.58 -26.55 -8.39
CA ILE F 354 36.69 -27.69 -8.56
C ILE F 354 37.23 -28.54 -9.71
N THR F 355 37.60 -29.77 -9.39
CA THR F 355 38.16 -30.68 -10.39
C THR F 355 37.10 -31.40 -11.21
N ASN F 356 35.83 -31.26 -10.83
CA ASN F 356 34.74 -31.92 -11.54
C ASN F 356 33.70 -30.97 -12.13
N ARG F 357 34.13 -29.80 -12.58
CA ARG F 357 33.21 -28.83 -13.18
C ARG F 357 32.52 -29.42 -14.41
N PRO F 358 31.18 -29.41 -14.44
CA PRO F 358 30.49 -29.95 -15.61
C PRO F 358 30.88 -29.16 -16.84
N LYS F 359 30.99 -29.83 -17.99
CA LYS F 359 31.37 -29.16 -19.23
C LYS F 359 30.26 -28.27 -19.76
N LEU F 360 30.67 -27.16 -20.35
CA LEU F 360 29.74 -26.19 -20.93
C LEU F 360 29.37 -26.62 -22.35
N ASN F 361 28.09 -26.83 -22.60
CA ASN F 361 27.60 -27.23 -23.91
C ASN F 361 26.51 -26.28 -24.38
N ASN F 362 26.80 -25.54 -25.45
CA ASN F 362 25.86 -24.57 -25.98
C ASN F 362 25.46 -23.54 -24.93
N GLY F 363 26.35 -23.30 -23.98
CA GLY F 363 26.07 -22.32 -22.94
C GLY F 363 25.30 -22.89 -21.76
N THR F 364 24.95 -24.16 -21.86
CA THR F 364 24.19 -24.86 -20.81
C THR F 364 25.04 -25.90 -20.09
N LEU F 365 25.02 -25.87 -18.76
CA LEU F 365 25.78 -26.85 -18.01
C LEU F 365 24.78 -27.77 -17.32
N THR F 366 25.15 -29.04 -17.19
CA THR F 366 24.29 -30.03 -16.57
C THR F 366 24.94 -30.55 -15.30
N LEU F 367 24.14 -30.67 -14.23
CA LEU F 367 24.65 -31.15 -12.96
C LEU F 367 24.54 -32.66 -12.84
N SER F 368 25.54 -33.28 -12.22
CA SER F 368 25.55 -34.73 -12.05
C SER F 368 24.62 -35.11 -10.90
N ASP F 369 24.55 -36.41 -10.63
CA ASP F 369 23.71 -36.92 -9.56
C ASP F 369 24.51 -37.14 -8.28
N ARG F 370 25.73 -36.61 -8.23
CA ARG F 370 26.58 -36.72 -7.05
C ARG F 370 25.85 -36.09 -5.86
N PRO F 371 25.83 -36.77 -4.71
CA PRO F 371 25.16 -36.26 -3.51
C PRO F 371 25.79 -34.94 -3.02
N GLY F 372 25.01 -34.16 -2.28
CA GLY F 372 25.50 -32.88 -1.79
C GLY F 372 25.74 -31.93 -2.95
N LEU F 373 26.73 -31.05 -2.83
CA LEU F 373 27.04 -30.14 -3.94
C LEU F 373 27.76 -30.95 -5.02
N GLY F 374 28.23 -32.13 -4.64
CA GLY F 374 28.92 -33.01 -5.56
C GLY F 374 30.21 -32.50 -6.16
N TRP F 375 30.84 -31.55 -5.48
CA TRP F 375 32.08 -30.96 -5.98
C TRP F 375 33.33 -31.65 -5.44
N ASP F 376 34.30 -31.84 -6.32
CA ASP F 376 35.57 -32.44 -5.94
C ASP F 376 36.59 -31.31 -5.82
N LEU F 377 36.99 -31.02 -4.60
CA LEU F 377 37.94 -29.95 -4.33
C LEU F 377 39.39 -30.36 -4.60
N ASN F 378 40.13 -29.46 -5.24
CA ASN F 378 41.54 -29.70 -5.54
C ASN F 378 42.32 -29.27 -4.30
N TRP F 379 42.74 -30.24 -3.51
CA TRP F 379 43.48 -29.94 -2.29
C TRP F 379 44.89 -29.40 -2.49
N ASP F 380 45.49 -29.63 -3.67
CA ASP F 380 46.84 -29.13 -3.98
C ASP F 380 46.81 -27.60 -3.95
N TYR F 381 45.72 -27.13 -4.55
CA TYR F 381 45.41 -25.74 -4.72
C TYR F 381 45.12 -24.97 -3.44
N ILE F 382 44.45 -25.63 -2.49
CA ILE F 382 44.04 -25.06 -1.20
C ILE F 382 45.15 -24.43 -0.32
N ASP F 383 45.01 -23.12 -0.04
CA ASP F 383 45.95 -22.31 0.75
C ASP F 383 45.77 -22.12 2.26
N GLN F 384 46.02 -20.90 2.74
CA GLN F 384 45.93 -20.63 4.19
C GLN F 384 45.72 -19.16 4.57
MG MG G . -13.07 -13.24 -20.30
MG MG H . -18.48 17.33 12.16
MG MG I . 17.87 2.53 20.75
MG MG J . 0.14 24.15 -13.94
MG MG K . -11.71 -22.85 11.03
MG MG L . 24.73 -7.21 -9.67
#